data_2L6P
#
_entry.id   2L6P
#
_entity_poly.entity_id   1
_entity_poly.type   'polypeptide(L)'
_entity_poly.pdbx_seq_one_letter_code
;GMRIPSAIQLHKASKTLTLRYGEDSYDLPAEFLRVHSPSAEVQGHGNPVLQYGKLNVGLVGVEPAGQYALKLSFDDGHDS
GLFTWDYLYELATRKDQLWADYLAELASAGKSRDPDESVVKLML
;
_entity_poly.pdbx_strand_id   A
#
# COMPACT_ATOMS: atom_id res chain seq x y z
N GLY A 1 -17.82 -2.42 -11.37
CA GLY A 1 -17.53 -3.19 -12.58
C GLY A 1 -16.72 -4.42 -12.27
N MET A 2 -15.72 -4.73 -13.11
CA MET A 2 -14.47 -5.34 -12.64
C MET A 2 -13.33 -4.64 -13.36
N ARG A 3 -12.16 -4.57 -12.74
CA ARG A 3 -10.94 -4.00 -13.27
C ARG A 3 -9.86 -5.05 -13.02
N ILE A 4 -9.55 -5.88 -14.01
CA ILE A 4 -8.55 -6.94 -13.86
C ILE A 4 -7.34 -6.56 -14.72
N PRO A 5 -6.11 -6.56 -14.15
CA PRO A 5 -4.92 -6.01 -14.80
C PRO A 5 -4.43 -6.86 -15.97
N SER A 6 -3.45 -6.30 -16.69
CA SER A 6 -2.64 -6.96 -17.70
C SER A 6 -1.20 -6.45 -17.62
N ALA A 7 -0.99 -5.19 -17.21
CA ALA A 7 0.30 -4.73 -16.75
C ALA A 7 0.38 -5.09 -15.26
N ILE A 8 1.38 -5.89 -14.92
CA ILE A 8 1.80 -6.18 -13.55
C ILE A 8 3.30 -5.97 -13.54
N GLN A 9 3.80 -5.05 -12.71
CA GLN A 9 5.21 -4.87 -12.44
C GLN A 9 5.31 -4.42 -10.99
N LEU A 10 6.22 -5.01 -10.22
CA LEU A 10 6.53 -4.57 -8.85
C LEU A 10 7.81 -3.71 -8.80
N HIS A 11 8.50 -3.54 -9.92
CA HIS A 11 9.70 -2.71 -10.10
C HIS A 11 10.67 -2.92 -8.94
N LYS A 12 11.22 -4.12 -8.74
CA LYS A 12 11.88 -4.43 -7.46
C LYS A 12 13.05 -3.50 -7.12
N ALA A 13 13.71 -2.88 -8.11
CA ALA A 13 14.81 -1.97 -7.83
C ALA A 13 14.33 -0.69 -7.14
N SER A 14 13.09 -0.28 -7.40
CA SER A 14 12.49 0.98 -6.93
C SER A 14 11.24 0.75 -6.06
N LYS A 15 10.81 -0.51 -5.94
CA LYS A 15 9.64 -1.02 -5.27
C LYS A 15 8.41 -0.18 -5.60
N THR A 16 7.96 -0.30 -6.85
CA THR A 16 6.86 0.45 -7.41
C THR A 16 5.90 -0.55 -8.05
N LEU A 17 4.65 -0.61 -7.62
CA LEU A 17 3.59 -1.29 -8.33
C LEU A 17 3.16 -0.46 -9.54
N THR A 18 3.32 -0.94 -10.76
CA THR A 18 2.69 -0.33 -11.94
C THR A 18 1.42 -1.13 -12.26
N LEU A 19 0.34 -0.42 -12.61
CA LEU A 19 -0.96 -0.93 -13.02
C LEU A 19 -1.51 -0.02 -14.12
N ARG A 20 -2.57 -0.45 -14.82
CA ARG A 20 -3.24 0.35 -15.84
C ARG A 20 -4.77 0.35 -15.69
N TYR A 21 -5.33 1.37 -15.02
CA TYR A 21 -6.75 1.52 -14.79
C TYR A 21 -7.41 1.84 -16.12
N GLY A 22 -8.02 0.84 -16.75
CA GLY A 22 -8.63 1.03 -18.05
C GLY A 22 -7.51 1.33 -19.03
N GLU A 23 -7.41 2.57 -19.48
CA GLU A 23 -6.35 3.01 -20.37
C GLU A 23 -5.14 3.49 -19.59
N ASP A 24 -5.35 4.00 -18.38
CA ASP A 24 -4.48 4.99 -17.76
C ASP A 24 -3.49 4.29 -16.85
N SER A 25 -2.19 4.54 -17.05
CA SER A 25 -1.12 3.77 -16.43
C SER A 25 -0.45 4.55 -15.31
N TYR A 26 -0.55 4.00 -14.09
CA TYR A 26 -0.13 4.57 -12.83
C TYR A 26 0.97 3.70 -12.22
N ASP A 27 1.83 4.28 -11.38
CA ASP A 27 2.95 3.59 -10.76
C ASP A 27 3.14 4.04 -9.31
N LEU A 28 2.58 3.23 -8.41
CA LEU A 28 2.40 3.46 -6.98
C LEU A 28 3.57 2.87 -6.18
N PRO A 29 3.98 3.46 -5.06
CA PRO A 29 5.11 2.93 -4.28
C PRO A 29 4.70 1.79 -3.34
N ALA A 30 5.67 0.97 -2.95
CA ALA A 30 5.45 -0.11 -2.00
C ALA A 30 5.05 0.42 -0.62
N GLU A 31 5.68 1.46 -0.06
CA GLU A 31 5.35 1.87 1.30
C GLU A 31 3.91 2.37 1.43
N PHE A 32 3.33 2.96 0.37
CA PHE A 32 1.91 3.28 0.37
C PHE A 32 1.10 1.99 0.54
N LEU A 33 1.37 1.00 -0.32
CA LEU A 33 0.58 -0.23 -0.38
C LEU A 33 0.71 -1.07 0.87
N ARG A 34 1.83 -0.99 1.62
CA ARG A 34 1.93 -1.72 2.89
C ARG A 34 0.96 -1.13 3.93
N VAL A 35 0.92 0.18 4.06
CA VAL A 35 0.10 0.80 5.11
C VAL A 35 -1.37 0.74 4.70
N HIS A 36 -1.70 0.92 3.41
CA HIS A 36 -3.06 0.76 2.87
C HIS A 36 -3.40 -0.72 2.61
N SER A 37 -3.02 -1.63 3.52
CA SER A 37 -3.23 -3.08 3.43
C SER A 37 -4.31 -3.53 4.41
N PRO A 38 -5.60 -3.48 4.04
CA PRO A 38 -6.69 -4.08 4.79
C PRO A 38 -6.56 -5.60 4.69
N SER A 39 -5.97 -6.22 5.72
CA SER A 39 -5.90 -7.66 5.84
C SER A 39 -7.32 -8.22 5.85
N ALA A 40 -7.48 -9.44 5.34
CA ALA A 40 -8.77 -10.02 5.00
C ALA A 40 -8.91 -11.45 5.52
N GLU A 41 -7.88 -11.98 6.17
CA GLU A 41 -7.85 -13.29 6.79
C GLU A 41 -7.59 -13.10 8.29
N VAL A 42 -8.01 -11.93 8.79
CA VAL A 42 -8.13 -11.55 10.19
C VAL A 42 -9.21 -12.44 10.80
N GLN A 43 -10.44 -12.29 10.28
CA GLN A 43 -11.60 -13.07 10.65
C GLN A 43 -11.79 -12.98 12.16
N GLY A 44 -12.04 -11.76 12.67
CA GLY A 44 -12.31 -11.53 14.08
C GLY A 44 -12.04 -10.10 14.54
N HIS A 45 -11.29 -9.32 13.77
CA HIS A 45 -10.94 -7.95 14.09
C HIS A 45 -10.87 -7.11 12.81
N GLY A 46 -10.86 -5.79 12.95
CA GLY A 46 -10.83 -4.83 11.85
C GLY A 46 -10.78 -3.40 12.39
N ASN A 47 -9.79 -3.09 13.24
CA ASN A 47 -9.57 -1.71 13.69
C ASN A 47 -8.73 -0.96 12.67
N PRO A 48 -8.98 0.35 12.48
CA PRO A 48 -8.10 1.23 11.76
C PRO A 48 -6.98 1.65 12.73
N VAL A 49 -5.77 1.15 12.49
CA VAL A 49 -4.59 1.46 13.29
C VAL A 49 -3.56 2.05 12.35
N LEU A 50 -2.83 3.05 12.84
CA LEU A 50 -1.81 3.71 12.06
C LEU A 50 -0.59 2.80 11.94
N GLN A 51 -0.06 2.68 10.73
CA GLN A 51 1.04 1.81 10.42
C GLN A 51 2.23 2.72 10.06
N TYR A 52 3.20 2.78 10.96
CA TYR A 52 4.38 3.65 10.95
C TYR A 52 5.64 2.80 11.13
N GLY A 53 6.81 3.44 11.06
CA GLY A 53 8.11 2.81 11.08
C GLY A 53 8.23 1.73 10.00
N LYS A 54 7.77 2.05 8.79
CA LYS A 54 7.53 1.11 7.68
C LYS A 54 8.04 1.67 6.35
N LEU A 55 8.71 2.83 6.35
CA LEU A 55 9.08 3.55 5.14
C LEU A 55 10.02 2.76 4.25
N ASN A 56 11.01 2.10 4.85
CA ASN A 56 12.10 1.44 4.13
C ASN A 56 11.72 0.03 3.70
N VAL A 57 10.44 -0.35 3.77
CA VAL A 57 9.92 -1.56 3.15
C VAL A 57 10.33 -1.64 1.68
N GLY A 58 10.23 -2.84 1.12
CA GLY A 58 10.09 -2.99 -0.30
C GLY A 58 9.16 -4.15 -0.63
N LEU A 59 8.73 -4.20 -1.88
CA LEU A 59 8.03 -5.35 -2.43
C LEU A 59 9.07 -6.43 -2.72
N VAL A 60 8.75 -7.67 -2.39
CA VAL A 60 9.60 -8.83 -2.62
C VAL A 60 9.01 -9.77 -3.64
N GLY A 61 7.68 -9.88 -3.70
CA GLY A 61 7.05 -10.79 -4.65
C GLY A 61 5.55 -10.60 -4.80
N VAL A 62 5.00 -11.17 -5.88
CA VAL A 62 3.64 -10.95 -6.33
C VAL A 62 3.25 -12.06 -7.30
N GLU A 63 2.14 -12.75 -7.00
CA GLU A 63 1.54 -13.77 -7.88
C GLU A 63 0.01 -13.80 -7.67
N PRO A 64 -0.80 -14.04 -8.72
CA PRO A 64 -2.25 -13.93 -8.65
C PRO A 64 -2.81 -15.03 -7.76
N ALA A 65 -3.67 -14.67 -6.80
CA ALA A 65 -4.14 -15.56 -5.75
C ALA A 65 -5.36 -16.37 -6.17
N GLY A 66 -5.40 -16.75 -7.45
CA GLY A 66 -6.57 -17.32 -8.10
C GLY A 66 -7.04 -16.39 -9.21
N GLN A 67 -8.25 -15.85 -9.07
CA GLN A 67 -8.97 -15.15 -10.13
C GLN A 67 -9.63 -13.86 -9.67
N TYR A 68 -9.43 -13.46 -8.41
CA TYR A 68 -10.23 -12.41 -7.78
C TYR A 68 -9.42 -11.49 -6.86
N ALA A 69 -8.17 -11.85 -6.56
CA ALA A 69 -7.25 -11.09 -5.73
C ALA A 69 -5.82 -11.39 -6.18
N LEU A 70 -4.89 -10.53 -5.78
CA LEU A 70 -3.49 -10.66 -6.15
C LEU A 70 -2.65 -10.81 -4.88
N LYS A 71 -1.98 -11.96 -4.69
CA LYS A 71 -1.14 -12.22 -3.53
C LYS A 71 0.06 -11.28 -3.60
N LEU A 72 0.27 -10.49 -2.54
CA LEU A 72 1.31 -9.47 -2.49
C LEU A 72 2.17 -9.70 -1.25
N SER A 73 3.49 -9.76 -1.44
CA SER A 73 4.47 -9.96 -0.39
C SER A 73 5.19 -8.65 -0.10
N PHE A 74 5.45 -8.32 1.16
CA PHE A 74 6.18 -7.12 1.52
C PHE A 74 7.29 -7.52 2.48
N ASP A 75 8.49 -7.00 2.20
CA ASP A 75 9.71 -7.31 2.95
C ASP A 75 9.59 -6.99 4.44
N ASP A 76 8.84 -5.94 4.73
CA ASP A 76 8.65 -5.39 6.07
C ASP A 76 7.21 -5.66 6.52
N GLY A 77 6.64 -6.78 6.06
CA GLY A 77 5.24 -7.17 6.20
C GLY A 77 5.11 -8.60 6.71
N HIS A 78 3.93 -9.20 6.52
CA HIS A 78 3.54 -10.50 7.04
C HIS A 78 2.79 -11.35 6.00
N ASP A 79 2.76 -10.90 4.74
CA ASP A 79 2.33 -11.60 3.52
C ASP A 79 1.00 -12.33 3.69
N SER A 80 0.02 -11.65 4.30
CA SER A 80 -1.35 -12.14 4.45
C SER A 80 -2.33 -10.99 4.28
N GLY A 81 -3.50 -11.35 3.77
CA GLY A 81 -4.60 -10.48 3.43
C GLY A 81 -4.93 -10.66 1.96
N LEU A 82 -6.15 -10.28 1.58
CA LEU A 82 -6.60 -10.23 0.20
C LEU A 82 -6.58 -8.76 -0.20
N PHE A 83 -6.27 -8.49 -1.46
CA PHE A 83 -6.33 -7.16 -2.06
C PHE A 83 -7.47 -7.00 -3.05
N THR A 84 -8.23 -8.07 -3.32
CA THR A 84 -9.20 -8.18 -4.42
C THR A 84 -8.61 -7.67 -5.76
N TRP A 85 -9.44 -7.47 -6.80
CA TRP A 85 -9.05 -6.72 -7.98
C TRP A 85 -9.56 -5.28 -7.92
N ASP A 86 -10.85 -5.08 -7.67
CA ASP A 86 -11.46 -3.76 -7.84
C ASP A 86 -10.94 -2.77 -6.81
N TYR A 87 -10.57 -3.24 -5.62
CA TYR A 87 -9.88 -2.43 -4.61
C TYR A 87 -8.46 -2.04 -5.06
N LEU A 88 -7.70 -2.95 -5.71
CA LEU A 88 -6.36 -2.63 -6.22
C LEU A 88 -6.42 -1.46 -7.18
N TYR A 89 -7.33 -1.52 -8.16
CA TYR A 89 -7.49 -0.41 -9.09
C TYR A 89 -8.07 0.83 -8.44
N GLU A 90 -8.95 0.70 -7.46
CA GLU A 90 -9.45 1.85 -6.74
C GLU A 90 -8.28 2.61 -6.11
N LEU A 91 -7.39 1.90 -5.39
CA LEU A 91 -6.15 2.48 -4.87
C LEU A 91 -5.30 3.09 -5.99
N ALA A 92 -5.19 2.41 -7.15
CA ALA A 92 -4.34 2.83 -8.25
C ALA A 92 -4.65 4.25 -8.71
N THR A 93 -5.92 4.67 -8.66
CA THR A 93 -6.34 6.02 -9.05
C THR A 93 -6.55 6.96 -7.84
N ARG A 94 -6.23 6.54 -6.61
CA ARG A 94 -6.52 7.31 -5.39
C ARG A 94 -5.29 7.64 -4.57
N LYS A 95 -4.16 6.96 -4.81
CA LYS A 95 -3.00 6.89 -3.93
C LYS A 95 -2.59 8.24 -3.37
N ASP A 96 -2.40 9.26 -4.21
CA ASP A 96 -1.93 10.58 -3.79
C ASP A 96 -2.85 11.20 -2.73
N GLN A 97 -4.16 11.12 -2.91
CA GLN A 97 -5.11 11.71 -1.97
C GLN A 97 -5.05 10.96 -0.64
N LEU A 98 -5.00 9.63 -0.70
CA LEU A 98 -4.89 8.73 0.45
C LEU A 98 -3.54 8.91 1.16
N TRP A 99 -2.50 9.26 0.40
CA TRP A 99 -1.16 9.48 0.89
C TRP A 99 -1.11 10.77 1.68
N ALA A 100 -1.61 11.86 1.10
CA ALA A 100 -1.71 13.17 1.73
C ALA A 100 -2.48 13.07 3.05
N ASP A 101 -3.53 12.26 3.07
CA ASP A 101 -4.35 11.93 4.23
C ASP A 101 -3.51 11.15 5.27
N TYR A 102 -2.86 10.06 4.87
CA TYR A 102 -2.01 9.25 5.75
C TYR A 102 -0.80 10.02 6.29
N LEU A 103 -0.33 11.05 5.58
CA LEU A 103 0.75 11.92 6.04
C LEU A 103 0.29 12.66 7.29
N ALA A 104 -0.89 13.27 7.26
CA ALA A 104 -1.38 14.05 8.39
C ALA A 104 -1.58 13.18 9.64
N GLU A 105 -1.95 11.90 9.45
CA GLU A 105 -2.05 10.94 10.53
C GLU A 105 -0.67 10.75 11.18
N LEU A 106 0.33 10.37 10.39
CA LEU A 106 1.71 10.19 10.86
C LEU A 106 2.26 11.46 11.51
N ALA A 107 1.94 12.62 10.96
CA ALA A 107 2.41 13.93 11.42
C ALA A 107 2.04 14.17 12.88
N SER A 108 0.82 13.78 13.24
CA SER A 108 0.16 14.19 14.47
C SER A 108 0.11 13.04 15.49
N ALA A 109 0.21 11.78 15.05
CA ALA A 109 0.28 10.63 15.94
C ALA A 109 1.60 10.57 16.73
N GLY A 110 2.54 11.48 16.45
CA GLY A 110 3.86 11.47 17.05
C GLY A 110 4.56 10.14 16.75
N LYS A 111 4.47 9.68 15.50
CA LYS A 111 5.26 8.56 14.98
C LYS A 111 5.86 9.04 13.67
N SER A 112 6.57 8.18 12.95
CA SER A 112 7.03 8.51 11.62
C SER A 112 7.08 7.29 10.73
N ARG A 113 6.98 7.54 9.43
CA ARG A 113 7.27 6.58 8.37
C ARG A 113 8.64 6.01 8.65
N ASP A 114 9.61 6.91 8.75
CA ASP A 114 11.02 6.55 8.90
C ASP A 114 11.14 5.80 10.23
N PRO A 115 12.02 4.80 10.31
CA PRO A 115 12.21 4.05 11.54
C PRO A 115 12.91 4.90 12.60
N ASP A 116 13.67 5.91 12.21
CA ASP A 116 14.28 6.84 13.14
C ASP A 116 14.27 8.26 12.55
N GLU A 117 13.09 8.89 12.55
CA GLU A 117 12.87 10.28 12.14
C GLU A 117 13.11 11.25 13.32
N SER A 118 13.18 12.54 13.04
CA SER A 118 13.54 13.61 13.96
C SER A 118 12.70 14.86 13.71
N VAL A 119 11.47 14.85 14.21
CA VAL A 119 10.57 16.00 14.24
C VAL A 119 11.17 17.07 15.16
N VAL A 120 11.82 18.11 14.60
CA VAL A 120 12.53 19.12 15.37
C VAL A 120 12.03 20.54 15.06
N LYS A 121 10.87 20.66 14.41
CA LYS A 121 10.15 21.92 14.30
C LYS A 121 9.45 22.21 15.63
N LEU A 122 8.88 23.40 15.72
CA LEU A 122 7.88 23.78 16.71
C LEU A 122 6.96 24.71 15.94
N MET A 123 5.75 24.24 15.61
CA MET A 123 4.76 25.01 14.83
C MET A 123 3.36 24.91 15.43
N LEU A 124 3.22 24.19 16.53
CA LEU A 124 2.06 23.99 17.37
C LEU A 124 2.59 23.46 18.70
N GLY A 1 -16.45 -7.82 -16.43
CA GLY A 1 -15.68 -9.01 -16.06
C GLY A 1 -14.48 -8.63 -15.21
N MET A 2 -14.71 -8.00 -14.05
CA MET A 2 -13.72 -7.56 -13.06
C MET A 2 -12.70 -6.54 -13.62
N ARG A 3 -12.02 -5.86 -12.70
CA ARG A 3 -10.92 -4.94 -12.94
C ARG A 3 -9.63 -5.75 -12.86
N ILE A 4 -9.35 -6.49 -13.93
CA ILE A 4 -8.20 -7.38 -13.97
C ILE A 4 -7.12 -6.67 -14.81
N PRO A 5 -5.84 -6.72 -14.39
CA PRO A 5 -4.78 -6.01 -15.06
C PRO A 5 -4.33 -6.71 -16.32
N SER A 6 -3.85 -5.91 -17.27
CA SER A 6 -3.04 -6.38 -18.39
C SER A 6 -1.54 -6.27 -18.09
N ALA A 7 -1.14 -5.70 -16.94
CA ALA A 7 0.25 -5.56 -16.53
C ALA A 7 0.40 -5.89 -15.03
N ILE A 8 1.30 -6.80 -14.70
CA ILE A 8 1.84 -6.93 -13.34
C ILE A 8 3.31 -6.57 -13.41
N GLN A 9 3.72 -5.54 -12.69
CA GLN A 9 5.09 -5.08 -12.56
C GLN A 9 5.20 -4.53 -11.14
N LEU A 10 5.96 -5.20 -10.27
CA LEU A 10 6.34 -4.66 -8.96
C LEU A 10 7.57 -3.74 -9.02
N HIS A 11 8.23 -3.68 -10.18
CA HIS A 11 9.49 -3.01 -10.41
C HIS A 11 10.48 -3.29 -9.29
N LYS A 12 11.00 -4.50 -9.16
CA LYS A 12 12.01 -4.80 -8.14
C LYS A 12 13.28 -3.93 -8.28
N ALA A 13 13.42 -3.18 -9.38
CA ALA A 13 14.20 -1.95 -9.44
C ALA A 13 13.72 -0.93 -8.38
N SER A 14 12.71 -0.10 -8.68
CA SER A 14 12.35 1.09 -7.88
C SER A 14 11.33 0.83 -6.75
N LYS A 15 10.73 -0.36 -6.74
CA LYS A 15 9.68 -0.87 -5.87
C LYS A 15 8.35 -0.15 -6.10
N THR A 16 7.84 -0.32 -7.31
CA THR A 16 6.69 0.41 -7.82
C THR A 16 5.73 -0.60 -8.44
N LEU A 17 4.55 -0.77 -7.85
CA LEU A 17 3.49 -1.56 -8.45
C LEU A 17 2.83 -0.74 -9.56
N THR A 18 2.81 -1.26 -10.79
CA THR A 18 2.54 -0.49 -12.00
C THR A 18 1.28 -1.04 -12.65
N LEU A 19 0.19 -0.28 -12.58
CA LEU A 19 -1.17 -0.74 -12.83
C LEU A 19 -1.81 0.13 -13.91
N ARG A 20 -2.16 -0.50 -15.05
CA ARG A 20 -2.77 0.19 -16.17
C ARG A 20 -4.28 0.20 -16.00
N TYR A 21 -4.86 1.16 -15.27
CA TYR A 21 -6.30 1.29 -15.06
C TYR A 21 -6.95 1.66 -16.39
N GLY A 22 -7.67 0.73 -17.02
CA GLY A 22 -8.41 1.01 -18.24
C GLY A 22 -7.45 1.21 -19.39
N GLU A 23 -7.04 2.46 -19.59
CA GLU A 23 -6.08 2.88 -20.60
C GLU A 23 -4.87 3.60 -20.00
N ASP A 24 -4.85 3.82 -18.69
CA ASP A 24 -3.99 4.83 -18.05
C ASP A 24 -3.05 4.18 -17.07
N SER A 25 -1.77 4.57 -17.11
CA SER A 25 -0.69 3.93 -16.38
C SER A 25 -0.37 4.73 -15.11
N TYR A 26 -0.67 4.13 -13.95
CA TYR A 26 -0.43 4.66 -12.61
C TYR A 26 0.59 3.75 -11.93
N ASP A 27 1.53 4.33 -11.19
CA ASP A 27 2.75 3.66 -10.77
C ASP A 27 2.96 3.95 -9.29
N LEU A 28 2.55 3.04 -8.43
CA LEU A 28 2.38 3.26 -7.01
C LEU A 28 3.57 2.72 -6.20
N PRO A 29 4.00 3.39 -5.12
CA PRO A 29 5.13 2.92 -4.32
C PRO A 29 4.70 1.79 -3.39
N ALA A 30 5.67 0.95 -3.01
CA ALA A 30 5.42 -0.19 -2.13
C ALA A 30 4.84 0.28 -0.78
N GLU A 31 5.38 1.39 -0.26
CA GLU A 31 4.95 2.05 0.97
C GLU A 31 3.44 2.30 0.95
N PHE A 32 2.93 3.00 -0.07
CA PHE A 32 1.50 3.32 -0.18
C PHE A 32 0.66 2.05 -0.05
N LEU A 33 1.03 1.01 -0.80
CA LEU A 33 0.30 -0.25 -0.79
C LEU A 33 0.28 -0.85 0.61
N ARG A 34 1.45 -0.97 1.25
CA ARG A 34 1.61 -1.50 2.60
C ARG A 34 0.69 -0.77 3.58
N VAL A 35 0.76 0.55 3.66
CA VAL A 35 0.00 1.30 4.65
C VAL A 35 -1.50 1.23 4.39
N HIS A 36 -1.98 1.28 3.14
CA HIS A 36 -3.42 1.16 2.88
C HIS A 36 -3.90 -0.31 2.99
N SER A 37 -3.02 -1.32 3.01
CA SER A 37 -3.36 -2.73 2.87
C SER A 37 -4.56 -3.24 3.69
N PRO A 38 -5.30 -4.25 3.22
CA PRO A 38 -6.45 -4.79 3.92
C PRO A 38 -5.93 -5.64 5.08
N SER A 39 -6.00 -5.09 6.30
CA SER A 39 -5.48 -5.74 7.49
C SER A 39 -6.29 -7.02 7.73
N ALA A 40 -5.72 -8.17 7.42
CA ALA A 40 -6.39 -9.44 7.60
C ALA A 40 -6.32 -9.94 9.05
N GLU A 41 -5.66 -9.23 9.96
CA GLU A 41 -5.39 -9.62 11.35
C GLU A 41 -6.43 -9.08 12.33
N VAL A 42 -7.61 -8.72 11.84
CA VAL A 42 -8.59 -7.96 12.62
C VAL A 42 -9.26 -8.87 13.65
N GLN A 43 -10.08 -9.82 13.22
CA GLN A 43 -10.77 -10.80 14.07
C GLN A 43 -11.73 -10.08 15.02
N GLY A 44 -12.63 -9.29 14.44
CA GLY A 44 -13.58 -8.47 15.16
C GLY A 44 -13.78 -7.22 14.35
N HIS A 45 -13.16 -6.10 14.75
CA HIS A 45 -13.53 -4.81 14.17
C HIS A 45 -12.39 -3.81 14.07
N GLY A 46 -11.52 -3.78 15.08
CA GLY A 46 -10.40 -2.87 15.15
C GLY A 46 -10.81 -1.39 15.14
N ASN A 47 -9.82 -0.53 14.97
CA ASN A 47 -9.88 0.93 15.05
C ASN A 47 -8.79 1.44 14.09
N PRO A 48 -8.82 2.70 13.63
CA PRO A 48 -7.81 3.22 12.71
C PRO A 48 -6.45 3.33 13.41
N VAL A 49 -5.40 2.80 12.79
CA VAL A 49 -4.02 2.87 13.27
C VAL A 49 -3.14 3.38 12.13
N LEU A 50 -2.38 4.42 12.42
CA LEU A 50 -1.40 4.96 11.50
C LEU A 50 -0.19 4.03 11.44
N GLN A 51 0.00 3.37 10.30
CA GLN A 51 1.12 2.47 10.05
C GLN A 51 2.27 3.33 9.55
N TYR A 52 3.23 3.67 10.41
CA TYR A 52 4.34 4.54 10.03
C TYR A 52 5.63 3.72 9.95
N GLY A 53 6.71 4.39 9.54
CA GLY A 53 8.00 3.73 9.36
C GLY A 53 8.04 2.87 8.09
N LYS A 54 7.47 3.35 6.96
CA LYS A 54 7.39 2.60 5.70
C LYS A 54 8.12 3.32 4.55
N LEU A 55 8.92 4.36 4.79
CA LEU A 55 9.68 5.06 3.74
C LEU A 55 10.51 4.09 2.88
N ASN A 56 11.19 3.16 3.54
CA ASN A 56 12.24 2.34 2.97
C ASN A 56 11.69 1.10 2.28
N VAL A 57 10.39 0.82 2.42
CA VAL A 57 9.74 -0.40 1.95
C VAL A 57 10.07 -0.66 0.50
N GLY A 58 10.38 -1.92 0.19
CA GLY A 58 10.35 -2.43 -1.16
C GLY A 58 9.39 -3.59 -1.29
N LEU A 59 8.87 -3.76 -2.51
CA LEU A 59 8.06 -4.89 -2.92
C LEU A 59 9.02 -6.03 -3.25
N VAL A 60 8.62 -7.27 -3.00
CA VAL A 60 9.49 -8.44 -3.14
C VAL A 60 8.87 -9.56 -3.98
N GLY A 61 7.55 -9.59 -4.05
CA GLY A 61 6.83 -10.60 -4.83
C GLY A 61 5.39 -10.19 -5.08
N VAL A 62 4.80 -10.72 -6.15
CA VAL A 62 3.44 -10.40 -6.60
C VAL A 62 2.96 -11.56 -7.46
N GLU A 63 1.91 -12.22 -7.00
CA GLU A 63 1.29 -13.34 -7.70
C GLU A 63 -0.24 -13.40 -7.55
N PRO A 64 -0.97 -13.92 -8.55
CA PRO A 64 -2.42 -13.86 -8.57
C PRO A 64 -3.01 -14.96 -7.70
N ALA A 65 -3.56 -14.59 -6.55
CA ALA A 65 -4.25 -15.50 -5.65
C ALA A 65 -5.61 -15.90 -6.25
N GLY A 66 -5.57 -16.92 -7.10
CA GLY A 66 -6.70 -17.49 -7.80
C GLY A 66 -7.10 -16.56 -8.91
N GLN A 67 -8.38 -16.17 -8.91
CA GLN A 67 -9.01 -15.43 -10.00
C GLN A 67 -9.59 -14.09 -9.50
N TYR A 68 -9.41 -13.76 -8.21
CA TYR A 68 -10.07 -12.60 -7.59
C TYR A 68 -9.14 -11.79 -6.70
N ALA A 69 -8.06 -12.38 -6.18
CA ALA A 69 -7.16 -11.76 -5.23
C ALA A 69 -5.73 -11.80 -5.77
N LEU A 70 -4.81 -11.18 -5.04
CA LEU A 70 -3.41 -11.07 -5.41
C LEU A 70 -2.61 -11.20 -4.11
N LYS A 71 -1.79 -12.24 -3.98
CA LYS A 71 -0.84 -12.37 -2.89
C LYS A 71 0.29 -11.35 -3.11
N LEU A 72 0.21 -10.21 -2.44
CA LEU A 72 1.32 -9.24 -2.41
C LEU A 72 2.32 -9.69 -1.35
N SER A 73 3.61 -9.45 -1.57
CA SER A 73 4.66 -9.68 -0.59
C SER A 73 5.39 -8.36 -0.37
N PHE A 74 5.54 -7.90 0.88
CA PHE A 74 6.21 -6.65 1.21
C PHE A 74 7.43 -6.98 2.06
N ASP A 75 8.57 -6.35 1.76
CA ASP A 75 9.80 -6.69 2.50
C ASP A 75 9.76 -6.25 3.96
N ASP A 76 8.77 -5.46 4.37
CA ASP A 76 8.58 -4.90 5.70
C ASP A 76 7.52 -5.62 6.53
N GLY A 77 6.88 -6.66 5.98
CA GLY A 77 6.10 -7.65 6.72
C GLY A 77 4.69 -7.85 6.16
N HIS A 78 3.91 -8.64 6.90
CA HIS A 78 2.51 -9.01 6.76
C HIS A 78 2.16 -9.35 5.31
N ASP A 79 2.62 -10.51 4.86
CA ASP A 79 2.43 -11.06 3.51
C ASP A 79 1.11 -11.83 3.39
N SER A 80 0.04 -11.36 4.05
CA SER A 80 -1.30 -11.98 4.05
C SER A 80 -2.40 -10.96 3.77
N GLY A 81 -2.07 -9.81 3.17
CA GLY A 81 -3.05 -8.81 2.77
C GLY A 81 -3.98 -9.40 1.73
N LEU A 82 -5.23 -9.68 2.11
CA LEU A 82 -6.25 -10.23 1.22
C LEU A 82 -6.75 -9.16 0.25
N PHE A 83 -5.93 -8.80 -0.74
CA PHE A 83 -6.29 -7.86 -1.80
C PHE A 83 -7.37 -8.44 -2.71
N THR A 84 -7.97 -7.61 -3.56
CA THR A 84 -8.97 -8.04 -4.52
C THR A 84 -8.88 -7.13 -5.74
N TRP A 85 -9.28 -7.62 -6.92
CA TRP A 85 -9.13 -6.89 -8.18
C TRP A 85 -9.85 -5.54 -8.17
N ASP A 86 -11.09 -5.50 -7.67
CA ASP A 86 -11.95 -4.30 -7.63
C ASP A 86 -11.46 -3.27 -6.60
N TYR A 87 -10.37 -3.58 -5.90
CA TYR A 87 -9.76 -2.78 -4.86
C TYR A 87 -8.36 -2.33 -5.29
N LEU A 88 -7.58 -3.22 -5.89
CA LEU A 88 -6.23 -2.95 -6.39
C LEU A 88 -6.26 -1.76 -7.36
N TYR A 89 -7.17 -1.78 -8.32
CA TYR A 89 -7.32 -0.71 -9.30
C TYR A 89 -8.01 0.52 -8.76
N GLU A 90 -8.82 0.40 -7.72
CA GLU A 90 -9.42 1.56 -7.08
C GLU A 90 -8.29 2.42 -6.53
N LEU A 91 -7.42 1.78 -5.76
CA LEU A 91 -6.25 2.40 -5.15
C LEU A 91 -5.30 2.95 -6.22
N ALA A 92 -5.20 2.30 -7.38
CA ALA A 92 -4.39 2.78 -8.49
C ALA A 92 -4.75 4.21 -8.89
N THR A 93 -6.05 4.57 -8.93
CA THR A 93 -6.48 5.91 -9.34
C THR A 93 -6.68 6.81 -8.13
N ARG A 94 -7.17 6.30 -7.00
CA ARG A 94 -7.43 7.08 -5.78
C ARG A 94 -6.15 7.49 -5.05
N LYS A 95 -4.97 7.11 -5.57
CA LYS A 95 -3.70 7.26 -4.90
C LYS A 95 -3.46 8.69 -4.44
N ASP A 96 -3.63 9.68 -5.30
CA ASP A 96 -3.18 11.04 -5.03
C ASP A 96 -3.86 11.59 -3.77
N GLN A 97 -5.16 11.32 -3.64
CA GLN A 97 -5.99 11.63 -2.48
C GLN A 97 -5.50 10.85 -1.25
N LEU A 98 -5.49 9.52 -1.34
CA LEU A 98 -5.22 8.60 -0.24
C LEU A 98 -3.81 8.80 0.31
N TRP A 99 -2.85 9.03 -0.58
CA TRP A 99 -1.48 9.29 -0.20
C TRP A 99 -1.37 10.67 0.46
N ALA A 100 -2.11 11.68 -0.01
CA ALA A 100 -2.15 12.97 0.67
C ALA A 100 -2.72 12.79 2.09
N ASP A 101 -3.79 12.02 2.22
CA ASP A 101 -4.46 11.70 3.47
C ASP A 101 -3.49 11.01 4.44
N TYR A 102 -2.73 10.05 3.93
CA TYR A 102 -1.68 9.39 4.70
C TYR A 102 -0.52 10.32 5.06
N LEU A 103 -0.10 11.22 4.17
CA LEU A 103 0.94 12.21 4.45
C LEU A 103 0.49 13.22 5.48
N ALA A 104 -0.79 13.58 5.50
CA ALA A 104 -1.33 14.47 6.50
C ALA A 104 -1.22 13.80 7.86
N GLU A 105 -1.68 12.56 7.99
CA GLU A 105 -1.49 11.74 9.17
C GLU A 105 0.00 11.71 9.57
N LEU A 106 0.89 11.29 8.65
CA LEU A 106 2.31 11.16 8.93
C LEU A 106 3.04 12.49 9.09
N ALA A 107 2.40 13.64 8.86
CA ALA A 107 2.93 14.93 9.27
C ALA A 107 2.39 15.30 10.67
N SER A 108 1.10 15.06 10.91
CA SER A 108 0.39 15.67 12.01
C SER A 108 0.38 14.81 13.29
N ALA A 109 0.37 13.49 13.17
CA ALA A 109 0.43 12.56 14.30
C ALA A 109 1.75 12.66 15.09
N GLY A 110 2.75 13.41 14.61
CA GLY A 110 4.07 13.49 15.22
C GLY A 110 4.78 12.15 15.14
N LYS A 111 4.65 11.39 14.05
CA LYS A 111 5.48 10.23 13.73
C LYS A 111 6.21 10.56 12.42
N SER A 112 7.04 9.64 11.92
CA SER A 112 7.76 9.81 10.66
C SER A 112 7.81 8.51 9.87
N ARG A 113 7.98 8.66 8.55
CA ARG A 113 8.06 7.54 7.61
C ARG A 113 9.31 6.72 7.81
N ASP A 114 10.35 7.28 8.43
CA ASP A 114 11.62 6.57 8.64
C ASP A 114 11.70 5.90 10.00
N PRO A 115 12.45 4.79 10.13
CA PRO A 115 12.51 4.01 11.35
C PRO A 115 13.21 4.75 12.49
N ASP A 116 14.08 5.70 12.18
CA ASP A 116 14.68 6.60 13.17
C ASP A 116 14.93 7.96 12.51
N GLU A 117 13.83 8.66 12.18
CA GLU A 117 13.86 9.95 11.50
C GLU A 117 14.26 11.07 12.48
N SER A 118 14.73 12.22 12.01
CA SER A 118 15.25 13.31 12.84
C SER A 118 14.09 14.20 13.34
N VAL A 119 13.04 13.58 13.89
CA VAL A 119 11.81 14.25 14.30
C VAL A 119 11.32 13.61 15.61
N VAL A 120 12.13 13.64 16.66
CA VAL A 120 11.71 13.17 17.98
C VAL A 120 10.93 14.32 18.62
N LYS A 121 9.66 14.45 18.25
CA LYS A 121 8.75 15.49 18.70
C LYS A 121 7.38 14.84 18.95
N LEU A 122 6.52 15.48 19.72
CA LEU A 122 5.12 15.09 19.91
C LEU A 122 4.34 16.33 20.37
N MET A 123 3.08 16.47 19.94
CA MET A 123 2.22 17.58 20.35
C MET A 123 0.73 17.27 20.13
N LEU A 124 0.39 16.41 19.16
CA LEU A 124 -0.93 15.86 18.95
C LEU A 124 -0.97 14.52 19.66
N GLY A 1 -18.48 -8.01 -14.06
CA GLY A 1 -17.34 -7.15 -14.38
C GLY A 1 -16.43 -7.02 -13.18
N MET A 2 -15.11 -7.09 -13.40
CA MET A 2 -14.06 -6.79 -12.44
C MET A 2 -13.02 -5.93 -13.16
N ARG A 3 -12.11 -5.33 -12.38
CA ARG A 3 -10.96 -4.58 -12.84
C ARG A 3 -9.77 -5.49 -12.64
N ILE A 4 -9.68 -6.58 -13.41
CA ILE A 4 -8.52 -7.45 -13.36
C ILE A 4 -7.40 -6.71 -14.10
N PRO A 5 -6.16 -6.66 -13.59
CA PRO A 5 -5.03 -6.09 -14.31
C PRO A 5 -4.59 -6.96 -15.49
N SER A 6 -3.74 -6.39 -16.34
CA SER A 6 -3.02 -7.12 -17.38
C SER A 6 -1.53 -6.76 -17.39
N ALA A 7 -1.08 -5.80 -16.59
CA ALA A 7 0.32 -5.37 -16.55
C ALA A 7 0.76 -5.30 -15.11
N ILE A 8 0.89 -6.45 -14.46
CA ILE A 8 1.52 -6.51 -13.15
C ILE A 8 3.01 -6.32 -13.36
N GLN A 9 3.47 -5.11 -13.08
CA GLN A 9 4.87 -4.70 -13.16
C GLN A 9 5.32 -4.27 -11.77
N LEU A 10 6.26 -5.01 -11.20
CA LEU A 10 6.81 -4.74 -9.88
C LEU A 10 8.01 -3.81 -9.90
N HIS A 11 8.57 -3.52 -11.08
CA HIS A 11 9.74 -2.69 -11.30
C HIS A 11 10.83 -3.03 -10.30
N LYS A 12 11.48 -4.20 -10.42
CA LYS A 12 12.57 -4.58 -9.52
C LYS A 12 13.64 -3.48 -9.44
N ALA A 13 13.77 -2.66 -10.49
CA ALA A 13 14.50 -1.41 -10.56
C ALA A 13 14.25 -0.50 -9.33
N SER A 14 13.01 -0.04 -9.16
CA SER A 14 12.66 1.06 -8.24
C SER A 14 11.48 0.73 -7.31
N LYS A 15 11.09 -0.54 -7.23
CA LYS A 15 10.07 -1.13 -6.36
C LYS A 15 8.72 -0.45 -6.53
N THR A 16 8.34 -0.19 -7.77
CA THR A 16 7.13 0.55 -8.10
C THR A 16 6.10 -0.45 -8.63
N LEU A 17 4.90 -0.51 -8.05
CA LEU A 17 3.81 -1.33 -8.57
C LEU A 17 3.04 -0.50 -9.59
N THR A 18 3.17 -0.84 -10.86
CA THR A 18 2.42 -0.15 -11.91
C THR A 18 1.11 -0.92 -12.12
N LEU A 19 -0.01 -0.19 -12.12
CA LEU A 19 -1.36 -0.72 -12.29
C LEU A 19 -2.04 0.10 -13.38
N ARG A 20 -2.31 -0.51 -14.53
CA ARG A 20 -2.97 0.17 -15.64
C ARG A 20 -4.47 0.21 -15.36
N TYR A 21 -4.99 1.22 -14.67
CA TYR A 21 -6.43 1.31 -14.42
C TYR A 21 -7.15 1.55 -15.75
N GLY A 22 -7.67 0.50 -16.38
CA GLY A 22 -8.55 0.62 -17.53
C GLY A 22 -7.78 1.03 -18.77
N GLU A 23 -7.57 2.33 -18.89
CA GLU A 23 -6.82 3.01 -19.94
C GLU A 23 -5.88 4.07 -19.33
N ASP A 24 -5.98 4.32 -18.02
CA ASP A 24 -5.07 5.11 -17.19
C ASP A 24 -3.90 4.20 -16.80
N SER A 25 -2.79 4.74 -16.30
CA SER A 25 -1.75 3.94 -15.69
C SER A 25 -1.12 4.69 -14.53
N TYR A 26 -1.23 4.12 -13.34
CA TYR A 26 -0.70 4.67 -12.11
C TYR A 26 0.46 3.80 -11.65
N ASP A 27 1.49 4.40 -11.05
CA ASP A 27 2.74 3.76 -10.67
C ASP A 27 3.00 4.04 -9.19
N LEU A 28 2.57 3.13 -8.32
CA LEU A 28 2.53 3.39 -6.90
C LEU A 28 3.82 2.92 -6.22
N PRO A 29 4.32 3.62 -5.18
CA PRO A 29 5.52 3.19 -4.47
C PRO A 29 5.19 2.00 -3.57
N ALA A 30 6.21 1.19 -3.26
CA ALA A 30 6.07 0.03 -2.37
C ALA A 30 5.54 0.45 -1.00
N GLU A 31 6.04 1.56 -0.45
CA GLU A 31 5.62 2.02 0.87
C GLU A 31 4.13 2.40 0.89
N PHE A 32 3.57 2.92 -0.21
CA PHE A 32 2.16 3.29 -0.24
C PHE A 32 1.29 2.06 0.07
N LEU A 33 1.49 0.95 -0.66
CA LEU A 33 0.70 -0.25 -0.42
C LEU A 33 1.00 -0.83 0.97
N ARG A 34 2.25 -0.74 1.45
CA ARG A 34 2.60 -1.24 2.78
C ARG A 34 1.89 -0.49 3.91
N VAL A 35 1.32 0.70 3.67
CA VAL A 35 0.62 1.42 4.72
C VAL A 35 -0.89 1.28 4.59
N HIS A 36 -1.46 1.06 3.40
CA HIS A 36 -2.86 0.63 3.25
C HIS A 36 -2.88 -0.89 3.09
N SER A 37 -2.44 -1.62 4.13
CA SER A 37 -2.29 -3.06 4.14
C SER A 37 -3.33 -3.65 5.10
N PRO A 38 -4.57 -3.90 4.65
CA PRO A 38 -5.58 -4.55 5.47
C PRO A 38 -5.15 -6.00 5.67
N SER A 39 -5.04 -6.43 6.92
CA SER A 39 -5.20 -7.83 7.26
C SER A 39 -6.58 -8.22 6.73
N ALA A 40 -6.65 -9.27 5.91
CA ALA A 40 -7.91 -9.74 5.36
C ALA A 40 -8.53 -10.81 6.26
N GLU A 41 -7.95 -11.07 7.43
CA GLU A 41 -8.43 -12.05 8.40
C GLU A 41 -9.47 -11.47 9.37
N VAL A 42 -9.98 -10.30 9.03
CA VAL A 42 -10.79 -9.46 9.90
C VAL A 42 -12.25 -9.85 9.67
N GLN A 43 -12.82 -9.48 8.52
CA GLN A 43 -14.13 -9.93 8.06
C GLN A 43 -15.19 -9.59 9.13
N GLY A 44 -15.22 -8.32 9.53
CA GLY A 44 -16.19 -7.85 10.51
C GLY A 44 -16.17 -6.38 10.91
N HIS A 45 -15.14 -5.59 10.55
CA HIS A 45 -15.06 -4.12 10.66
C HIS A 45 -13.65 -3.69 10.22
N GLY A 46 -13.29 -2.41 10.37
CA GLY A 46 -11.92 -1.93 10.40
C GLY A 46 -11.65 -1.25 11.75
N ASN A 47 -10.40 -1.04 12.12
CA ASN A 47 -9.94 -0.48 13.39
C ASN A 47 -8.72 0.41 13.13
N PRO A 48 -8.42 1.41 13.98
CA PRO A 48 -7.38 2.39 13.70
C PRO A 48 -6.01 1.72 13.81
N VAL A 49 -5.31 1.64 12.69
CA VAL A 49 -4.04 0.96 12.52
C VAL A 49 -3.05 1.91 11.85
N LEU A 50 -1.78 1.80 12.23
CA LEU A 50 -0.72 2.69 11.83
C LEU A 50 0.47 1.85 11.38
N GLN A 51 1.23 2.35 10.40
CA GLN A 51 2.23 1.60 9.64
C GLN A 51 3.51 2.42 9.46
N TYR A 52 4.02 2.92 10.57
CA TYR A 52 5.28 3.66 10.64
C TYR A 52 6.49 2.72 10.49
N GLY A 53 7.68 3.28 10.57
CA GLY A 53 8.97 2.63 10.41
C GLY A 53 9.20 2.04 9.02
N LYS A 54 8.33 2.31 8.05
CA LYS A 54 8.25 1.68 6.72
C LYS A 54 8.40 2.78 5.67
N LEU A 55 9.37 3.69 5.82
CA LEU A 55 9.76 4.64 4.78
C LEU A 55 10.49 3.93 3.64
N ASN A 56 11.37 2.99 3.98
CA ASN A 56 12.34 2.44 3.05
C ASN A 56 11.99 1.00 2.66
N VAL A 57 10.78 0.55 2.99
CA VAL A 57 10.26 -0.76 2.61
C VAL A 57 10.36 -0.94 1.10
N GLY A 58 10.78 -2.14 0.70
CA GLY A 58 10.75 -2.54 -0.68
C GLY A 58 9.83 -3.73 -0.90
N LEU A 59 9.10 -3.67 -2.01
CA LEU A 59 8.44 -4.82 -2.62
C LEU A 59 9.49 -5.84 -3.03
N VAL A 60 9.16 -7.11 -2.88
CA VAL A 60 10.04 -8.23 -3.18
C VAL A 60 9.49 -9.05 -4.35
N GLY A 61 8.18 -9.26 -4.38
CA GLY A 61 7.47 -10.05 -5.39
C GLY A 61 5.99 -10.05 -5.07
N VAL A 62 5.15 -10.54 -5.99
CA VAL A 62 3.70 -10.55 -5.90
C VAL A 62 3.10 -11.33 -7.08
N GLU A 63 2.12 -12.20 -6.84
CA GLU A 63 1.45 -13.03 -7.84
C GLU A 63 -0.02 -13.33 -7.50
N PRO A 64 -0.83 -13.66 -8.53
CA PRO A 64 -2.26 -13.92 -8.39
C PRO A 64 -2.56 -14.98 -7.34
N ALA A 65 -3.63 -14.76 -6.56
CA ALA A 65 -4.11 -15.62 -5.49
C ALA A 65 -5.56 -16.03 -5.75
N GLY A 66 -5.83 -16.66 -6.89
CA GLY A 66 -7.16 -17.12 -7.28
C GLY A 66 -7.65 -16.41 -8.54
N GLN A 67 -8.88 -15.87 -8.50
CA GLN A 67 -9.54 -15.22 -9.64
C GLN A 67 -10.16 -13.86 -9.25
N TYR A 68 -9.76 -13.30 -8.11
CA TYR A 68 -10.31 -12.05 -7.58
C TYR A 68 -9.35 -11.31 -6.64
N ALA A 69 -8.15 -11.85 -6.36
CA ALA A 69 -7.28 -11.44 -5.26
C ALA A 69 -5.81 -11.61 -5.67
N LEU A 70 -4.87 -11.11 -4.85
CA LEU A 70 -3.44 -10.99 -5.17
C LEU A 70 -2.59 -11.27 -3.93
N LYS A 71 -1.59 -12.15 -4.02
CA LYS A 71 -0.65 -12.42 -2.95
C LYS A 71 0.47 -11.39 -3.00
N LEU A 72 0.37 -10.29 -2.27
CA LEU A 72 1.48 -9.34 -2.11
C LEU A 72 2.59 -9.98 -1.27
N SER A 73 3.83 -9.51 -1.44
CA SER A 73 4.96 -9.83 -0.57
C SER A 73 5.71 -8.53 -0.29
N PHE A 74 5.73 -8.09 0.96
CA PHE A 74 6.44 -6.89 1.38
C PHE A 74 7.55 -7.34 2.31
N ASP A 75 8.78 -6.92 2.05
CA ASP A 75 9.98 -7.28 2.84
C ASP A 75 10.00 -6.65 4.24
N ASP A 76 8.89 -6.04 4.66
CA ASP A 76 8.71 -5.39 5.94
C ASP A 76 7.46 -5.95 6.63
N GLY A 77 7.11 -7.17 6.25
CA GLY A 77 6.03 -7.95 6.82
C GLY A 77 4.66 -7.41 6.44
N HIS A 78 3.62 -7.94 7.09
CA HIS A 78 2.21 -7.64 6.90
C HIS A 78 1.72 -8.13 5.53
N ASP A 79 2.40 -9.12 4.93
CA ASP A 79 2.00 -9.73 3.66
C ASP A 79 0.71 -10.55 3.77
N SER A 80 0.28 -10.91 4.98
CA SER A 80 -0.97 -11.61 5.22
C SER A 80 -2.13 -10.66 4.86
N GLY A 81 -2.93 -11.05 3.88
CA GLY A 81 -3.93 -10.21 3.25
C GLY A 81 -4.53 -10.95 2.06
N LEU A 82 -5.44 -10.29 1.33
CA LEU A 82 -6.09 -10.83 0.14
C LEU A 82 -5.88 -9.92 -1.06
N PHE A 83 -5.88 -8.59 -0.86
CA PHE A 83 -5.78 -7.56 -1.88
C PHE A 83 -6.68 -7.85 -3.09
N THR A 84 -7.99 -7.61 -2.94
CA THR A 84 -8.96 -7.75 -4.02
C THR A 84 -8.68 -6.79 -5.19
N TRP A 85 -9.13 -7.16 -6.40
CA TRP A 85 -8.90 -6.38 -7.60
C TRP A 85 -9.49 -4.98 -7.55
N ASP A 86 -10.75 -4.88 -7.13
CA ASP A 86 -11.46 -3.61 -6.99
C ASP A 86 -10.70 -2.69 -6.06
N TYR A 87 -10.28 -3.23 -4.91
CA TYR A 87 -9.51 -2.54 -3.89
C TYR A 87 -8.17 -2.07 -4.45
N LEU A 88 -7.43 -2.92 -5.16
CA LEU A 88 -6.14 -2.57 -5.75
C LEU A 88 -6.27 -1.39 -6.70
N TYR A 89 -7.23 -1.43 -7.62
CA TYR A 89 -7.41 -0.34 -8.56
C TYR A 89 -8.04 0.89 -7.93
N GLU A 90 -8.89 0.74 -6.91
CA GLU A 90 -9.40 1.86 -6.12
C GLU A 90 -8.20 2.68 -5.61
N LEU A 91 -7.26 2.02 -4.94
CA LEU A 91 -6.06 2.67 -4.43
C LEU A 91 -5.21 3.30 -5.54
N ALA A 92 -5.14 2.68 -6.73
CA ALA A 92 -4.33 3.14 -7.84
C ALA A 92 -4.68 4.59 -8.20
N THR A 93 -5.95 4.87 -8.48
CA THR A 93 -6.37 6.21 -8.88
C THR A 93 -6.38 7.15 -7.67
N ARG A 94 -6.66 6.65 -6.46
CA ARG A 94 -6.75 7.46 -5.25
C ARG A 94 -5.38 7.76 -4.62
N LYS A 95 -4.27 7.21 -5.11
CA LYS A 95 -2.98 7.23 -4.42
C LYS A 95 -2.60 8.61 -3.96
N ASP A 96 -2.60 9.53 -4.91
CA ASP A 96 -2.09 10.90 -4.78
C ASP A 96 -2.82 11.68 -3.68
N GLN A 97 -4.11 11.44 -3.50
CA GLN A 97 -4.95 11.94 -2.41
C GLN A 97 -4.66 11.20 -1.10
N LEU A 98 -4.67 9.87 -1.12
CA LEU A 98 -4.46 9.03 0.06
C LEU A 98 -3.08 9.22 0.67
N TRP A 99 -2.07 9.48 -0.15
CA TRP A 99 -0.70 9.66 0.33
C TRP A 99 -0.65 10.82 1.30
N ALA A 100 -1.19 11.98 0.87
CA ALA A 100 -1.28 13.16 1.73
C ALA A 100 -2.00 12.90 3.05
N ASP A 101 -3.01 12.01 3.06
CA ASP A 101 -3.68 11.57 4.28
C ASP A 101 -2.77 10.69 5.15
N TYR A 102 -2.07 9.72 4.55
CA TYR A 102 -1.12 8.87 5.26
C TYR A 102 0.06 9.64 5.86
N LEU A 103 0.44 10.79 5.28
CA LEU A 103 1.38 11.70 5.93
C LEU A 103 0.79 12.29 7.21
N ALA A 104 -0.51 12.60 7.24
CA ALA A 104 -1.16 13.21 8.39
C ALA A 104 -1.21 12.21 9.54
N GLU A 105 -1.55 10.95 9.25
CA GLU A 105 -1.59 9.87 10.22
C GLU A 105 -0.27 9.81 10.98
N LEU A 106 0.84 9.65 10.26
CA LEU A 106 2.17 9.56 10.86
C LEU A 106 2.56 10.80 11.63
N ALA A 107 2.14 11.98 11.17
CA ALA A 107 2.45 13.26 11.81
C ALA A 107 1.81 13.38 13.19
N SER A 108 0.79 12.58 13.46
CA SER A 108 -0.12 12.76 14.58
C SER A 108 -0.02 11.56 15.52
N ALA A 109 0.22 10.37 14.95
CA ALA A 109 0.39 9.12 15.68
C ALA A 109 1.61 9.11 16.60
N GLY A 110 2.52 10.09 16.51
CA GLY A 110 3.67 10.12 17.40
C GLY A 110 4.80 9.20 16.95
N LYS A 111 4.82 8.78 15.67
CA LYS A 111 5.82 7.83 15.18
C LYS A 111 6.61 8.45 14.03
N SER A 112 7.39 7.65 13.33
CA SER A 112 8.13 8.12 12.16
C SER A 112 8.17 7.10 11.05
N ARG A 113 8.13 7.57 9.80
CA ARG A 113 8.26 6.65 8.66
C ARG A 113 9.65 6.03 8.67
N ASP A 114 10.68 6.82 8.94
CA ASP A 114 12.04 6.29 9.02
C ASP A 114 12.09 5.30 10.19
N PRO A 115 12.86 4.20 10.11
CA PRO A 115 12.92 3.16 11.13
C PRO A 115 13.57 3.64 12.42
N ASP A 116 14.34 4.72 12.37
CA ASP A 116 14.91 5.39 13.52
C ASP A 116 14.88 6.89 13.24
N GLU A 117 13.70 7.47 13.46
CA GLU A 117 13.48 8.89 13.58
C GLU A 117 12.52 9.16 14.72
N SER A 118 12.60 10.34 15.33
CA SER A 118 11.71 10.78 16.39
C SER A 118 11.49 12.28 16.23
N VAL A 119 10.56 12.66 15.37
CA VAL A 119 10.24 14.05 15.15
C VAL A 119 8.75 14.25 14.87
N VAL A 120 8.17 15.16 15.67
CA VAL A 120 6.95 15.88 15.38
C VAL A 120 7.20 17.31 15.87
N LYS A 121 6.55 18.27 15.21
CA LYS A 121 6.44 19.67 15.59
C LYS A 121 4.96 19.99 15.48
N LEU A 122 4.40 19.82 14.27
CA LEU A 122 3.01 20.11 13.94
C LEU A 122 2.72 21.60 14.17
N MET A 123 1.45 22.02 14.08
CA MET A 123 0.98 23.39 14.27
C MET A 123 1.80 24.44 13.49
N LEU A 124 1.72 25.72 13.90
CA LEU A 124 2.55 26.78 13.37
C LEU A 124 3.97 26.54 13.84
N GLY A 1 -19.14 -7.31 -13.47
CA GLY A 1 -17.96 -6.49 -13.76
C GLY A 1 -16.84 -6.83 -12.79
N MET A 2 -15.60 -6.81 -13.25
CA MET A 2 -14.38 -6.93 -12.45
C MET A 2 -13.33 -5.99 -13.04
N ARG A 3 -12.35 -5.54 -12.27
CA ARG A 3 -11.25 -4.72 -12.75
C ARG A 3 -9.98 -5.55 -12.61
N ILE A 4 -9.63 -6.30 -13.66
CA ILE A 4 -8.43 -7.13 -13.67
C ILE A 4 -7.38 -6.33 -14.48
N PRO A 5 -6.13 -6.21 -14.00
CA PRO A 5 -5.05 -5.54 -14.71
C PRO A 5 -4.48 -6.44 -15.80
N SER A 6 -3.57 -5.87 -16.57
CA SER A 6 -2.70 -6.61 -17.46
C SER A 6 -1.24 -6.30 -17.19
N ALA A 7 -0.97 -5.13 -16.58
CA ALA A 7 0.35 -4.73 -16.16
C ALA A 7 0.48 -5.01 -14.67
N ILE A 8 1.29 -6.00 -14.29
CA ILE A 8 1.81 -6.14 -12.93
C ILE A 8 3.30 -5.81 -13.01
N GLN A 9 3.61 -4.53 -12.92
CA GLN A 9 4.96 -4.05 -12.72
C GLN A 9 5.06 -3.71 -11.23
N LEU A 10 6.05 -4.26 -10.53
CA LEU A 10 6.40 -3.88 -9.16
C LEU A 10 7.64 -2.98 -9.12
N HIS A 11 8.24 -2.75 -10.29
CA HIS A 11 9.46 -1.97 -10.49
C HIS A 11 10.51 -2.33 -9.44
N LYS A 12 11.14 -3.51 -9.53
CA LYS A 12 12.12 -3.94 -8.53
C LYS A 12 13.24 -2.92 -8.31
N ALA A 13 13.51 -2.05 -9.28
CA ALA A 13 14.38 -0.89 -9.14
C ALA A 13 14.03 -0.03 -7.92
N SER A 14 12.75 0.33 -7.74
CA SER A 14 12.30 1.32 -6.77
C SER A 14 10.92 0.98 -6.18
N LYS A 15 10.64 -0.32 -6.04
CA LYS A 15 9.48 -0.92 -5.37
C LYS A 15 8.13 -0.26 -5.70
N THR A 16 7.94 0.23 -6.92
CA THR A 16 6.74 0.99 -7.29
C THR A 16 5.75 0.06 -8.01
N LEU A 17 4.54 -0.09 -7.45
CA LEU A 17 3.44 -0.88 -7.99
C LEU A 17 2.76 -0.07 -9.09
N THR A 18 2.93 -0.45 -10.35
CA THR A 18 2.15 0.14 -11.43
C THR A 18 0.78 -0.54 -11.45
N LEU A 19 -0.29 0.20 -11.73
CA LEU A 19 -1.59 -0.36 -12.08
C LEU A 19 -2.24 0.55 -13.12
N ARG A 20 -2.49 0.03 -14.32
CA ARG A 20 -3.06 0.84 -15.39
C ARG A 20 -4.59 0.84 -15.33
N TYR A 21 -5.20 1.66 -14.48
CA TYR A 21 -6.64 1.72 -14.29
C TYR A 21 -7.31 2.15 -15.58
N GLY A 22 -7.93 1.19 -16.27
CA GLY A 22 -8.61 1.46 -17.51
C GLY A 22 -7.60 2.02 -18.51
N GLU A 23 -7.88 3.22 -19.02
CA GLU A 23 -7.09 3.87 -20.05
C GLU A 23 -5.97 4.71 -19.42
N ASP A 24 -5.90 4.81 -18.08
CA ASP A 24 -5.05 5.73 -17.33
C ASP A 24 -4.05 4.90 -16.50
N SER A 25 -2.99 5.52 -16.02
CA SER A 25 -1.86 4.86 -15.37
C SER A 25 -1.58 5.47 -14.00
N TYR A 26 -1.13 4.65 -13.05
CA TYR A 26 -0.79 4.99 -11.68
C TYR A 26 0.43 4.16 -11.30
N ASP A 27 1.25 4.68 -10.38
CA ASP A 27 2.54 4.10 -9.97
C ASP A 27 2.69 4.35 -8.47
N LEU A 28 2.11 3.45 -7.68
CA LEU A 28 1.98 3.57 -6.23
C LEU A 28 3.26 3.10 -5.52
N PRO A 29 3.68 3.71 -4.40
CA PRO A 29 4.86 3.26 -3.66
C PRO A 29 4.55 2.01 -2.83
N ALA A 30 5.53 1.13 -2.63
CA ALA A 30 5.36 -0.08 -1.81
C ALA A 30 4.83 0.25 -0.41
N GLU A 31 5.36 1.29 0.22
CA GLU A 31 4.97 1.69 1.57
C GLU A 31 3.47 1.97 1.67
N PHE A 32 2.84 2.52 0.63
CA PHE A 32 1.40 2.81 0.67
C PHE A 32 0.61 1.54 0.93
N LEU A 33 0.86 0.49 0.17
CA LEU A 33 0.00 -0.70 0.19
C LEU A 33 0.18 -1.49 1.47
N ARG A 34 1.38 -1.50 2.05
CA ARG A 34 1.61 -2.00 3.41
C ARG A 34 0.68 -1.32 4.41
N VAL A 35 0.73 0.01 4.56
CA VAL A 35 -0.15 0.69 5.53
C VAL A 35 -1.63 0.50 5.16
N HIS A 36 -1.96 0.34 3.88
CA HIS A 36 -3.33 0.12 3.40
C HIS A 36 -3.64 -1.36 3.16
N SER A 37 -2.98 -2.29 3.86
CA SER A 37 -3.25 -3.71 3.70
C SER A 37 -4.43 -4.15 4.59
N PRO A 38 -5.26 -5.09 4.11
CA PRO A 38 -6.06 -5.96 4.96
C PRO A 38 -5.19 -7.09 5.55
N SER A 39 -5.80 -8.02 6.29
CA SER A 39 -5.19 -9.10 7.04
C SER A 39 -5.76 -10.47 6.67
N ALA A 40 -6.17 -10.68 5.41
CA ALA A 40 -6.87 -11.82 4.83
C ALA A 40 -8.31 -11.94 5.31
N GLU A 41 -8.52 -11.90 6.61
CA GLU A 41 -9.75 -12.22 7.32
C GLU A 41 -10.39 -10.98 7.97
N VAL A 42 -10.19 -9.79 7.39
CA VAL A 42 -10.57 -8.53 8.03
C VAL A 42 -11.29 -7.58 7.08
N GLN A 43 -10.62 -7.01 6.08
CA GLN A 43 -11.21 -6.13 5.07
C GLN A 43 -12.17 -5.10 5.68
N GLY A 44 -11.65 -4.25 6.57
CA GLY A 44 -12.39 -3.17 7.20
C GLY A 44 -12.98 -3.51 8.57
N HIS A 45 -13.12 -4.79 8.90
CA HIS A 45 -13.72 -5.20 10.17
C HIS A 45 -12.67 -5.21 11.28
N GLY A 46 -12.17 -4.05 11.70
CA GLY A 46 -11.20 -3.95 12.77
C GLY A 46 -11.23 -2.60 13.47
N ASN A 47 -10.29 -2.44 14.41
CA ASN A 47 -10.16 -1.24 15.23
C ASN A 47 -9.28 -0.21 14.50
N PRO A 48 -9.55 1.10 14.62
CA PRO A 48 -8.79 2.13 13.95
C PRO A 48 -7.40 2.23 14.57
N VAL A 49 -6.39 1.96 13.75
CA VAL A 49 -4.99 1.97 14.10
C VAL A 49 -4.19 2.50 12.92
N LEU A 50 -3.14 3.24 13.23
CA LEU A 50 -2.14 3.72 12.29
C LEU A 50 -0.93 2.79 12.33
N GLN A 51 -0.24 2.71 11.19
CA GLN A 51 1.01 2.01 11.04
C GLN A 51 2.02 3.09 10.65
N TYR A 52 3.09 3.22 11.44
CA TYR A 52 4.18 4.18 11.21
C TYR A 52 5.50 3.43 11.07
N GLY A 53 6.58 4.17 10.84
CA GLY A 53 7.84 3.60 10.41
C GLY A 53 7.64 2.91 9.06
N LYS A 54 7.51 3.69 7.98
CA LYS A 54 7.20 3.24 6.63
C LYS A 54 8.20 3.79 5.60
N LEU A 55 9.48 3.86 5.95
CA LEU A 55 10.57 4.32 5.07
C LEU A 55 11.57 3.21 4.72
N ASN A 56 11.41 1.98 5.25
CA ASN A 56 12.31 0.84 5.03
C ASN A 56 11.59 -0.33 4.37
N VAL A 57 10.25 -0.34 4.40
CA VAL A 57 9.43 -1.28 3.67
C VAL A 57 9.72 -1.18 2.18
N GLY A 58 9.77 -2.32 1.51
CA GLY A 58 9.73 -2.39 0.07
C GLY A 58 9.04 -3.67 -0.37
N LEU A 59 8.93 -3.85 -1.69
CA LEU A 59 8.38 -5.05 -2.32
C LEU A 59 9.53 -5.98 -2.69
N VAL A 60 9.34 -7.26 -2.42
CA VAL A 60 10.36 -8.31 -2.59
C VAL A 60 9.97 -9.29 -3.70
N GLY A 61 8.68 -9.51 -3.88
CA GLY A 61 8.15 -10.35 -4.95
C GLY A 61 6.69 -10.02 -5.20
N VAL A 62 6.18 -10.37 -6.37
CA VAL A 62 4.76 -10.24 -6.69
C VAL A 62 4.40 -11.37 -7.65
N GLU A 63 3.20 -11.92 -7.47
CA GLU A 63 2.70 -13.02 -8.29
C GLU A 63 1.17 -13.08 -8.17
N PRO A 64 0.49 -13.70 -9.14
CA PRO A 64 -0.96 -13.90 -9.13
C PRO A 64 -1.33 -14.97 -8.10
N ALA A 65 -1.98 -14.64 -6.97
CA ALA A 65 -2.19 -15.59 -5.88
C ALA A 65 -3.46 -16.44 -6.07
N GLY A 66 -3.83 -16.71 -7.32
CA GLY A 66 -5.01 -17.43 -7.74
C GLY A 66 -5.65 -16.64 -8.88
N GLN A 67 -6.98 -16.55 -8.90
CA GLN A 67 -7.70 -15.86 -9.97
C GLN A 67 -8.37 -14.56 -9.50
N TYR A 68 -8.44 -14.28 -8.19
CA TYR A 68 -9.27 -13.23 -7.61
C TYR A 68 -8.59 -12.41 -6.52
N ALA A 69 -7.39 -12.81 -6.07
CA ALA A 69 -6.59 -12.19 -5.04
C ALA A 69 -5.12 -12.34 -5.45
N LEU A 70 -4.35 -11.25 -5.31
CA LEU A 70 -2.94 -11.05 -5.69
C LEU A 70 -2.09 -11.32 -4.42
N LYS A 71 -0.84 -11.78 -4.58
CA LYS A 71 0.13 -12.07 -3.51
C LYS A 71 0.63 -10.80 -2.77
N LEU A 72 1.44 -9.96 -3.43
CA LEU A 72 2.09 -8.74 -2.91
C LEU A 72 2.99 -9.01 -1.69
N SER A 73 4.27 -9.35 -1.90
CA SER A 73 5.21 -9.68 -0.84
C SER A 73 5.96 -8.44 -0.39
N PHE A 74 5.69 -7.98 0.83
CA PHE A 74 6.39 -6.83 1.40
C PHE A 74 7.52 -7.31 2.30
N ASP A 75 8.68 -6.70 2.15
CA ASP A 75 9.91 -6.90 2.91
C ASP A 75 9.69 -6.66 4.41
N ASP A 76 8.76 -5.76 4.71
CA ASP A 76 8.30 -5.37 6.06
C ASP A 76 7.63 -6.52 6.82
N GLY A 77 7.04 -7.48 6.11
CA GLY A 77 6.28 -8.56 6.71
C GLY A 77 4.87 -8.70 6.16
N HIS A 78 4.17 -9.70 6.71
CA HIS A 78 2.75 -9.97 6.49
C HIS A 78 2.46 -10.07 4.99
N ASP A 79 3.21 -10.95 4.31
CA ASP A 79 3.15 -11.20 2.88
C ASP A 79 1.71 -11.41 2.39
N SER A 80 0.93 -12.22 3.09
CA SER A 80 -0.32 -12.75 2.57
C SER A 80 -1.47 -11.85 3.01
N GLY A 81 -1.43 -10.59 2.58
CA GLY A 81 -2.45 -9.61 2.94
C GLY A 81 -3.81 -9.94 2.32
N LEU A 82 -3.81 -10.58 1.14
CA LEU A 82 -4.97 -10.98 0.33
C LEU A 82 -5.56 -9.75 -0.35
N PHE A 83 -5.37 -9.66 -1.68
CA PHE A 83 -5.57 -8.42 -2.43
C PHE A 83 -6.53 -8.62 -3.59
N THR A 84 -7.83 -8.42 -3.36
CA THR A 84 -8.86 -8.61 -4.37
C THR A 84 -8.68 -7.65 -5.54
N TRP A 85 -9.07 -8.09 -6.75
CA TRP A 85 -8.96 -7.28 -7.96
C TRP A 85 -9.67 -5.95 -7.84
N ASP A 86 -10.88 -5.98 -7.28
CA ASP A 86 -11.73 -4.82 -7.03
C ASP A 86 -10.90 -3.78 -6.27
N TYR A 87 -10.35 -4.19 -5.12
CA TYR A 87 -9.62 -3.34 -4.19
C TYR A 87 -8.31 -2.79 -4.76
N LEU A 88 -7.59 -3.60 -5.55
CA LEU A 88 -6.28 -3.19 -6.07
C LEU A 88 -6.42 -1.94 -6.93
N TYR A 89 -7.35 -1.98 -7.88
CA TYR A 89 -7.59 -0.84 -8.76
C TYR A 89 -8.37 0.26 -8.05
N GLU A 90 -9.11 -0.06 -6.99
CA GLU A 90 -9.75 0.95 -6.15
C GLU A 90 -8.66 1.89 -5.62
N LEU A 91 -7.70 1.34 -4.86
CA LEU A 91 -6.60 2.07 -4.26
C LEU A 91 -5.78 2.85 -5.27
N ALA A 92 -5.58 2.33 -6.49
CA ALA A 92 -4.90 3.04 -7.58
C ALA A 92 -5.46 4.46 -7.71
N THR A 93 -6.79 4.58 -7.88
CA THR A 93 -7.45 5.86 -8.08
C THR A 93 -7.40 6.70 -6.80
N ARG A 94 -7.67 6.05 -5.67
CA ARG A 94 -7.98 6.69 -4.40
C ARG A 94 -6.72 7.23 -3.73
N LYS A 95 -5.53 6.76 -4.13
CA LYS A 95 -4.30 7.00 -3.39
C LYS A 95 -4.13 8.48 -3.05
N ASP A 96 -4.40 9.37 -3.99
CA ASP A 96 -4.34 10.81 -3.88
C ASP A 96 -4.99 11.33 -2.60
N GLN A 97 -6.18 10.83 -2.26
CA GLN A 97 -6.87 11.17 -1.02
C GLN A 97 -6.21 10.45 0.15
N LEU A 98 -6.12 9.12 0.06
CA LEU A 98 -5.76 8.22 1.15
C LEU A 98 -4.37 8.53 1.70
N TRP A 99 -3.43 8.86 0.82
CA TRP A 99 -2.06 9.14 1.16
C TRP A 99 -1.95 10.42 1.96
N ALA A 100 -2.60 11.48 1.48
CA ALA A 100 -2.54 12.79 2.13
C ALA A 100 -3.19 12.77 3.51
N ASP A 101 -4.16 11.87 3.72
CA ASP A 101 -4.71 11.53 5.03
C ASP A 101 -3.65 10.79 5.85
N TYR A 102 -3.06 9.71 5.32
CA TYR A 102 -2.06 8.91 6.04
C TYR A 102 -0.82 9.69 6.47
N LEU A 103 -0.46 10.75 5.75
CA LEU A 103 0.59 11.66 6.16
C LEU A 103 0.15 12.44 7.39
N ALA A 104 -1.07 12.98 7.38
CA ALA A 104 -1.61 13.73 8.49
C ALA A 104 -1.82 12.84 9.72
N GLU A 105 -2.23 11.58 9.57
CA GLU A 105 -2.31 10.66 10.71
C GLU A 105 -0.92 10.45 11.30
N LEU A 106 0.09 10.18 10.47
CA LEU A 106 1.46 9.98 10.92
C LEU A 106 1.95 11.22 11.68
N ALA A 107 1.71 12.38 11.09
CA ALA A 107 2.14 13.68 11.61
C ALA A 107 1.44 14.00 12.95
N SER A 108 0.12 13.80 13.02
CA SER A 108 -0.74 14.14 14.15
C SER A 108 -0.65 13.11 15.28
N ALA A 109 -0.35 11.84 14.97
CA ALA A 109 0.00 10.86 15.99
C ALA A 109 1.29 11.31 16.67
N GLY A 110 2.24 11.86 15.90
CA GLY A 110 3.56 12.20 16.40
C GLY A 110 4.45 10.98 16.33
N LYS A 111 4.46 10.28 15.19
CA LYS A 111 5.48 9.32 14.82
C LYS A 111 6.05 9.76 13.48
N SER A 112 6.93 8.97 12.88
CA SER A 112 7.54 9.30 11.61
C SER A 112 7.55 8.11 10.66
N ARG A 113 7.84 8.39 9.40
CA ARG A 113 8.08 7.34 8.43
C ARG A 113 9.42 6.67 8.71
N ASP A 114 10.40 7.37 9.28
CA ASP A 114 11.61 6.69 9.72
C ASP A 114 11.23 5.78 10.89
N PRO A 115 11.87 4.60 11.02
CA PRO A 115 11.43 3.58 11.96
C PRO A 115 11.66 4.01 13.41
N ASP A 116 12.69 4.83 13.66
CA ASP A 116 13.02 5.39 14.95
C ASP A 116 13.60 6.78 14.69
N GLU A 117 12.76 7.67 14.14
CA GLU A 117 13.16 9.04 13.87
C GLU A 117 13.42 9.80 15.16
N SER A 118 14.40 10.70 15.13
CA SER A 118 14.71 11.72 16.12
C SER A 118 13.69 12.88 16.02
N VAL A 119 12.42 12.53 15.82
CA VAL A 119 11.23 13.33 15.86
C VAL A 119 11.42 14.67 15.14
N VAL A 120 12.08 14.65 13.97
CA VAL A 120 12.53 15.88 13.33
C VAL A 120 11.33 16.57 12.70
N LYS A 121 10.86 17.59 13.42
CA LYS A 121 9.82 18.55 13.10
C LYS A 121 8.44 17.90 12.96
N LEU A 122 7.42 18.76 13.02
CA LEU A 122 6.02 18.34 13.21
C LEU A 122 5.02 19.43 12.81
N MET A 123 5.50 20.56 12.29
CA MET A 123 4.71 21.66 11.75
C MET A 123 5.46 22.21 10.54
N LEU A 124 4.71 22.54 9.48
CA LEU A 124 5.15 22.40 8.10
C LEU A 124 5.74 21.01 7.98
N GLY A 1 -17.94 -7.97 -15.22
CA GLY A 1 -17.02 -9.10 -15.04
C GLY A 1 -15.64 -8.68 -14.55
N MET A 2 -15.53 -7.93 -13.44
CA MET A 2 -14.32 -7.72 -12.63
C MET A 2 -13.24 -6.86 -13.33
N ARG A 3 -12.67 -5.87 -12.66
CA ARG A 3 -11.53 -5.10 -13.14
C ARG A 3 -10.26 -5.89 -12.81
N ILE A 4 -9.81 -6.79 -13.68
CA ILE A 4 -8.58 -7.56 -13.48
C ILE A 4 -7.48 -7.00 -14.39
N PRO A 5 -6.27 -6.73 -13.89
CA PRO A 5 -5.17 -6.24 -14.72
C PRO A 5 -4.67 -7.29 -15.68
N SER A 6 -4.06 -6.84 -16.77
CA SER A 6 -3.26 -7.67 -17.65
C SER A 6 -1.78 -7.38 -17.42
N ALA A 7 -1.40 -6.11 -17.21
CA ALA A 7 -0.01 -5.71 -17.09
C ALA A 7 0.42 -5.74 -15.62
N ILE A 8 0.72 -6.91 -15.06
CA ILE A 8 1.38 -6.97 -13.77
C ILE A 8 2.87 -6.68 -13.98
N GLN A 9 3.33 -5.50 -13.57
CA GLN A 9 4.74 -5.21 -13.35
C GLN A 9 4.87 -4.69 -11.93
N LEU A 10 5.94 -5.10 -11.24
CA LEU A 10 6.36 -4.55 -9.95
C LEU A 10 7.65 -3.73 -10.07
N HIS A 11 8.26 -3.65 -11.27
CA HIS A 11 9.46 -2.89 -11.56
C HIS A 11 10.53 -3.07 -10.47
N LYS A 12 11.09 -4.27 -10.34
CA LYS A 12 12.03 -4.58 -9.27
C LYS A 12 13.34 -3.77 -9.31
N ALA A 13 13.54 -2.89 -10.29
CA ALA A 13 14.42 -1.73 -10.20
C ALA A 13 13.90 -0.74 -9.13
N SER A 14 12.94 0.14 -9.44
CA SER A 14 12.53 1.23 -8.53
C SER A 14 11.39 0.85 -7.57
N LYS A 15 10.88 -0.38 -7.64
CA LYS A 15 9.80 -0.95 -6.84
C LYS A 15 8.48 -0.21 -7.12
N THR A 16 7.90 -0.41 -8.32
CA THR A 16 6.76 0.36 -8.80
C THR A 16 5.72 -0.61 -9.37
N LEU A 17 4.53 -0.69 -8.75
CA LEU A 17 3.39 -1.50 -9.17
C LEU A 17 2.62 -0.79 -10.28
N THR A 18 2.75 -1.27 -11.52
CA THR A 18 2.11 -0.69 -12.70
C THR A 18 0.67 -1.20 -12.78
N LEU A 19 -0.33 -0.36 -13.07
CA LEU A 19 -1.71 -0.81 -13.25
C LEU A 19 -2.35 -0.04 -14.38
N ARG A 20 -2.80 -0.73 -15.43
CA ARG A 20 -3.46 -0.13 -16.59
C ARG A 20 -4.97 0.02 -16.36
N TYR A 21 -5.45 1.05 -15.66
CA TYR A 21 -6.87 1.32 -15.46
C TYR A 21 -7.54 1.66 -16.79
N GLY A 22 -8.01 0.64 -17.50
CA GLY A 22 -8.94 0.82 -18.60
C GLY A 22 -8.18 1.13 -19.88
N GLU A 23 -7.85 2.39 -20.04
CA GLU A 23 -7.05 2.92 -21.13
C GLU A 23 -5.81 3.66 -20.62
N ASP A 24 -5.83 4.02 -19.34
CA ASP A 24 -4.78 4.84 -18.75
C ASP A 24 -3.77 3.91 -18.10
N SER A 25 -2.56 4.39 -17.82
CA SER A 25 -1.48 3.63 -17.22
C SER A 25 -0.92 4.39 -16.00
N TYR A 26 -1.09 3.82 -14.80
CA TYR A 26 -0.67 4.37 -13.53
C TYR A 26 0.47 3.52 -12.96
N ASP A 27 1.32 4.10 -12.10
CA ASP A 27 2.60 3.50 -11.68
C ASP A 27 2.89 3.85 -10.22
N LEU A 28 2.40 2.98 -9.33
CA LEU A 28 2.28 3.20 -7.90
C LEU A 28 3.54 2.74 -7.14
N PRO A 29 3.97 3.40 -6.04
CA PRO A 29 5.19 3.02 -5.33
C PRO A 29 4.98 1.83 -4.43
N ALA A 30 6.07 1.17 -4.07
CA ALA A 30 6.06 0.05 -3.15
C ALA A 30 5.90 0.49 -1.68
N GLU A 31 5.78 1.78 -1.36
CA GLU A 31 5.30 2.23 -0.06
C GLU A 31 3.77 2.32 0.04
N PHE A 32 3.09 2.57 -1.09
CA PHE A 32 1.67 2.88 -1.09
C PHE A 32 0.82 1.70 -0.62
N LEU A 33 0.88 0.60 -1.36
CA LEU A 33 0.16 -0.63 -1.19
C LEU A 33 0.35 -1.21 0.20
N ARG A 34 1.55 -1.04 0.76
CA ARG A 34 1.82 -1.44 2.14
C ARG A 34 0.80 -0.86 3.13
N VAL A 35 0.56 0.45 3.12
CA VAL A 35 -0.35 1.08 4.09
C VAL A 35 -1.81 0.86 3.70
N HIS A 36 -2.11 0.70 2.41
CA HIS A 36 -3.44 0.34 1.92
C HIS A 36 -3.62 -1.19 1.88
N SER A 37 -2.91 -1.93 2.75
CA SER A 37 -2.99 -3.38 2.91
C SER A 37 -3.95 -3.71 4.07
N PRO A 38 -5.26 -3.83 3.83
CA PRO A 38 -6.18 -4.33 4.82
C PRO A 38 -5.84 -5.80 5.06
N SER A 39 -5.68 -6.20 6.32
CA SER A 39 -5.56 -7.60 6.63
C SER A 39 -6.97 -8.22 6.74
N ALA A 40 -7.00 -9.54 6.91
CA ALA A 40 -8.20 -10.35 6.70
C ALA A 40 -8.60 -11.15 7.94
N GLU A 41 -7.83 -11.06 9.03
CA GLU A 41 -8.12 -11.65 10.34
C GLU A 41 -8.69 -10.57 11.29
N VAL A 42 -9.14 -9.46 10.72
CA VAL A 42 -9.51 -8.23 11.42
C VAL A 42 -10.96 -8.29 11.94
N GLN A 43 -11.63 -9.43 11.78
CA GLN A 43 -12.86 -9.80 12.49
C GLN A 43 -13.96 -8.73 12.34
N GLY A 44 -14.00 -8.00 11.22
CA GLY A 44 -14.86 -6.86 10.98
C GLY A 44 -14.02 -5.65 10.64
N HIS A 45 -13.74 -4.79 11.62
CA HIS A 45 -12.95 -3.57 11.45
C HIS A 45 -11.76 -3.48 12.39
N GLY A 46 -11.66 -4.40 13.37
CA GLY A 46 -10.64 -4.36 14.40
C GLY A 46 -10.63 -3.01 15.11
N ASN A 47 -9.52 -2.30 14.99
CA ASN A 47 -9.26 -1.03 15.66
C ASN A 47 -8.51 -0.11 14.69
N PRO A 48 -8.58 1.22 14.87
CA PRO A 48 -7.92 2.16 13.98
C PRO A 48 -6.42 2.11 14.21
N VAL A 49 -5.65 1.66 13.22
CA VAL A 49 -4.20 1.65 13.30
C VAL A 49 -3.66 2.20 11.98
N LEU A 50 -3.02 3.34 12.15
CA LEU A 50 -2.15 4.00 11.20
C LEU A 50 -0.86 3.21 11.10
N GLN A 51 -0.55 2.83 9.87
CA GLN A 51 0.67 2.15 9.49
C GLN A 51 1.66 3.25 9.08
N TYR A 52 2.91 3.19 9.53
CA TYR A 52 3.95 4.17 9.20
C TYR A 52 5.28 3.46 8.93
N GLY A 53 6.32 4.24 8.64
CA GLY A 53 7.59 3.76 8.11
C GLY A 53 7.52 3.78 6.59
N LYS A 54 8.31 4.63 5.93
CA LYS A 54 8.40 4.72 4.46
C LYS A 54 9.79 5.13 4.01
N LEU A 55 10.58 5.89 4.80
CA LEU A 55 11.91 6.39 4.41
C LEU A 55 12.89 5.30 3.96
N ASN A 56 12.54 4.02 4.11
CA ASN A 56 13.39 2.85 3.99
C ASN A 56 12.64 1.71 3.29
N VAL A 57 11.30 1.79 3.16
CA VAL A 57 10.51 0.65 2.70
C VAL A 57 10.77 0.29 1.24
N GLY A 58 10.49 -0.96 0.87
CA GLY A 58 10.28 -1.33 -0.50
C GLY A 58 9.59 -2.68 -0.65
N LEU A 59 9.31 -3.10 -1.89
CA LEU A 59 8.75 -4.39 -2.29
C LEU A 59 9.84 -5.45 -2.49
N VAL A 60 9.44 -6.71 -2.31
CA VAL A 60 10.23 -7.93 -2.40
C VAL A 60 9.64 -8.92 -3.40
N GLY A 61 8.31 -9.07 -3.45
CA GLY A 61 7.66 -10.01 -4.35
C GLY A 61 6.14 -9.86 -4.33
N VAL A 62 5.45 -10.48 -5.29
CA VAL A 62 4.02 -10.30 -5.52
C VAL A 62 3.53 -11.43 -6.40
N GLU A 63 2.60 -12.24 -5.90
CA GLU A 63 2.23 -13.53 -6.51
C GLU A 63 0.73 -13.80 -6.41
N PRO A 64 0.11 -14.47 -7.39
CA PRO A 64 -1.33 -14.47 -7.58
C PRO A 64 -2.09 -15.28 -6.52
N ALA A 65 -2.80 -14.60 -5.60
CA ALA A 65 -3.37 -15.17 -4.37
C ALA A 65 -4.63 -15.99 -4.58
N GLY A 66 -4.80 -16.49 -5.78
CA GLY A 66 -6.00 -17.15 -6.25
C GLY A 66 -6.27 -16.68 -7.66
N GLN A 67 -7.55 -16.50 -7.99
CA GLN A 67 -8.02 -16.04 -9.29
C GLN A 67 -8.74 -14.69 -9.18
N TYR A 68 -8.91 -14.18 -7.97
CA TYR A 68 -9.73 -13.02 -7.63
C TYR A 68 -8.97 -12.03 -6.73
N ALA A 69 -7.67 -12.26 -6.51
CA ALA A 69 -6.86 -11.54 -5.56
C ALA A 69 -5.40 -11.67 -5.97
N LEU A 70 -4.54 -10.74 -5.54
CA LEU A 70 -3.11 -10.73 -5.79
C LEU A 70 -2.45 -10.60 -4.42
N LYS A 71 -1.42 -11.39 -4.12
CA LYS A 71 -0.72 -11.35 -2.84
C LYS A 71 0.46 -10.42 -3.01
N LEU A 72 0.66 -9.47 -2.09
CA LEU A 72 1.87 -8.65 -2.05
C LEU A 72 2.70 -9.08 -0.85
N SER A 73 4.01 -9.09 -0.99
CA SER A 73 4.96 -9.21 0.11
C SER A 73 5.50 -7.80 0.32
N PHE A 74 5.65 -7.34 1.57
CA PHE A 74 6.27 -6.06 1.87
C PHE A 74 7.27 -6.33 2.99
N ASP A 75 8.42 -5.68 2.91
CA ASP A 75 9.65 -5.98 3.67
C ASP A 75 9.67 -5.27 5.02
N ASP A 76 8.67 -4.43 5.30
CA ASP A 76 8.30 -4.00 6.64
C ASP A 76 6.96 -4.63 7.09
N GLY A 77 6.34 -5.47 6.25
CA GLY A 77 5.00 -5.99 6.37
C GLY A 77 5.00 -7.48 6.69
N HIS A 78 3.96 -8.19 6.25
CA HIS A 78 3.75 -9.60 6.50
C HIS A 78 2.93 -10.17 5.34
N ASP A 79 3.24 -11.39 4.89
CA ASP A 79 2.56 -12.05 3.78
C ASP A 79 1.38 -12.88 4.28
N SER A 80 0.47 -12.23 5.01
CA SER A 80 -0.75 -12.84 5.52
C SER A 80 -1.86 -11.81 5.50
N GLY A 81 -2.13 -11.30 4.31
CA GLY A 81 -3.25 -10.41 4.01
C GLY A 81 -4.01 -10.91 2.79
N LEU A 82 -5.03 -10.16 2.42
CA LEU A 82 -5.79 -10.35 1.20
C LEU A 82 -5.86 -9.03 0.45
N PHE A 83 -6.08 -9.09 -0.85
CA PHE A 83 -6.46 -7.99 -1.73
C PHE A 83 -7.59 -8.48 -2.64
N THR A 84 -8.17 -7.60 -3.45
CA THR A 84 -9.15 -8.00 -4.45
C THR A 84 -8.94 -7.13 -5.69
N TRP A 85 -9.35 -7.63 -6.85
CA TRP A 85 -9.07 -6.99 -8.12
C TRP A 85 -9.76 -5.63 -8.27
N ASP A 86 -11.01 -5.51 -7.83
CA ASP A 86 -11.75 -4.24 -7.81
C ASP A 86 -10.94 -3.18 -7.06
N TYR A 87 -10.52 -3.52 -5.83
CA TYR A 87 -9.76 -2.67 -4.92
C TYR A 87 -8.37 -2.34 -5.46
N LEU A 88 -7.69 -3.26 -6.16
CA LEU A 88 -6.37 -2.96 -6.72
C LEU A 88 -6.47 -1.82 -7.74
N TYR A 89 -7.43 -1.93 -8.66
CA TYR A 89 -7.61 -0.88 -9.66
C TYR A 89 -8.24 0.38 -9.10
N GLU A 90 -9.12 0.27 -8.11
CA GLU A 90 -9.63 1.42 -7.36
C GLU A 90 -8.43 2.26 -6.88
N LEU A 91 -7.55 1.64 -6.12
CA LEU A 91 -6.35 2.30 -5.59
C LEU A 91 -5.45 2.89 -6.68
N ALA A 92 -5.44 2.33 -7.90
CA ALA A 92 -4.65 2.83 -9.03
C ALA A 92 -5.00 4.30 -9.32
N THR A 93 -6.27 4.63 -9.56
CA THR A 93 -6.70 6.01 -9.79
C THR A 93 -6.70 6.82 -8.49
N ARG A 94 -7.02 6.19 -7.36
CA ARG A 94 -7.20 6.90 -6.11
C ARG A 94 -5.84 7.31 -5.52
N LYS A 95 -4.74 6.69 -5.94
CA LYS A 95 -3.45 6.90 -5.27
C LYS A 95 -3.11 8.37 -5.01
N ASP A 96 -3.15 9.21 -6.05
CA ASP A 96 -2.58 10.56 -6.05
C ASP A 96 -3.23 11.38 -4.93
N GLN A 97 -4.46 11.03 -4.60
CA GLN A 97 -5.29 11.60 -3.56
C GLN A 97 -5.05 10.83 -2.27
N LEU A 98 -5.21 9.50 -2.21
CA LEU A 98 -5.04 8.69 -0.98
C LEU A 98 -3.70 8.95 -0.29
N TRP A 99 -2.65 9.00 -1.10
CA TRP A 99 -1.33 9.35 -0.68
C TRP A 99 -1.38 10.66 0.10
N ALA A 100 -1.85 11.75 -0.53
CA ALA A 100 -1.98 13.06 0.09
C ALA A 100 -2.91 13.06 1.32
N ASP A 101 -3.84 12.12 1.48
CA ASP A 101 -4.60 11.99 2.73
C ASP A 101 -3.70 11.33 3.79
N TYR A 102 -2.99 10.26 3.44
CA TYR A 102 -2.04 9.54 4.29
C TYR A 102 -0.94 10.45 4.85
N LEU A 103 -0.49 11.46 4.10
CA LEU A 103 0.48 12.41 4.61
C LEU A 103 -0.05 13.16 5.81
N ALA A 104 -1.36 13.43 5.88
CA ALA A 104 -1.96 14.15 7.00
C ALA A 104 -2.00 13.28 8.26
N GLU A 105 -2.46 12.03 8.17
CA GLU A 105 -2.46 11.09 9.30
C GLU A 105 -1.04 10.97 9.89
N LEU A 106 -0.06 10.71 9.03
CA LEU A 106 1.34 10.57 9.43
C LEU A 106 1.94 11.92 9.82
N ALA A 107 1.28 13.04 9.55
CA ALA A 107 1.60 14.32 10.17
C ALA A 107 1.10 14.28 11.61
N SER A 108 -0.22 14.26 11.77
CA SER A 108 -0.90 14.69 12.99
C SER A 108 -0.89 13.62 14.10
N ALA A 109 -0.84 12.33 13.77
CA ALA A 109 -0.73 11.27 14.78
C ALA A 109 0.61 11.29 15.53
N GLY A 110 1.56 12.14 15.13
CA GLY A 110 2.85 12.27 15.78
C GLY A 110 3.75 11.05 15.59
N LYS A 111 3.40 10.10 14.70
CA LYS A 111 4.38 9.13 14.20
C LYS A 111 5.23 9.85 13.17
N SER A 112 6.15 9.13 12.55
CA SER A 112 6.90 9.60 11.39
C SER A 112 7.16 8.45 10.43
N ARG A 113 7.58 8.77 9.21
CA ARG A 113 7.98 7.78 8.22
C ARG A 113 9.36 7.18 8.49
N ASP A 114 10.10 7.72 9.45
CA ASP A 114 11.35 7.12 9.88
C ASP A 114 10.99 5.92 10.76
N PRO A 115 11.76 4.83 10.72
CA PRO A 115 11.43 3.56 11.35
C PRO A 115 11.57 3.62 12.86
N ASP A 116 12.43 4.49 13.38
CA ASP A 116 12.65 4.68 14.79
C ASP A 116 12.86 6.17 15.04
N GLU A 117 11.90 6.97 14.58
CA GLU A 117 11.98 8.42 14.65
C GLU A 117 11.91 8.84 16.11
N SER A 118 12.99 9.45 16.58
CA SER A 118 13.29 9.58 17.99
C SER A 118 13.52 11.04 18.40
N VAL A 119 12.98 11.99 17.62
CA VAL A 119 13.37 13.38 17.67
C VAL A 119 12.15 14.19 18.14
N VAL A 120 12.14 14.53 19.43
CA VAL A 120 11.17 15.40 20.06
C VAL A 120 11.43 16.83 19.62
N LYS A 121 10.53 17.36 18.77
CA LYS A 121 10.59 18.71 18.22
C LYS A 121 9.34 19.51 18.61
N LEU A 122 9.08 19.63 19.92
CA LEU A 122 7.90 20.30 20.52
C LEU A 122 6.61 19.84 19.85
N MET A 123 6.06 18.72 20.32
CA MET A 123 4.86 18.14 19.73
C MET A 123 3.60 18.88 20.21
N LEU A 124 3.65 19.37 21.44
CA LEU A 124 2.74 20.22 22.20
C LEU A 124 3.64 21.12 23.04
N GLY A 1 -17.01 -2.86 -16.56
CA GLY A 1 -16.95 -3.41 -15.19
C GLY A 1 -15.85 -4.43 -15.00
N MET A 2 -15.64 -4.85 -13.75
CA MET A 2 -14.41 -5.40 -13.15
C MET A 2 -13.17 -4.52 -13.40
N ARG A 3 -12.14 -4.73 -12.59
CA ARG A 3 -10.93 -3.91 -12.58
C ARG A 3 -9.71 -4.82 -12.66
N ILE A 4 -9.61 -5.68 -13.67
CA ILE A 4 -8.50 -6.63 -13.78
C ILE A 4 -7.39 -5.95 -14.59
N PRO A 5 -6.13 -5.97 -14.14
CA PRO A 5 -5.00 -5.38 -14.87
C PRO A 5 -4.50 -6.23 -16.03
N SER A 6 -3.66 -5.60 -16.86
CA SER A 6 -2.83 -6.24 -17.87
C SER A 6 -1.38 -5.74 -17.84
N ALA A 7 -1.14 -4.51 -17.35
CA ALA A 7 0.21 -4.03 -17.12
C ALA A 7 0.56 -4.30 -15.67
N ILE A 8 0.96 -5.53 -15.36
CA ILE A 8 1.64 -5.83 -14.10
C ILE A 8 3.12 -5.52 -14.34
N GLN A 9 3.69 -4.65 -13.51
CA GLN A 9 5.12 -4.63 -13.27
C GLN A 9 5.30 -4.39 -11.77
N LEU A 10 6.15 -5.18 -11.09
CA LEU A 10 6.51 -4.92 -9.71
C LEU A 10 7.85 -4.18 -9.60
N HIS A 11 8.59 -4.05 -10.69
CA HIS A 11 9.89 -3.39 -10.75
C HIS A 11 10.76 -3.84 -9.56
N LYS A 12 11.15 -5.12 -9.49
CA LYS A 12 11.81 -5.65 -8.30
C LYS A 12 13.17 -4.99 -8.02
N ALA A 13 13.75 -4.29 -8.99
CA ALA A 13 14.84 -3.36 -8.76
C ALA A 13 14.44 -2.29 -7.74
N SER A 14 13.35 -1.57 -8.01
CA SER A 14 13.11 -0.22 -7.50
C SER A 14 11.78 -0.10 -6.74
N LYS A 15 11.19 -1.21 -6.31
CA LYS A 15 9.95 -1.34 -5.53
C LYS A 15 8.84 -0.42 -6.08
N THR A 16 8.24 -0.82 -7.20
CA THR A 16 7.18 -0.01 -7.79
C THR A 16 6.11 -0.91 -8.40
N LEU A 17 4.88 -0.87 -7.89
CA LEU A 17 3.75 -1.55 -8.53
C LEU A 17 3.18 -0.62 -9.58
N THR A 18 3.48 -0.91 -10.84
CA THR A 18 2.88 -0.19 -11.96
C THR A 18 1.43 -0.67 -12.07
N LEU A 19 0.48 0.24 -12.32
CA LEU A 19 -0.89 -0.12 -12.66
C LEU A 19 -1.43 0.85 -13.71
N ARG A 20 -2.17 0.33 -14.69
CA ARG A 20 -2.77 1.11 -15.78
C ARG A 20 -4.29 1.20 -15.59
N TYR A 21 -4.80 2.20 -14.85
CA TYR A 21 -6.21 2.34 -14.45
C TYR A 21 -7.20 2.63 -15.56
N GLY A 22 -6.71 2.63 -16.77
CA GLY A 22 -7.43 3.31 -17.82
C GLY A 22 -6.50 3.55 -18.99
N GLU A 23 -6.15 4.81 -19.26
CA GLU A 23 -5.14 5.17 -20.23
C GLU A 23 -3.87 5.67 -19.53
N ASP A 24 -4.00 6.14 -18.27
CA ASP A 24 -2.91 6.76 -17.50
C ASP A 24 -2.21 5.72 -16.62
N SER A 25 -0.97 5.40 -16.94
CA SER A 25 -0.15 4.49 -16.18
C SER A 25 0.32 5.18 -14.91
N TYR A 26 0.23 4.49 -13.78
CA TYR A 26 0.63 4.92 -12.44
C TYR A 26 1.73 3.99 -11.92
N ASP A 27 2.57 4.47 -10.99
CA ASP A 27 3.76 3.74 -10.54
C ASP A 27 3.95 3.90 -9.03
N LEU A 28 3.20 3.10 -8.27
CA LEU A 28 3.06 3.30 -6.83
C LEU A 28 4.20 2.65 -6.04
N PRO A 29 4.68 3.26 -4.94
CA PRO A 29 5.80 2.72 -4.18
C PRO A 29 5.35 1.61 -3.24
N ALA A 30 6.27 0.75 -2.85
CA ALA A 30 5.95 -0.38 -2.01
C ALA A 30 5.50 0.05 -0.61
N GLU A 31 6.16 1.05 0.01
CA GLU A 31 5.78 1.57 1.32
C GLU A 31 4.31 2.00 1.31
N PHE A 32 3.90 2.78 0.28
CA PHE A 32 2.52 3.24 0.19
C PHE A 32 1.57 2.05 0.27
N LEU A 33 1.86 1.03 -0.53
CA LEU A 33 0.99 -0.12 -0.67
C LEU A 33 0.96 -0.93 0.63
N ARG A 34 2.06 -0.96 1.38
CA ARG A 34 2.06 -1.59 2.69
C ARG A 34 1.14 -0.83 3.63
N VAL A 35 1.30 0.48 3.81
CA VAL A 35 0.55 1.17 4.85
C VAL A 35 -0.96 1.17 4.57
N HIS A 36 -1.38 1.28 3.29
CA HIS A 36 -2.81 1.14 2.96
C HIS A 36 -3.31 -0.32 2.97
N SER A 37 -2.45 -1.30 3.28
CA SER A 37 -2.81 -2.69 3.13
C SER A 37 -3.89 -3.07 4.15
N PRO A 38 -4.84 -3.95 3.77
CA PRO A 38 -5.74 -4.56 4.72
C PRO A 38 -4.98 -5.57 5.58
N SER A 39 -5.65 -5.95 6.66
CA SER A 39 -5.21 -6.83 7.68
C SER A 39 -5.93 -8.18 7.44
N ALA A 40 -5.39 -8.98 6.52
CA ALA A 40 -5.93 -10.27 6.10
C ALA A 40 -5.80 -11.34 7.18
N GLU A 41 -4.90 -11.15 8.14
CA GLU A 41 -4.53 -12.19 9.10
C GLU A 41 -5.37 -12.15 10.37
N VAL A 42 -6.45 -11.38 10.31
CA VAL A 42 -7.25 -11.00 11.47
C VAL A 42 -8.33 -12.02 11.78
N GLN A 43 -8.65 -12.93 10.85
CA GLN A 43 -9.64 -13.99 11.03
C GLN A 43 -11.06 -13.37 11.06
N GLY A 44 -11.33 -12.40 10.18
CA GLY A 44 -12.66 -11.84 9.94
C GLY A 44 -12.61 -10.31 9.81
N HIS A 45 -12.40 -9.62 10.93
CA HIS A 45 -12.46 -8.17 11.05
C HIS A 45 -11.83 -7.74 12.37
N GLY A 46 -11.41 -6.48 12.50
CA GLY A 46 -10.71 -5.98 13.67
C GLY A 46 -10.78 -4.46 13.72
N ASN A 47 -9.63 -3.80 13.82
CA ASN A 47 -9.54 -2.34 13.99
C ASN A 47 -8.44 -1.79 13.07
N PRO A 48 -8.50 -0.51 12.69
CA PRO A 48 -7.45 0.13 11.91
C PRO A 48 -6.28 0.45 12.82
N VAL A 49 -5.21 -0.34 12.70
CA VAL A 49 -3.96 -0.08 13.37
C VAL A 49 -3.15 0.80 12.44
N LEU A 50 -2.55 1.84 12.98
CA LEU A 50 -1.69 2.72 12.21
C LEU A 50 -0.34 2.03 12.04
N GLN A 51 0.19 2.11 10.82
CA GLN A 51 1.38 1.41 10.37
C GLN A 51 2.46 2.46 10.14
N TYR A 52 3.53 2.41 10.93
CA TYR A 52 4.63 3.35 10.93
C TYR A 52 5.97 2.62 11.16
N GLY A 53 7.07 3.40 11.20
CA GLY A 53 8.43 2.92 11.46
C GLY A 53 8.82 1.79 10.52
N LYS A 54 8.61 1.98 9.22
CA LYS A 54 8.91 0.99 8.18
C LYS A 54 9.35 1.62 6.85
N LEU A 55 9.49 2.95 6.69
CA LEU A 55 9.57 3.64 5.37
C LEU A 55 10.50 2.99 4.34
N ASN A 56 11.59 2.38 4.79
CA ASN A 56 12.62 1.82 3.93
C ASN A 56 12.20 0.46 3.32
N VAL A 57 11.04 -0.09 3.69
CA VAL A 57 10.49 -1.38 3.27
C VAL A 57 10.44 -1.52 1.75
N GLY A 58 10.28 -2.74 1.28
CA GLY A 58 10.02 -2.98 -0.11
C GLY A 58 9.19 -4.23 -0.35
N LEU A 59 9.08 -4.59 -1.62
CA LEU A 59 8.30 -5.71 -2.09
C LEU A 59 9.19 -6.92 -2.30
N VAL A 60 8.60 -8.09 -2.07
CA VAL A 60 9.28 -9.38 -2.10
C VAL A 60 8.56 -10.37 -3.01
N GLY A 61 7.24 -10.23 -3.16
CA GLY A 61 6.51 -10.96 -4.19
C GLY A 61 5.06 -10.52 -4.32
N VAL A 62 4.47 -10.86 -5.45
CA VAL A 62 3.08 -10.61 -5.81
C VAL A 62 2.71 -11.78 -6.73
N GLU A 63 1.65 -12.52 -6.41
CA GLU A 63 1.12 -13.55 -7.29
C GLU A 63 -0.40 -13.54 -7.16
N PRO A 64 -1.14 -13.93 -8.21
CA PRO A 64 -2.57 -13.99 -8.18
C PRO A 64 -3.06 -14.87 -7.03
N ALA A 65 -4.22 -14.53 -6.47
CA ALA A 65 -4.98 -15.46 -5.64
C ALA A 65 -6.26 -15.88 -6.34
N GLY A 66 -6.26 -15.79 -7.67
CA GLY A 66 -7.33 -16.19 -8.56
C GLY A 66 -7.94 -14.99 -9.27
N GLN A 67 -9.26 -14.90 -9.26
CA GLN A 67 -10.01 -14.21 -10.32
C GLN A 67 -10.59 -12.90 -9.80
N TYR A 68 -10.36 -12.53 -8.53
CA TYR A 68 -11.06 -11.43 -7.86
C TYR A 68 -10.22 -10.67 -6.84
N ALA A 69 -9.15 -11.28 -6.34
CA ALA A 69 -8.27 -10.74 -5.33
C ALA A 69 -6.84 -11.20 -5.61
N LEU A 70 -5.87 -10.47 -5.10
CA LEU A 70 -4.44 -10.60 -5.37
C LEU A 70 -3.70 -10.87 -4.06
N LYS A 71 -2.82 -11.87 -4.05
CA LYS A 71 -1.89 -12.08 -2.95
C LYS A 71 -0.82 -11.00 -3.07
N LEU A 72 -0.31 -10.53 -1.95
CA LEU A 72 0.81 -9.60 -1.89
C LEU A 72 1.73 -10.08 -0.79
N SER A 73 2.97 -9.59 -0.77
CA SER A 73 3.99 -9.99 0.16
C SER A 73 4.91 -8.79 0.31
N PHE A 74 4.76 -8.04 1.40
CA PHE A 74 5.63 -6.92 1.71
C PHE A 74 6.75 -7.45 2.58
N ASP A 75 7.90 -6.77 2.57
CA ASP A 75 9.05 -7.08 3.43
C ASP A 75 8.86 -6.45 4.82
N ASP A 76 7.61 -6.45 5.28
CA ASP A 76 7.14 -5.91 6.55
C ASP A 76 6.86 -7.01 7.57
N GLY A 77 6.71 -8.27 7.15
CA GLY A 77 6.49 -9.41 8.03
C GLY A 77 5.04 -9.58 8.52
N HIS A 78 4.12 -8.74 8.06
CA HIS A 78 2.68 -9.01 8.15
C HIS A 78 2.17 -9.60 6.83
N ASP A 79 2.83 -9.25 5.74
CA ASP A 79 2.83 -9.96 4.46
C ASP A 79 1.42 -10.03 3.83
N SER A 80 0.55 -9.07 4.17
CA SER A 80 -0.86 -9.01 3.80
C SER A 80 -1.11 -9.22 2.30
N GLY A 81 -2.08 -10.07 1.97
CA GLY A 81 -2.75 -10.13 0.68
C GLY A 81 -4.15 -9.53 0.77
N LEU A 82 -5.11 -10.17 0.11
CA LEU A 82 -6.55 -9.92 0.13
C LEU A 82 -6.94 -8.54 -0.40
N PHE A 83 -6.18 -8.07 -1.40
CA PHE A 83 -6.49 -6.89 -2.18
C PHE A 83 -7.44 -7.27 -3.31
N THR A 84 -8.65 -6.73 -3.34
CA THR A 84 -9.60 -6.93 -4.44
C THR A 84 -9.08 -6.26 -5.71
N TRP A 85 -9.49 -6.75 -6.89
CA TRP A 85 -9.22 -6.08 -8.16
C TRP A 85 -9.73 -4.65 -8.18
N ASP A 86 -10.95 -4.45 -7.67
CA ASP A 86 -11.59 -3.14 -7.62
C ASP A 86 -10.74 -2.17 -6.81
N TYR A 87 -10.45 -2.61 -5.58
CA TYR A 87 -9.67 -1.93 -4.55
C TYR A 87 -8.28 -1.55 -5.07
N LEU A 88 -7.58 -2.45 -5.76
CA LEU A 88 -6.24 -2.19 -6.29
C LEU A 88 -6.23 -1.00 -7.22
N TYR A 89 -7.09 -1.03 -8.24
CA TYR A 89 -7.15 0.04 -9.22
C TYR A 89 -7.70 1.34 -8.60
N GLU A 90 -8.56 1.23 -7.59
CA GLU A 90 -9.06 2.38 -6.82
C GLU A 90 -7.88 3.12 -6.22
N LEU A 91 -7.10 2.42 -5.38
CA LEU A 91 -5.97 2.99 -4.67
C LEU A 91 -4.90 3.51 -5.63
N ALA A 92 -4.80 2.93 -6.82
CA ALA A 92 -3.86 3.33 -7.86
C ALA A 92 -4.07 4.80 -8.25
N THR A 93 -5.32 5.26 -8.44
CA THR A 93 -5.61 6.65 -8.80
C THR A 93 -5.67 7.51 -7.53
N ARG A 94 -6.26 6.97 -6.45
CA ARG A 94 -6.52 7.67 -5.19
C ARG A 94 -5.26 7.92 -4.36
N LYS A 95 -4.09 7.50 -4.82
CA LYS A 95 -2.86 7.49 -4.05
C LYS A 95 -2.65 8.80 -3.29
N ASP A 96 -2.80 9.91 -3.98
CA ASP A 96 -2.62 11.26 -3.45
C ASP A 96 -3.56 11.59 -2.29
N GLN A 97 -4.75 10.99 -2.25
CA GLN A 97 -5.65 10.99 -1.08
C GLN A 97 -5.05 10.10 0.00
N LEU A 98 -4.95 8.79 -0.25
CA LEU A 98 -4.58 7.79 0.75
C LEU A 98 -3.29 8.18 1.47
N TRP A 99 -2.29 8.61 0.72
CA TRP A 99 -0.99 8.90 1.28
C TRP A 99 -1.06 10.09 2.23
N ALA A 100 -1.78 11.15 1.84
CA ALA A 100 -2.00 12.32 2.66
C ALA A 100 -2.80 11.96 3.91
N ASP A 101 -3.74 11.01 3.80
CA ASP A 101 -4.53 10.43 4.89
C ASP A 101 -3.56 9.81 5.90
N TYR A 102 -2.77 8.84 5.44
CA TYR A 102 -1.87 8.07 6.29
C TYR A 102 -0.74 8.92 6.88
N LEU A 103 -0.24 9.92 6.14
CA LEU A 103 0.71 10.88 6.68
C LEU A 103 0.09 11.66 7.83
N ALA A 104 -1.13 12.19 7.64
CA ALA A 104 -1.81 12.95 8.68
C ALA A 104 -2.01 12.08 9.91
N GLU A 105 -2.40 10.82 9.73
CA GLU A 105 -2.51 9.86 10.79
C GLU A 105 -1.18 9.68 11.52
N LEU A 106 -0.08 9.49 10.78
CA LEU A 106 1.25 9.38 11.34
C LEU A 106 1.58 10.58 12.23
N ALA A 107 1.33 11.77 11.70
CA ALA A 107 1.71 13.03 12.30
C ALA A 107 0.87 13.32 13.55
N SER A 108 -0.44 13.06 13.49
CA SER A 108 -1.39 13.22 14.59
C SER A 108 -1.14 12.18 15.69
N ALA A 109 -0.91 10.91 15.32
CA ALA A 109 -0.54 9.88 16.29
C ALA A 109 0.82 10.19 16.93
N GLY A 110 1.65 11.00 16.27
CA GLY A 110 2.96 11.40 16.75
C GLY A 110 3.92 10.23 16.74
N LYS A 111 4.01 9.51 15.62
CA LYS A 111 5.06 8.54 15.36
C LYS A 111 5.77 9.01 14.09
N SER A 112 6.67 8.19 13.54
CA SER A 112 7.28 8.47 12.25
C SER A 112 7.35 7.21 11.43
N ARG A 113 7.24 7.37 10.10
CA ARG A 113 7.50 6.28 9.17
C ARG A 113 8.99 5.99 9.12
N ASP A 114 9.80 7.04 9.11
CA ASP A 114 11.25 6.96 9.11
C ASP A 114 11.65 6.51 10.52
N PRO A 115 12.74 5.75 10.66
CA PRO A 115 13.07 5.09 11.92
C PRO A 115 13.32 6.10 13.04
N ASP A 116 14.10 7.14 12.73
CA ASP A 116 14.45 8.22 13.63
C ASP A 116 14.37 9.54 12.87
N GLU A 117 13.17 9.83 12.39
CA GLU A 117 12.81 11.07 11.74
C GLU A 117 12.96 12.23 12.74
N SER A 118 13.25 13.42 12.23
CA SER A 118 13.60 14.60 13.02
C SER A 118 12.68 15.78 12.69
N VAL A 119 11.42 15.48 12.36
CA VAL A 119 10.32 16.31 11.92
C VAL A 119 10.60 17.18 10.68
N VAL A 120 9.62 17.32 9.80
CA VAL A 120 9.70 18.08 8.55
C VAL A 120 8.47 19.01 8.40
N LYS A 121 7.88 19.47 9.52
CA LYS A 121 6.84 20.50 9.56
C LYS A 121 6.99 21.32 10.84
N LEU A 122 6.31 22.47 10.91
CA LEU A 122 5.87 23.08 12.15
C LEU A 122 4.35 23.15 12.06
N MET A 123 3.66 22.30 12.82
CA MET A 123 2.19 22.28 12.88
C MET A 123 1.61 21.89 14.25
N LEU A 124 2.43 21.67 15.29
CA LEU A 124 1.98 21.29 16.63
C LEU A 124 0.95 22.30 17.11
N GLY A 1 -16.49 -3.48 -15.86
CA GLY A 1 -16.14 -4.90 -15.79
C GLY A 1 -15.09 -5.14 -14.71
N MET A 2 -14.66 -6.40 -14.54
CA MET A 2 -13.62 -6.76 -13.59
C MET A 2 -12.40 -5.88 -13.81
N ARG A 3 -11.87 -5.27 -12.74
CA ARG A 3 -10.72 -4.38 -12.73
C ARG A 3 -9.42 -5.19 -12.78
N ILE A 4 -9.31 -6.13 -13.71
CA ILE A 4 -8.11 -6.94 -13.87
C ILE A 4 -7.13 -6.10 -14.70
N PRO A 5 -5.88 -5.89 -14.24
CA PRO A 5 -4.84 -5.17 -14.95
C PRO A 5 -4.19 -6.01 -16.07
N SER A 6 -3.40 -5.33 -16.89
CA SER A 6 -2.54 -5.90 -17.92
C SER A 6 -1.18 -5.18 -18.02
N ALA A 7 -0.90 -4.23 -17.12
CA ALA A 7 0.47 -3.80 -16.82
C ALA A 7 0.63 -3.87 -15.30
N ILE A 8 1.17 -4.98 -14.81
CA ILE A 8 1.78 -5.11 -13.50
C ILE A 8 3.22 -4.66 -13.68
N GLN A 9 3.58 -3.51 -13.13
CA GLN A 9 4.96 -3.12 -12.95
C GLN A 9 5.18 -2.91 -11.48
N LEU A 10 5.53 -3.97 -10.77
CA LEU A 10 5.67 -3.85 -9.31
C LEU A 10 6.94 -3.04 -8.92
N HIS A 11 7.81 -2.76 -9.92
CA HIS A 11 9.16 -2.18 -9.92
C HIS A 11 10.03 -2.74 -8.81
N LYS A 12 10.57 -3.95 -8.97
CA LYS A 12 11.30 -4.57 -7.87
C LYS A 12 12.49 -3.72 -7.41
N ALA A 13 13.10 -2.92 -8.29
CA ALA A 13 14.19 -2.01 -7.99
C ALA A 13 13.83 -1.01 -6.87
N SER A 14 13.07 0.04 -7.20
CA SER A 14 12.69 1.09 -6.26
C SER A 14 11.37 0.79 -5.52
N LYS A 15 10.87 -0.44 -5.66
CA LYS A 15 9.79 -1.02 -4.88
C LYS A 15 8.49 -0.24 -5.08
N THR A 16 8.18 0.13 -6.31
CA THR A 16 7.04 0.97 -6.64
C THR A 16 6.05 0.14 -7.44
N LEU A 17 4.96 -0.25 -6.81
CA LEU A 17 3.84 -0.89 -7.46
C LEU A 17 3.24 0.10 -8.44
N THR A 18 3.29 -0.21 -9.73
CA THR A 18 2.73 0.60 -10.78
C THR A 18 1.65 -0.22 -11.46
N LEU A 19 0.57 0.47 -11.82
CA LEU A 19 -0.67 -0.07 -12.35
C LEU A 19 -1.19 0.96 -13.36
N ARG A 20 -1.88 0.52 -14.41
CA ARG A 20 -2.45 1.41 -15.42
C ARG A 20 -3.97 1.39 -15.38
N TYR A 21 -4.61 2.24 -14.57
CA TYR A 21 -6.05 2.38 -14.45
C TYR A 21 -6.56 2.91 -15.80
N GLY A 22 -6.89 2.01 -16.72
CA GLY A 22 -7.44 2.38 -18.00
C GLY A 22 -6.39 2.95 -18.91
N GLU A 23 -6.38 4.27 -19.04
CA GLU A 23 -5.36 4.97 -19.80
C GLU A 23 -4.29 5.57 -18.89
N ASP A 24 -4.65 5.88 -17.62
CA ASP A 24 -3.80 6.66 -16.72
C ASP A 24 -2.83 5.67 -16.06
N SER A 25 -1.70 6.11 -15.50
CA SER A 25 -0.77 5.28 -14.74
C SER A 25 -0.43 5.87 -13.36
N TYR A 26 -0.61 5.09 -12.30
CA TYR A 26 -0.32 5.44 -10.91
C TYR A 26 0.76 4.51 -10.36
N ASP A 27 1.66 5.04 -9.53
CA ASP A 27 2.98 4.47 -9.23
C ASP A 27 3.17 4.54 -7.72
N LEU A 28 2.58 3.61 -7.00
CA LEU A 28 2.46 3.60 -5.54
C LEU A 28 3.72 3.01 -4.91
N PRO A 29 4.21 3.50 -3.75
CA PRO A 29 5.35 2.89 -3.06
C PRO A 29 4.97 1.57 -2.38
N ALA A 30 5.95 0.80 -1.92
CA ALA A 30 5.72 -0.37 -1.08
C ALA A 30 5.08 0.07 0.23
N GLU A 31 5.57 1.18 0.79
CA GLU A 31 5.17 1.70 2.09
C GLU A 31 3.67 2.02 2.15
N PHE A 32 3.06 2.33 1.00
CA PHE A 32 1.63 2.53 0.89
C PHE A 32 0.94 1.20 1.18
N LEU A 33 1.08 0.20 0.31
CA LEU A 33 0.20 -0.95 0.32
C LEU A 33 0.24 -1.72 1.63
N ARG A 34 1.41 -1.85 2.27
CA ARG A 34 1.52 -2.50 3.57
C ARG A 34 0.53 -1.91 4.60
N VAL A 35 0.40 -0.59 4.68
CA VAL A 35 -0.51 0.08 5.63
C VAL A 35 -1.93 0.22 5.06
N HIS A 36 -2.16 -0.24 3.83
CA HIS A 36 -3.45 -0.33 3.16
C HIS A 36 -3.81 -1.79 2.92
N SER A 37 -3.32 -2.71 3.76
CA SER A 37 -3.47 -4.14 3.66
C SER A 37 -4.51 -4.70 4.65
N PRO A 38 -5.81 -4.68 4.27
CA PRO A 38 -6.88 -5.27 5.06
C PRO A 38 -6.71 -6.79 5.02
N SER A 39 -6.17 -7.37 6.08
CA SER A 39 -6.07 -8.80 6.26
C SER A 39 -7.50 -9.32 6.48
N ALA A 40 -8.09 -9.92 5.43
CA ALA A 40 -9.45 -10.46 5.43
C ALA A 40 -9.57 -11.78 6.21
N GLU A 41 -8.45 -12.32 6.67
CA GLU A 41 -8.28 -13.72 7.02
C GLU A 41 -8.18 -13.89 8.54
N VAL A 42 -8.60 -12.84 9.25
CA VAL A 42 -8.41 -12.63 10.68
C VAL A 42 -9.55 -13.26 11.48
N GLN A 43 -10.77 -13.32 10.92
CA GLN A 43 -11.95 -13.92 11.57
C GLN A 43 -12.44 -13.01 12.72
N GLY A 44 -12.37 -11.70 12.51
CA GLY A 44 -12.71 -10.68 13.47
C GLY A 44 -11.64 -9.58 13.43
N HIS A 45 -11.32 -9.08 12.24
CA HIS A 45 -10.40 -7.96 12.09
C HIS A 45 -10.94 -6.75 12.87
N GLY A 46 -10.20 -6.28 13.87
CA GLY A 46 -10.62 -5.19 14.74
C GLY A 46 -10.50 -3.83 14.07
N ASN A 47 -10.74 -2.77 14.86
CA ASN A 47 -10.63 -1.36 14.47
C ASN A 47 -9.33 -1.05 13.72
N PRO A 48 -9.30 0.06 12.95
CA PRO A 48 -8.07 0.54 12.36
C PRO A 48 -7.07 0.91 13.45
N VAL A 49 -5.81 0.73 13.11
CA VAL A 49 -4.66 1.14 13.88
C VAL A 49 -3.70 1.77 12.90
N LEU A 50 -3.13 2.90 13.29
CA LEU A 50 -2.22 3.65 12.46
C LEU A 50 -0.91 2.88 12.31
N GLN A 51 -0.62 2.38 11.11
CA GLN A 51 0.58 1.59 10.87
C GLN A 51 1.70 2.54 10.46
N TYR A 52 2.61 2.83 11.40
CA TYR A 52 3.76 3.69 11.19
C TYR A 52 5.04 2.85 11.03
N GLY A 53 6.21 3.51 10.99
CA GLY A 53 7.49 2.84 10.83
C GLY A 53 7.56 2.05 9.53
N LYS A 54 7.65 2.76 8.40
CA LYS A 54 7.57 2.19 7.05
C LYS A 54 8.31 3.02 6.00
N LEU A 55 9.14 4.00 6.38
CA LEU A 55 9.88 4.83 5.44
C LEU A 55 10.80 3.99 4.55
N ASN A 56 11.34 2.89 5.09
CA ASN A 56 12.50 2.21 4.52
C ASN A 56 12.12 0.88 3.86
N VAL A 57 10.82 0.55 3.80
CA VAL A 57 10.25 -0.67 3.24
C VAL A 57 10.74 -0.93 1.82
N GLY A 58 10.65 -2.20 1.43
CA GLY A 58 10.64 -2.59 0.05
C GLY A 58 9.65 -3.72 -0.18
N LEU A 59 9.58 -4.16 -1.43
CA LEU A 59 8.70 -5.22 -1.89
C LEU A 59 9.57 -6.27 -2.55
N VAL A 60 9.00 -7.45 -2.69
CA VAL A 60 9.73 -8.67 -2.97
C VAL A 60 9.06 -9.43 -4.09
N GLY A 61 7.74 -9.43 -4.11
CA GLY A 61 7.02 -10.23 -5.08
C GLY A 61 5.55 -9.85 -5.18
N VAL A 62 4.95 -10.13 -6.33
CA VAL A 62 3.51 -10.09 -6.54
C VAL A 62 3.18 -11.01 -7.71
N GLU A 63 2.16 -11.82 -7.53
CA GLU A 63 1.60 -12.76 -8.50
C GLU A 63 0.07 -12.90 -8.30
N PRO A 64 -0.69 -13.16 -9.37
CA PRO A 64 -2.15 -13.25 -9.32
C PRO A 64 -2.59 -14.47 -8.50
N ALA A 65 -3.74 -14.32 -7.85
CA ALA A 65 -4.28 -15.24 -6.86
C ALA A 65 -5.71 -15.60 -7.26
N GLY A 66 -5.99 -16.89 -7.42
CA GLY A 66 -7.31 -17.43 -7.77
C GLY A 66 -7.80 -17.03 -9.16
N GLN A 67 -7.20 -16.04 -9.82
CA GLN A 67 -7.61 -15.28 -10.99
C GLN A 67 -8.68 -14.23 -10.65
N TYR A 68 -8.83 -13.85 -9.38
CA TYR A 68 -9.81 -12.86 -8.93
C TYR A 68 -9.22 -11.84 -7.97
N ALA A 69 -7.95 -12.01 -7.63
CA ALA A 69 -7.30 -11.33 -6.57
C ALA A 69 -5.80 -11.33 -6.89
N LEU A 70 -5.02 -10.63 -6.08
CA LEU A 70 -3.57 -10.57 -6.21
C LEU A 70 -2.97 -10.97 -4.87
N LYS A 71 -1.70 -11.35 -4.91
CA LYS A 71 -0.96 -11.76 -3.75
C LYS A 71 0.24 -10.83 -3.61
N LEU A 72 0.18 -9.94 -2.64
CA LEU A 72 1.24 -9.01 -2.29
C LEU A 72 2.12 -9.63 -1.22
N SER A 73 3.43 -9.67 -1.47
CA SER A 73 4.46 -9.99 -0.51
C SER A 73 5.23 -8.70 -0.28
N PHE A 74 5.16 -8.13 0.91
CA PHE A 74 5.99 -7.01 1.31
C PHE A 74 7.24 -7.60 1.95
N ASP A 75 8.37 -6.90 1.86
CA ASP A 75 9.56 -7.36 2.60
C ASP A 75 9.33 -7.19 4.10
N ASP A 76 8.78 -6.04 4.49
CA ASP A 76 8.51 -5.65 5.87
C ASP A 76 7.06 -6.02 6.23
N GLY A 77 6.59 -7.19 5.79
CA GLY A 77 5.28 -7.69 6.16
C GLY A 77 5.08 -9.11 5.69
N HIS A 78 4.06 -9.77 6.27
CA HIS A 78 3.72 -11.16 6.01
C HIS A 78 2.94 -11.32 4.70
N ASP A 79 2.59 -12.57 4.37
CA ASP A 79 1.81 -12.99 3.20
C ASP A 79 0.50 -13.64 3.67
N SER A 80 -0.45 -12.86 4.18
CA SER A 80 -1.77 -13.33 4.58
C SER A 80 -2.79 -12.22 4.33
N GLY A 81 -3.41 -12.20 3.15
CA GLY A 81 -4.48 -11.27 2.89
C GLY A 81 -5.06 -11.40 1.49
N LEU A 82 -6.25 -10.82 1.36
CA LEU A 82 -7.01 -10.64 0.14
C LEU A 82 -6.93 -9.16 -0.22
N PHE A 83 -6.84 -8.84 -1.51
CA PHE A 83 -6.96 -7.49 -2.04
C PHE A 83 -8.05 -7.41 -3.12
N THR A 84 -8.67 -8.53 -3.53
CA THR A 84 -9.46 -8.61 -4.77
C THR A 84 -8.67 -7.98 -5.94
N TRP A 85 -9.33 -7.68 -7.06
CA TRP A 85 -8.81 -6.79 -8.08
C TRP A 85 -9.38 -5.38 -7.98
N ASP A 86 -10.64 -5.21 -7.56
CA ASP A 86 -11.31 -3.91 -7.69
C ASP A 86 -10.62 -2.88 -6.80
N TYR A 87 -10.54 -3.18 -5.50
CA TYR A 87 -9.84 -2.43 -4.47
C TYR A 87 -8.40 -2.07 -4.87
N LEU A 88 -7.69 -2.90 -5.66
CA LEU A 88 -6.32 -2.56 -6.06
C LEU A 88 -6.29 -1.36 -6.99
N TYR A 89 -7.06 -1.40 -8.07
CA TYR A 89 -7.17 -0.28 -8.99
C TYR A 89 -7.92 0.89 -8.35
N GLU A 90 -8.73 0.65 -7.33
CA GLU A 90 -9.39 1.68 -6.55
C GLU A 90 -8.32 2.47 -5.77
N LEU A 91 -7.54 1.78 -4.94
CA LEU A 91 -6.38 2.32 -4.24
C LEU A 91 -5.46 3.07 -5.21
N ALA A 92 -5.25 2.54 -6.43
CA ALA A 92 -4.39 3.13 -7.45
C ALA A 92 -4.68 4.62 -7.62
N THR A 93 -5.97 4.98 -7.73
CA THR A 93 -6.40 6.36 -8.01
C THR A 93 -6.84 7.10 -6.73
N ARG A 94 -7.12 6.37 -5.64
CA ARG A 94 -7.50 6.96 -4.36
C ARG A 94 -6.28 7.37 -3.54
N LYS A 95 -5.08 6.91 -3.92
CA LYS A 95 -3.84 7.01 -3.18
C LYS A 95 -3.64 8.39 -2.57
N ASP A 96 -3.68 9.46 -3.36
CA ASP A 96 -3.47 10.83 -2.91
C ASP A 96 -4.33 11.19 -1.69
N GLN A 97 -5.60 10.78 -1.73
CA GLN A 97 -6.55 11.00 -0.65
C GLN A 97 -6.10 10.24 0.59
N LEU A 98 -5.93 8.92 0.43
CA LEU A 98 -5.57 8.02 1.53
C LEU A 98 -4.28 8.47 2.18
N TRP A 99 -3.32 8.84 1.35
CA TRP A 99 -1.98 9.10 1.75
C TRP A 99 -1.91 10.36 2.60
N ALA A 100 -2.53 11.44 2.15
CA ALA A 100 -2.57 12.68 2.92
C ALA A 100 -3.25 12.48 4.28
N ASP A 101 -4.34 11.70 4.30
CA ASP A 101 -5.04 11.26 5.51
C ASP A 101 -4.03 10.54 6.43
N TYR A 102 -3.28 9.59 5.87
CA TYR A 102 -2.19 8.85 6.52
C TYR A 102 -1.04 9.74 7.03
N LEU A 103 -0.74 10.87 6.40
CA LEU A 103 0.27 11.81 6.91
C LEU A 103 -0.26 12.54 8.13
N ALA A 104 -1.49 13.07 8.05
CA ALA A 104 -2.08 13.84 9.14
C ALA A 104 -2.22 12.97 10.40
N GLU A 105 -2.60 11.71 10.22
CA GLU A 105 -2.63 10.70 11.26
C GLU A 105 -1.24 10.59 11.90
N LEU A 106 -0.18 10.35 11.11
CA LEU A 106 1.19 10.21 11.61
C LEU A 106 1.66 11.46 12.35
N ALA A 107 1.25 12.63 11.85
CA ALA A 107 1.57 13.92 12.43
C ALA A 107 0.96 13.99 13.83
N SER A 108 -0.35 13.72 13.92
CA SER A 108 -1.11 13.74 15.15
C SER A 108 -0.48 12.78 16.16
N ALA A 109 -0.32 11.51 15.79
CA ALA A 109 0.08 10.44 16.68
C ALA A 109 1.50 10.58 17.23
N GLY A 110 2.27 11.56 16.78
CA GLY A 110 3.61 11.83 17.30
C GLY A 110 4.56 10.65 17.03
N LYS A 111 4.46 10.04 15.84
CA LYS A 111 5.45 9.07 15.34
C LYS A 111 5.92 9.57 13.98
N SER A 112 6.59 8.72 13.22
CA SER A 112 7.02 9.06 11.88
C SER A 112 6.99 7.84 10.98
N ARG A 113 7.29 8.10 9.71
CA ARG A 113 7.60 7.05 8.77
C ARG A 113 8.90 6.38 9.14
N ASP A 114 9.88 7.13 9.62
CA ASP A 114 11.05 6.48 10.23
C ASP A 114 10.63 5.98 11.60
N PRO A 115 11.22 4.89 12.11
CA PRO A 115 10.83 4.32 13.38
C PRO A 115 11.16 5.26 14.54
N ASP A 116 12.32 5.92 14.48
CA ASP A 116 12.84 6.73 15.56
C ASP A 116 13.34 8.05 14.98
N GLU A 117 12.39 8.87 14.52
CA GLU A 117 12.62 10.09 13.75
C GLU A 117 12.53 11.34 14.65
N SER A 118 13.51 12.25 14.56
CA SER A 118 13.64 13.48 15.33
C SER A 118 14.42 14.51 14.53
N VAL A 119 13.70 15.35 13.79
CA VAL A 119 14.25 16.51 13.08
C VAL A 119 13.16 17.56 12.93
N VAL A 120 13.58 18.77 12.58
CA VAL A 120 12.75 19.89 12.20
C VAL A 120 12.68 19.96 10.67
N LYS A 121 11.85 19.12 10.04
CA LYS A 121 11.61 19.19 8.60
C LYS A 121 10.41 20.11 8.39
N LEU A 122 9.18 19.61 8.47
CA LEU A 122 7.97 20.42 8.26
C LEU A 122 6.73 19.70 8.78
N MET A 123 5.59 20.36 8.76
CA MET A 123 4.27 19.75 8.75
C MET A 123 3.35 20.54 7.80
N LEU A 124 3.20 21.85 8.05
CA LEU A 124 2.25 22.72 7.35
C LEU A 124 2.99 24.00 6.96
N GLY A 1 -17.58 -8.29 -15.27
CA GLY A 1 -16.29 -8.84 -15.69
C GLY A 1 -15.20 -8.20 -14.85
N MET A 2 -14.37 -9.01 -14.20
CA MET A 2 -13.39 -8.51 -13.25
C MET A 2 -12.35 -7.65 -13.94
N ARG A 3 -11.85 -6.65 -13.22
CA ARG A 3 -10.69 -5.87 -13.60
C ARG A 3 -9.45 -6.74 -13.34
N ILE A 4 -9.18 -7.70 -14.22
CA ILE A 4 -8.00 -8.55 -14.07
C ILE A 4 -6.86 -7.82 -14.76
N PRO A 5 -5.73 -7.59 -14.09
CA PRO A 5 -4.64 -6.80 -14.66
C PRO A 5 -4.00 -7.48 -15.86
N SER A 6 -3.34 -6.65 -16.67
CA SER A 6 -2.45 -7.07 -17.76
C SER A 6 -1.05 -6.49 -17.58
N ALA A 7 -0.82 -5.75 -16.49
CA ALA A 7 0.51 -5.40 -16.00
C ALA A 7 0.51 -5.62 -14.49
N ILE A 8 1.58 -6.22 -13.99
CA ILE A 8 1.92 -6.37 -12.59
C ILE A 8 3.37 -5.89 -12.52
N GLN A 9 3.57 -4.58 -12.57
CA GLN A 9 4.89 -4.00 -12.42
C GLN A 9 5.17 -3.90 -10.93
N LEU A 10 6.23 -4.57 -10.44
CA LEU A 10 6.62 -4.52 -9.04
C LEU A 10 7.84 -3.60 -8.80
N HIS A 11 8.40 -3.03 -9.88
CA HIS A 11 9.52 -2.09 -9.90
C HIS A 11 10.62 -2.53 -8.93
N LYS A 12 11.22 -3.71 -9.14
CA LYS A 12 12.13 -4.29 -8.17
C LYS A 12 13.33 -3.41 -7.83
N ALA A 13 13.66 -2.42 -8.64
CA ALA A 13 14.57 -1.35 -8.26
C ALA A 13 13.93 -0.49 -7.14
N SER A 14 13.13 0.51 -7.50
CA SER A 14 12.67 1.56 -6.58
C SER A 14 11.42 1.21 -5.77
N LYS A 15 10.97 -0.06 -5.78
CA LYS A 15 9.95 -0.62 -4.88
C LYS A 15 8.61 0.11 -4.99
N THR A 16 8.04 0.10 -6.20
CA THR A 16 6.76 0.69 -6.53
C THR A 16 5.85 -0.40 -7.10
N LEU A 17 4.57 -0.41 -6.72
CA LEU A 17 3.55 -1.19 -7.40
C LEU A 17 3.00 -0.31 -8.51
N THR A 18 2.91 -0.85 -9.72
CA THR A 18 2.23 -0.16 -10.81
C THR A 18 1.26 -1.09 -11.51
N LEU A 19 0.10 -0.52 -11.88
CA LEU A 19 -1.05 -1.21 -12.42
C LEU A 19 -1.56 -0.49 -13.65
N ARG A 20 -2.42 -1.17 -14.40
CA ARG A 20 -3.00 -0.71 -15.66
C ARG A 20 -4.53 -0.78 -15.63
N TYR A 21 -5.21 0.22 -15.06
CA TYR A 21 -6.65 0.38 -14.92
C TYR A 21 -7.27 0.56 -16.31
N GLY A 22 -7.34 -0.54 -17.07
CA GLY A 22 -7.86 -0.57 -18.42
C GLY A 22 -6.91 0.16 -19.36
N GLU A 23 -7.20 1.43 -19.61
CA GLU A 23 -6.41 2.29 -20.48
C GLU A 23 -5.42 3.17 -19.71
N ASP A 24 -5.60 3.30 -18.40
CA ASP A 24 -4.82 4.23 -17.58
C ASP A 24 -3.68 3.50 -16.89
N SER A 25 -2.68 4.22 -16.38
CA SER A 25 -1.51 3.69 -15.69
C SER A 25 -1.26 4.46 -14.40
N TYR A 26 -1.27 3.77 -13.24
CA TYR A 26 -1.01 4.37 -11.95
C TYR A 26 0.05 3.58 -11.21
N ASP A 27 0.93 4.31 -10.53
CA ASP A 27 2.17 3.87 -9.90
C ASP A 27 2.14 4.33 -8.44
N LEU A 28 1.86 3.40 -7.53
CA LEU A 28 1.72 3.71 -6.11
C LEU A 28 2.94 3.14 -5.34
N PRO A 29 3.41 3.85 -4.30
CA PRO A 29 4.63 3.48 -3.58
C PRO A 29 4.38 2.33 -2.61
N ALA A 30 5.44 1.66 -2.15
CA ALA A 30 5.29 0.63 -1.12
C ALA A 30 4.81 1.27 0.20
N GLU A 31 5.15 2.54 0.44
CA GLU A 31 4.68 3.26 1.63
C GLU A 31 3.15 3.49 1.62
N PHE A 32 2.50 3.47 0.44
CA PHE A 32 1.05 3.70 0.28
C PHE A 32 0.29 2.46 0.75
N LEU A 33 0.38 1.35 0.02
CA LEU A 33 -0.41 0.17 0.32
C LEU A 33 -0.16 -0.33 1.72
N ARG A 34 1.06 -0.17 2.25
CA ARG A 34 1.34 -0.44 3.65
C ARG A 34 0.25 0.14 4.59
N VAL A 35 -0.10 1.42 4.47
CA VAL A 35 -1.12 2.00 5.35
C VAL A 35 -2.52 1.45 5.05
N HIS A 36 -2.75 0.91 3.85
CA HIS A 36 -4.05 0.42 3.38
C HIS A 36 -4.10 -1.13 3.34
N SER A 37 -3.11 -1.85 3.89
CA SER A 37 -2.93 -3.29 3.87
C SER A 37 -3.88 -4.01 4.86
N PRO A 38 -5.12 -4.37 4.47
CA PRO A 38 -6.17 -4.70 5.42
C PRO A 38 -6.09 -6.17 5.81
N SER A 39 -4.99 -6.56 6.45
CA SER A 39 -4.56 -7.92 6.75
C SER A 39 -4.36 -8.76 5.47
N ALA A 40 -3.72 -9.93 5.61
CA ALA A 40 -3.65 -10.95 4.57
C ALA A 40 -4.44 -12.21 4.89
N GLU A 41 -4.75 -12.47 6.17
CA GLU A 41 -5.20 -13.79 6.60
C GLU A 41 -6.39 -13.79 7.54
N VAL A 42 -7.05 -12.64 7.62
CA VAL A 42 -8.21 -12.37 8.46
C VAL A 42 -9.42 -12.01 7.58
N GLN A 43 -9.19 -11.74 6.29
CA GLN A 43 -10.17 -11.51 5.23
C GLN A 43 -10.83 -10.12 5.32
N GLY A 44 -10.31 -9.26 6.20
CA GLY A 44 -10.70 -7.87 6.36
C GLY A 44 -10.91 -7.60 7.84
N HIS A 45 -12.10 -7.12 8.19
CA HIS A 45 -12.68 -7.10 9.53
C HIS A 45 -11.92 -6.26 10.58
N GLY A 46 -10.88 -5.54 10.19
CA GLY A 46 -10.09 -4.76 11.14
C GLY A 46 -10.91 -3.62 11.71
N ASN A 47 -10.72 -3.34 12.99
CA ASN A 47 -11.05 -2.04 13.57
C ASN A 47 -10.24 -0.95 12.86
N PRO A 48 -10.70 0.30 12.78
CA PRO A 48 -9.91 1.40 12.22
C PRO A 48 -8.74 1.73 13.16
N VAL A 49 -7.52 1.60 12.68
CA VAL A 49 -6.29 1.90 13.38
C VAL A 49 -5.32 2.65 12.47
N LEU A 50 -4.77 3.75 12.97
CA LEU A 50 -3.86 4.56 12.18
C LEU A 50 -2.53 3.85 12.04
N GLN A 51 -2.02 3.84 10.81
CA GLN A 51 -0.83 3.15 10.38
C GLN A 51 0.27 4.20 10.16
N TYR A 52 1.14 4.36 11.15
CA TYR A 52 2.29 5.27 11.08
C TYR A 52 3.58 4.46 11.22
N GLY A 53 4.71 5.15 11.39
CA GLY A 53 6.02 4.57 11.74
C GLY A 53 6.35 3.33 10.93
N LYS A 54 6.53 3.48 9.61
CA LYS A 54 6.85 2.38 8.69
C LYS A 54 7.60 2.81 7.44
N LEU A 55 7.95 4.08 7.20
CA LEU A 55 8.48 4.56 5.91
C LEU A 55 9.69 3.80 5.38
N ASN A 56 10.41 3.08 6.24
CA ASN A 56 11.57 2.29 5.85
C ASN A 56 11.17 0.99 5.14
N VAL A 57 9.86 0.70 5.06
CA VAL A 57 9.26 -0.40 4.34
C VAL A 57 9.73 -0.41 2.90
N GLY A 58 9.84 -1.59 2.32
CA GLY A 58 9.97 -1.72 0.89
C GLY A 58 9.21 -2.94 0.39
N LEU A 59 9.00 -2.93 -0.92
CA LEU A 59 8.40 -4.05 -1.62
C LEU A 59 9.42 -5.17 -1.72
N VAL A 60 8.91 -6.40 -1.78
CA VAL A 60 9.67 -7.62 -2.04
C VAL A 60 9.07 -8.41 -3.19
N GLY A 61 7.75 -8.37 -3.40
CA GLY A 61 7.05 -9.15 -4.43
C GLY A 61 5.67 -8.59 -4.78
N VAL A 62 5.28 -8.65 -6.06
CA VAL A 62 3.92 -8.41 -6.53
C VAL A 62 3.72 -9.39 -7.69
N GLU A 63 2.82 -10.34 -7.50
CA GLU A 63 2.41 -11.41 -8.40
C GLU A 63 0.95 -11.81 -8.13
N PRO A 64 0.27 -12.41 -9.11
CA PRO A 64 -1.13 -12.83 -9.01
C PRO A 64 -1.28 -13.99 -8.03
N ALA A 65 -1.97 -13.77 -6.91
CA ALA A 65 -2.34 -14.85 -6.01
C ALA A 65 -3.55 -15.62 -6.58
N GLY A 66 -3.30 -16.42 -7.62
CA GLY A 66 -4.23 -17.36 -8.19
C GLY A 66 -4.93 -16.76 -9.40
N GLN A 67 -6.24 -16.55 -9.28
CA GLN A 67 -7.10 -16.06 -10.36
C GLN A 67 -7.98 -14.89 -9.91
N TYR A 68 -7.95 -14.53 -8.62
CA TYR A 68 -8.89 -13.60 -8.00
C TYR A 68 -8.26 -12.66 -6.98
N ALA A 69 -6.98 -12.80 -6.67
CA ALA A 69 -6.33 -11.99 -5.64
C ALA A 69 -4.88 -11.69 -6.05
N LEU A 70 -4.15 -10.93 -5.25
CA LEU A 70 -2.79 -10.50 -5.55
C LEU A 70 -1.90 -10.71 -4.32
N LYS A 71 -0.84 -11.50 -4.47
CA LYS A 71 -0.01 -11.98 -3.35
C LYS A 71 0.55 -10.89 -2.44
N LEU A 72 0.87 -9.74 -3.04
CA LEU A 72 1.19 -8.46 -2.46
C LEU A 72 2.11 -8.58 -1.24
N SER A 73 3.40 -8.51 -1.49
CA SER A 73 4.42 -9.01 -0.57
C SER A 73 5.27 -7.82 -0.18
N PHE A 74 5.03 -7.27 1.01
CA PHE A 74 5.71 -6.10 1.51
C PHE A 74 6.55 -6.57 2.70
N ASP A 75 7.76 -6.04 2.81
CA ASP A 75 8.71 -6.49 3.83
C ASP A 75 8.28 -6.11 5.25
N ASP A 76 7.25 -5.27 5.39
CA ASP A 76 6.51 -5.01 6.63
C ASP A 76 5.67 -6.21 7.12
N GLY A 77 5.57 -7.28 6.34
CA GLY A 77 5.10 -8.57 6.83
C GLY A 77 3.59 -8.74 6.79
N HIS A 78 3.11 -9.88 7.32
CA HIS A 78 1.74 -10.39 7.21
C HIS A 78 1.31 -10.38 5.75
N ASP A 79 1.83 -11.33 4.96
CA ASP A 79 1.68 -11.35 3.50
C ASP A 79 1.27 -12.74 3.02
N SER A 80 0.16 -12.83 2.28
CA SER A 80 -0.42 -14.06 1.73
C SER A 80 -1.35 -13.70 0.55
N GLY A 81 -2.06 -14.69 0.02
CA GLY A 81 -2.87 -14.55 -1.19
C GLY A 81 -4.20 -13.87 -0.92
N LEU A 82 -4.15 -12.55 -0.76
CA LEU A 82 -5.27 -11.68 -0.45
C LEU A 82 -5.31 -10.53 -1.47
N PHE A 83 -6.03 -9.45 -1.19
CA PHE A 83 -6.25 -8.31 -2.09
C PHE A 83 -7.01 -8.73 -3.35
N THR A 84 -8.33 -8.60 -3.34
CA THR A 84 -9.16 -8.89 -4.51
C THR A 84 -9.02 -7.81 -5.59
N TRP A 85 -9.42 -8.16 -6.82
CA TRP A 85 -9.17 -7.36 -8.00
C TRP A 85 -9.89 -6.01 -8.00
N ASP A 86 -11.14 -5.97 -7.54
CA ASP A 86 -11.94 -4.75 -7.47
C ASP A 86 -11.22 -3.74 -6.56
N TYR A 87 -10.81 -4.18 -5.38
CA TYR A 87 -10.10 -3.38 -4.39
C TYR A 87 -8.79 -2.82 -4.94
N LEU A 88 -8.00 -3.67 -5.61
CA LEU A 88 -6.70 -3.27 -6.13
C LEU A 88 -6.85 -2.14 -7.16
N TYR A 89 -7.74 -2.33 -8.13
CA TYR A 89 -7.94 -1.35 -9.18
C TYR A 89 -8.69 -0.13 -8.72
N GLU A 90 -9.46 -0.21 -7.64
CA GLU A 90 -10.03 0.95 -6.98
C GLU A 90 -8.90 1.85 -6.50
N LEU A 91 -8.01 1.30 -5.66
CA LEU A 91 -6.94 2.06 -5.03
C LEU A 91 -6.03 2.70 -6.08
N ALA A 92 -5.74 1.99 -7.18
CA ALA A 92 -4.94 2.47 -8.31
C ALA A 92 -5.39 3.87 -8.74
N THR A 93 -6.69 4.06 -8.94
CA THR A 93 -7.28 5.28 -9.50
C THR A 93 -7.84 6.19 -8.39
N ARG A 94 -7.56 5.90 -7.12
CA ARG A 94 -7.99 6.68 -5.95
C ARG A 94 -6.80 7.15 -5.10
N LYS A 95 -5.59 6.70 -5.40
CA LYS A 95 -4.41 6.77 -4.53
C LYS A 95 -4.27 8.13 -3.88
N ASP A 96 -4.16 9.19 -4.67
CA ASP A 96 -3.85 10.53 -4.20
C ASP A 96 -4.78 10.96 -3.07
N GLN A 97 -6.07 10.61 -3.16
CA GLN A 97 -7.06 10.87 -2.15
C GLN A 97 -6.78 10.02 -0.89
N LEU A 98 -6.70 8.68 -1.01
CA LEU A 98 -6.42 7.80 0.13
C LEU A 98 -5.15 8.20 0.85
N TRP A 99 -4.18 8.66 0.07
CA TRP A 99 -2.89 9.07 0.54
C TRP A 99 -3.01 10.38 1.31
N ALA A 100 -3.69 11.38 0.76
CA ALA A 100 -3.95 12.65 1.43
C ALA A 100 -4.81 12.44 2.69
N ASP A 101 -5.74 11.48 2.66
CA ASP A 101 -6.59 11.10 3.79
C ASP A 101 -5.70 10.54 4.91
N TYR A 102 -4.86 9.55 4.61
CA TYR A 102 -3.96 9.01 5.62
C TYR A 102 -2.86 9.99 6.04
N LEU A 103 -2.45 10.93 5.18
CA LEU A 103 -1.59 12.06 5.57
C LEU A 103 -2.32 12.92 6.60
N ALA A 104 -3.61 13.19 6.38
CA ALA A 104 -4.41 13.94 7.32
C ALA A 104 -4.42 13.21 8.64
N GLU A 105 -4.72 11.90 8.65
CA GLU A 105 -4.70 11.15 9.90
C GLU A 105 -3.33 11.18 10.57
N LEU A 106 -2.23 11.01 9.84
CA LEU A 106 -0.89 11.05 10.41
C LEU A 106 -0.62 12.39 11.10
N ALA A 107 -0.95 13.46 10.40
CA ALA A 107 -0.79 14.83 10.85
C ALA A 107 -1.69 15.08 12.06
N SER A 108 -2.93 14.62 12.01
CA SER A 108 -3.98 14.81 13.01
C SER A 108 -3.69 14.01 14.28
N ALA A 109 -3.05 12.84 14.19
CA ALA A 109 -2.56 12.09 15.34
C ALA A 109 -1.24 12.68 15.86
N GLY A 110 -0.61 13.60 15.13
CA GLY A 110 0.68 14.18 15.48
C GLY A 110 1.79 13.15 15.52
N LYS A 111 1.73 12.10 14.70
CA LYS A 111 2.82 11.13 14.56
C LYS A 111 3.55 11.38 13.26
N SER A 112 4.45 10.47 12.87
CA SER A 112 5.17 10.54 11.62
C SER A 112 5.26 9.14 11.01
N ARG A 113 5.44 9.07 9.69
CA ARG A 113 5.65 7.79 9.02
C ARG A 113 7.08 7.31 9.18
N ASP A 114 8.03 8.23 9.36
CA ASP A 114 9.44 7.89 9.57
C ASP A 114 9.66 7.39 11.00
N PRO A 115 10.72 6.62 11.25
CA PRO A 115 10.92 5.91 12.52
C PRO A 115 11.39 6.77 13.68
N ASP A 116 12.03 7.91 13.41
CA ASP A 116 12.67 8.77 14.39
C ASP A 116 12.61 10.21 13.86
N GLU A 117 11.43 10.55 13.34
CA GLU A 117 11.22 11.67 12.45
C GLU A 117 11.39 13.01 13.18
N SER A 118 12.05 14.00 12.57
CA SER A 118 12.35 15.28 13.18
C SER A 118 12.33 16.39 12.13
N VAL A 119 11.15 16.97 11.87
CA VAL A 119 10.98 18.17 11.07
C VAL A 119 11.58 19.39 11.79
N VAL A 120 12.90 19.58 11.65
CA VAL A 120 13.72 20.64 12.22
C VAL A 120 13.50 20.81 13.74
N LYS A 121 13.14 19.71 14.43
CA LYS A 121 13.00 19.63 15.88
C LYS A 121 14.18 18.90 16.54
N LEU A 122 15.00 18.18 15.77
CA LEU A 122 16.31 17.75 16.25
C LEU A 122 17.18 18.99 16.14
N MET A 123 17.78 19.40 17.25
CA MET A 123 18.72 20.50 17.34
C MET A 123 20.10 19.98 16.90
N LEU A 124 21.17 20.59 17.41
CA LEU A 124 22.40 19.83 17.63
C LEU A 124 22.04 18.56 18.40
N GLY A 1 -16.57 -8.68 -16.63
CA GLY A 1 -15.98 -9.73 -15.77
C GLY A 1 -14.96 -9.12 -14.84
N MET A 2 -14.13 -9.96 -14.21
CA MET A 2 -13.17 -9.56 -13.21
C MET A 2 -12.16 -8.57 -13.79
N ARG A 3 -11.99 -7.46 -13.07
CA ARG A 3 -11.00 -6.43 -13.32
C ARG A 3 -9.62 -6.99 -13.01
N ILE A 4 -8.99 -7.67 -13.97
CA ILE A 4 -7.65 -8.22 -13.83
C ILE A 4 -6.72 -7.44 -14.77
N PRO A 5 -5.58 -6.93 -14.31
CA PRO A 5 -4.63 -6.24 -15.16
C PRO A 5 -3.96 -7.17 -16.16
N SER A 6 -3.18 -6.53 -17.03
CA SER A 6 -2.28 -7.17 -17.97
C SER A 6 -0.88 -6.54 -17.90
N ALA A 7 -0.73 -5.41 -17.17
CA ALA A 7 0.56 -4.91 -16.77
C ALA A 7 0.58 -4.79 -15.25
N ILE A 8 1.41 -5.61 -14.61
CA ILE A 8 1.82 -5.50 -13.23
C ILE A 8 3.29 -5.11 -13.33
N GLN A 9 3.53 -3.83 -13.50
CA GLN A 9 4.88 -3.28 -13.52
C GLN A 9 5.28 -3.06 -12.07
N LEU A 10 6.05 -3.98 -11.49
CA LEU A 10 6.52 -3.89 -10.10
C LEU A 10 7.54 -2.77 -9.90
N HIS A 11 8.31 -2.46 -10.94
CA HIS A 11 9.48 -1.58 -10.94
C HIS A 11 10.41 -1.91 -9.75
N LYS A 12 11.14 -3.02 -9.86
CA LYS A 12 12.15 -3.42 -8.88
C LYS A 12 13.08 -2.26 -8.51
N ALA A 13 13.40 -1.36 -9.45
CA ALA A 13 14.39 -0.31 -9.20
C ALA A 13 13.90 0.82 -8.28
N SER A 14 12.59 1.02 -8.04
CA SER A 14 12.08 2.05 -7.10
C SER A 14 10.80 1.61 -6.35
N LYS A 15 10.38 0.37 -6.50
CA LYS A 15 9.21 -0.23 -5.89
C LYS A 15 7.95 0.59 -6.18
N THR A 16 7.54 0.63 -7.45
CA THR A 16 6.39 1.37 -7.94
C THR A 16 5.50 0.38 -8.69
N LEU A 17 4.34 0.00 -8.14
CA LEU A 17 3.40 -0.87 -8.83
C LEU A 17 2.56 -0.06 -9.81
N THR A 18 2.87 -0.15 -11.09
CA THR A 18 2.12 0.51 -12.15
C THR A 18 1.14 -0.44 -12.78
N LEU A 19 -0.08 0.07 -12.92
CA LEU A 19 -1.19 -0.61 -13.52
C LEU A 19 -1.76 0.20 -14.64
N ARG A 20 -2.61 -0.51 -15.37
CA ARG A 20 -3.33 0.08 -16.51
C ARG A 20 -4.84 -0.17 -16.47
N TYR A 21 -5.59 0.58 -15.66
CA TYR A 21 -7.05 0.49 -15.52
C TYR A 21 -7.71 0.86 -16.85
N GLY A 22 -7.92 -0.14 -17.69
CA GLY A 22 -8.49 0.04 -19.01
C GLY A 22 -7.57 0.92 -19.84
N GLU A 23 -8.01 2.14 -20.10
CA GLU A 23 -7.36 3.05 -21.02
C GLU A 23 -6.34 3.93 -20.26
N ASP A 24 -6.30 3.85 -18.93
CA ASP A 24 -5.67 4.85 -18.07
C ASP A 24 -4.55 4.14 -17.30
N SER A 25 -3.39 4.76 -17.05
CA SER A 25 -2.25 4.13 -16.38
C SER A 25 -1.76 4.99 -15.22
N TYR A 26 -1.55 4.34 -14.08
CA TYR A 26 -1.34 4.88 -12.74
C TYR A 26 -0.12 4.19 -12.13
N ASP A 27 0.83 4.92 -11.56
CA ASP A 27 2.15 4.43 -11.17
C ASP A 27 2.34 4.54 -9.64
N LEU A 28 1.83 3.57 -8.88
CA LEU A 28 1.61 3.76 -7.45
C LEU A 28 2.83 3.32 -6.60
N PRO A 29 3.15 4.00 -5.48
CA PRO A 29 4.28 3.62 -4.63
C PRO A 29 3.96 2.41 -3.76
N ALA A 30 5.01 1.64 -3.43
CA ALA A 30 4.93 0.52 -2.50
C ALA A 30 4.35 0.95 -1.15
N GLU A 31 4.71 2.14 -0.64
CA GLU A 31 4.25 2.58 0.66
C GLU A 31 2.74 2.83 0.72
N PHE A 32 2.09 3.18 -0.41
CA PHE A 32 0.63 3.29 -0.45
C PHE A 32 0.01 1.93 -0.20
N LEU A 33 0.46 0.94 -0.98
CA LEU A 33 -0.04 -0.44 -0.92
C LEU A 33 0.09 -1.01 0.48
N ARG A 34 1.23 -0.83 1.14
CA ARG A 34 1.46 -1.38 2.48
C ARG A 34 0.43 -0.90 3.48
N VAL A 35 0.04 0.38 3.46
CA VAL A 35 -0.83 0.90 4.52
C VAL A 35 -2.29 0.58 4.21
N HIS A 36 -2.72 0.57 2.94
CA HIS A 36 -4.10 0.20 2.59
C HIS A 36 -4.26 -1.32 2.40
N SER A 37 -3.62 -2.10 3.28
CA SER A 37 -3.46 -3.55 3.20
C SER A 37 -4.39 -4.25 4.20
N PRO A 38 -5.66 -4.55 3.84
CA PRO A 38 -6.54 -5.34 4.68
C PRO A 38 -6.06 -6.78 4.72
N SER A 39 -6.38 -7.49 5.81
CA SER A 39 -6.11 -8.89 5.99
C SER A 39 -7.39 -9.72 5.76
N ALA A 40 -7.23 -11.04 5.61
CA ALA A 40 -8.36 -11.94 5.50
C ALA A 40 -9.12 -12.05 6.82
N GLU A 41 -8.41 -11.90 7.94
CA GLU A 41 -8.83 -12.27 9.29
C GLU A 41 -9.58 -11.16 10.02
N VAL A 42 -10.18 -10.25 9.26
CA VAL A 42 -10.68 -8.98 9.75
C VAL A 42 -12.09 -9.13 10.29
N GLN A 43 -12.85 -10.15 9.88
CA GLN A 43 -14.31 -10.10 9.83
C GLN A 43 -14.95 -9.49 11.08
N GLY A 44 -15.24 -8.19 10.98
CA GLY A 44 -16.01 -7.42 11.96
C GLY A 44 -15.14 -6.70 13.00
N HIS A 45 -13.83 -6.90 13.00
CA HIS A 45 -12.81 -6.13 13.70
C HIS A 45 -12.59 -4.80 12.95
N GLY A 46 -13.68 -4.08 12.68
CA GLY A 46 -13.68 -2.82 11.93
C GLY A 46 -13.32 -1.70 12.90
N ASN A 47 -12.04 -1.61 13.24
CA ASN A 47 -11.48 -0.61 14.13
C ASN A 47 -10.60 0.35 13.33
N PRO A 48 -10.56 1.66 13.66
CA PRO A 48 -9.68 2.59 12.98
C PRO A 48 -8.27 2.40 13.50
N VAL A 49 -7.32 2.11 12.62
CA VAL A 49 -5.94 1.88 12.94
C VAL A 49 -5.06 2.42 11.83
N LEU A 50 -3.95 3.05 12.22
CA LEU A 50 -3.02 3.68 11.32
C LEU A 50 -1.64 3.05 11.49
N GLN A 51 -1.05 2.76 10.34
CA GLN A 51 0.19 2.06 10.15
C GLN A 51 1.20 3.17 9.83
N TYR A 52 2.25 3.31 10.63
CA TYR A 52 3.28 4.34 10.47
C TYR A 52 4.67 3.72 10.68
N GLY A 53 5.71 4.55 10.61
CA GLY A 53 7.10 4.07 10.61
C GLY A 53 7.43 3.28 9.34
N LYS A 54 7.13 3.86 8.18
CA LYS A 54 7.13 3.23 6.85
C LYS A 54 7.84 4.04 5.76
N LEU A 55 8.51 5.15 6.10
CA LEU A 55 9.13 6.09 5.16
C LEU A 55 10.14 5.43 4.22
N ASN A 56 10.63 4.24 4.55
CA ASN A 56 11.60 3.47 3.75
C ASN A 56 11.20 1.99 3.62
N VAL A 57 9.90 1.68 3.63
CA VAL A 57 9.41 0.41 3.09
C VAL A 57 9.85 0.25 1.63
N GLY A 58 9.98 -0.99 1.17
CA GLY A 58 9.85 -1.33 -0.23
C GLY A 58 9.01 -2.59 -0.42
N LEU A 59 8.68 -2.85 -1.68
CA LEU A 59 8.11 -4.11 -2.13
C LEU A 59 9.25 -5.10 -2.27
N VAL A 60 8.97 -6.37 -2.06
CA VAL A 60 9.90 -7.48 -2.25
C VAL A 60 9.44 -8.40 -3.38
N GLY A 61 8.13 -8.58 -3.54
CA GLY A 61 7.58 -9.28 -4.69
C GLY A 61 6.07 -9.39 -4.57
N VAL A 62 5.42 -9.72 -5.69
CA VAL A 62 4.00 -9.99 -5.72
C VAL A 62 3.85 -11.15 -6.71
N GLU A 63 3.09 -12.18 -6.35
CA GLU A 63 2.88 -13.35 -7.20
C GLU A 63 1.45 -13.87 -7.05
N PRO A 64 0.86 -14.42 -8.12
CA PRO A 64 -0.58 -14.58 -8.25
C PRO A 64 -1.06 -15.70 -7.33
N ALA A 65 -1.82 -15.35 -6.30
CA ALA A 65 -2.34 -16.28 -5.32
C ALA A 65 -3.72 -16.77 -5.78
N GLY A 66 -3.86 -18.06 -6.06
CA GLY A 66 -5.16 -18.69 -6.22
C GLY A 66 -5.86 -18.42 -7.54
N GLN A 67 -5.29 -17.62 -8.43
CA GLN A 67 -5.70 -17.10 -9.73
C GLN A 67 -6.69 -15.94 -9.62
N TYR A 68 -7.07 -15.57 -8.39
CA TYR A 68 -8.02 -14.50 -8.11
C TYR A 68 -7.47 -13.42 -7.17
N ALA A 69 -6.27 -13.63 -6.61
CA ALA A 69 -5.63 -12.75 -5.67
C ALA A 69 -4.15 -12.59 -6.07
N LEU A 70 -3.42 -11.67 -5.43
CA LEU A 70 -1.99 -11.45 -5.63
C LEU A 70 -1.38 -11.41 -4.24
N LYS A 71 -0.35 -12.21 -3.99
CA LYS A 71 0.40 -12.33 -2.73
C LYS A 71 1.27 -11.09 -2.52
N LEU A 72 0.76 -10.04 -1.89
CA LEU A 72 1.50 -8.82 -1.70
C LEU A 72 2.51 -8.98 -0.56
N SER A 73 3.80 -8.96 -0.88
CA SER A 73 4.89 -9.18 0.05
C SER A 73 5.60 -7.84 0.27
N PHE A 74 5.61 -7.34 1.50
CA PHE A 74 6.09 -6.00 1.85
C PHE A 74 7.20 -6.13 2.89
N ASP A 75 8.39 -5.59 2.62
CA ASP A 75 9.51 -5.72 3.56
C ASP A 75 9.40 -4.82 4.81
N ASP A 76 8.40 -3.96 4.89
CA ASP A 76 8.02 -3.29 6.15
C ASP A 76 7.48 -4.29 7.18
N GLY A 77 6.88 -5.38 6.71
CA GLY A 77 6.28 -6.40 7.54
C GLY A 77 4.78 -6.54 7.26
N HIS A 78 4.20 -7.51 7.96
CA HIS A 78 2.81 -7.93 7.95
C HIS A 78 2.25 -8.05 6.53
N ASP A 79 2.76 -9.03 5.78
CA ASP A 79 2.11 -9.48 4.56
C ASP A 79 0.70 -9.96 4.89
N SER A 80 -0.27 -9.48 4.12
CA SER A 80 -1.68 -9.80 4.29
C SER A 80 -2.04 -10.93 3.33
N GLY A 81 -3.10 -11.67 3.64
CA GLY A 81 -3.48 -12.85 2.89
C GLY A 81 -3.99 -12.54 1.48
N LEU A 82 -5.15 -11.89 1.37
CA LEU A 82 -6.06 -12.07 0.25
C LEU A 82 -6.64 -10.74 -0.24
N PHE A 83 -5.84 -10.00 -1.02
CA PHE A 83 -6.20 -8.70 -1.59
C PHE A 83 -7.39 -8.78 -2.56
N THR A 84 -7.36 -9.69 -3.53
CA THR A 84 -8.33 -9.88 -4.62
C THR A 84 -8.24 -8.83 -5.74
N TRP A 85 -8.62 -9.20 -6.96
CA TRP A 85 -8.46 -8.37 -8.16
C TRP A 85 -9.25 -7.05 -8.18
N ASP A 86 -10.51 -7.03 -7.73
CA ASP A 86 -11.37 -5.85 -7.88
C ASP A 86 -10.78 -4.66 -7.12
N TYR A 87 -10.51 -4.86 -5.84
CA TYR A 87 -9.94 -3.88 -4.92
C TYR A 87 -8.56 -3.40 -5.40
N LEU A 88 -7.78 -4.23 -6.11
CA LEU A 88 -6.46 -3.81 -6.62
C LEU A 88 -6.57 -2.73 -7.69
N TYR A 89 -7.48 -2.88 -8.65
CA TYR A 89 -7.66 -1.88 -9.70
C TYR A 89 -8.42 -0.69 -9.15
N GLU A 90 -9.35 -0.91 -8.21
CA GLU A 90 -10.03 0.16 -7.51
C GLU A 90 -8.96 1.07 -6.87
N LEU A 91 -8.08 0.51 -6.05
CA LEU A 91 -6.96 1.23 -5.46
C LEU A 91 -6.08 1.87 -6.53
N ALA A 92 -5.87 1.24 -7.70
CA ALA A 92 -5.15 1.87 -8.82
C ALA A 92 -5.76 3.23 -9.15
N THR A 93 -7.05 3.25 -9.42
CA THR A 93 -7.77 4.45 -9.86
C THR A 93 -8.16 5.37 -8.68
N ARG A 94 -7.67 5.10 -7.48
CA ARG A 94 -8.04 5.80 -6.25
C ARG A 94 -6.87 6.23 -5.40
N LYS A 95 -5.66 5.76 -5.68
CA LYS A 95 -4.48 6.03 -4.86
C LYS A 95 -4.34 7.50 -4.55
N ASP A 96 -4.41 8.36 -5.54
CA ASP A 96 -4.12 9.78 -5.33
C ASP A 96 -5.10 10.45 -4.36
N GLN A 97 -6.37 10.02 -4.35
CA GLN A 97 -7.38 10.46 -3.39
C GLN A 97 -7.07 9.87 -2.00
N LEU A 98 -6.92 8.56 -1.91
CA LEU A 98 -6.68 7.80 -0.69
C LEU A 98 -5.35 8.15 -0.03
N TRP A 99 -4.35 8.50 -0.82
CA TRP A 99 -3.03 8.84 -0.33
C TRP A 99 -3.07 10.20 0.33
N ALA A 100 -3.76 11.18 -0.26
CA ALA A 100 -3.98 12.46 0.39
C ALA A 100 -4.76 12.30 1.71
N ASP A 101 -5.51 11.21 1.86
CA ASP A 101 -6.16 10.81 3.10
C ASP A 101 -5.16 10.16 4.06
N TYR A 102 -4.40 9.15 3.64
CA TYR A 102 -3.38 8.52 4.49
C TYR A 102 -2.22 9.45 4.87
N LEU A 103 -1.93 10.49 4.09
CA LEU A 103 -1.05 11.58 4.44
C LEU A 103 -1.68 12.45 5.51
N ALA A 104 -2.99 12.70 5.42
CA ALA A 104 -3.69 13.50 6.41
C ALA A 104 -3.60 12.82 7.76
N GLU A 105 -3.85 11.51 7.83
CA GLU A 105 -3.64 10.74 9.04
C GLU A 105 -2.21 10.92 9.57
N LEU A 106 -1.19 10.72 8.74
CA LEU A 106 0.20 10.89 9.17
C LEU A 106 0.62 12.36 9.39
N ALA A 107 -0.32 13.29 9.27
CA ALA A 107 -0.23 14.72 9.61
C ALA A 107 -1.22 15.15 10.70
N SER A 108 -2.03 14.21 11.20
CA SER A 108 -3.11 14.44 12.14
C SER A 108 -2.79 13.68 13.42
N ALA A 109 -2.40 12.41 13.28
CA ALA A 109 -2.15 11.48 14.37
C ALA A 109 -0.84 11.78 15.11
N GLY A 110 -0.06 12.80 14.73
CA GLY A 110 1.17 13.16 15.41
C GLY A 110 2.29 12.15 15.25
N LYS A 111 2.07 11.05 14.50
CA LYS A 111 3.13 10.10 14.19
C LYS A 111 3.88 10.66 13.00
N SER A 112 4.87 9.95 12.47
CA SER A 112 5.44 10.29 11.19
C SER A 112 5.66 9.05 10.38
N ARG A 113 5.91 9.29 9.10
CA ARG A 113 6.29 8.23 8.20
C ARG A 113 7.64 7.69 8.64
N ASP A 114 8.51 8.54 9.17
CA ASP A 114 9.83 8.15 9.71
C ASP A 114 9.64 7.02 10.72
N PRO A 115 10.59 6.06 10.78
CA PRO A 115 10.60 5.04 11.81
C PRO A 115 10.99 5.62 13.17
N ASP A 116 11.90 6.59 13.17
CA ASP A 116 12.36 7.26 14.37
C ASP A 116 12.32 8.75 14.09
N GLU A 117 11.10 9.28 14.11
CA GLU A 117 10.85 10.67 13.83
C GLU A 117 11.47 11.57 14.89
N SER A 118 11.82 12.78 14.46
CA SER A 118 12.44 13.80 15.29
C SER A 118 12.01 15.14 14.74
N VAL A 119 10.88 15.62 15.22
CA VAL A 119 10.42 16.96 14.92
C VAL A 119 11.15 17.92 15.87
N VAL A 120 12.34 18.32 15.45
CA VAL A 120 13.21 19.29 16.12
C VAL A 120 13.30 19.00 17.62
N LYS A 121 14.13 17.98 17.93
CA LYS A 121 14.59 17.66 19.29
C LYS A 121 14.99 18.95 20.01
N LEU A 122 14.69 19.02 21.31
CA LEU A 122 15.23 20.05 22.19
C LEU A 122 16.76 19.99 22.13
N MET A 123 17.38 21.13 22.41
CA MET A 123 18.76 21.42 22.08
C MET A 123 19.32 22.35 23.17
N LEU A 124 20.48 22.98 22.94
CA LEU A 124 20.73 24.31 23.44
C LEU A 124 20.06 25.22 22.42
N GLY A 1 -18.57 -5.89 -14.80
CA GLY A 1 -17.18 -5.67 -15.24
C GLY A 1 -16.23 -5.71 -14.06
N MET A 2 -15.50 -6.81 -13.94
CA MET A 2 -14.31 -6.90 -13.08
C MET A 2 -13.25 -5.88 -13.54
N ARG A 3 -12.17 -5.76 -12.77
CA ARG A 3 -11.03 -4.90 -13.05
C ARG A 3 -9.81 -5.77 -12.78
N ILE A 4 -9.54 -6.74 -13.66
CA ILE A 4 -8.35 -7.58 -13.61
C ILE A 4 -7.27 -6.86 -14.43
N PRO A 5 -6.01 -6.80 -13.96
CA PRO A 5 -4.94 -6.11 -14.67
C PRO A 5 -4.49 -6.80 -15.95
N SER A 6 -3.64 -6.08 -16.67
CA SER A 6 -2.94 -6.54 -17.86
C SER A 6 -1.43 -6.27 -17.77
N ALA A 7 -0.99 -5.50 -16.78
CA ALA A 7 0.41 -5.25 -16.47
C ALA A 7 0.64 -5.52 -14.99
N ILE A 8 1.56 -6.44 -14.66
CA ILE A 8 2.12 -6.56 -13.32
C ILE A 8 3.59 -6.21 -13.45
N GLN A 9 3.98 -5.07 -12.88
CA GLN A 9 5.35 -4.68 -12.62
C GLN A 9 5.41 -4.40 -11.13
N LEU A 10 6.46 -4.87 -10.46
CA LEU A 10 6.75 -4.58 -9.05
C LEU A 10 7.93 -3.63 -8.91
N HIS A 11 8.61 -3.33 -10.03
CA HIS A 11 9.78 -2.49 -10.17
C HIS A 11 10.76 -2.76 -9.04
N LYS A 12 11.50 -3.88 -9.10
CA LYS A 12 12.56 -4.14 -8.12
C LYS A 12 13.53 -2.96 -8.00
N ALA A 13 13.63 -2.12 -9.02
CA ALA A 13 14.26 -0.81 -9.02
C ALA A 13 13.81 0.09 -7.86
N SER A 14 12.55 0.53 -7.83
CA SER A 14 12.04 1.55 -6.89
C SER A 14 10.91 1.03 -6.00
N LYS A 15 10.67 -0.28 -6.02
CA LYS A 15 9.62 -1.00 -5.32
C LYS A 15 8.26 -0.40 -5.62
N THR A 16 7.83 -0.54 -6.87
CA THR A 16 6.70 0.18 -7.42
C THR A 16 5.73 -0.79 -8.06
N LEU A 17 4.52 -0.90 -7.53
CA LEU A 17 3.45 -1.63 -8.18
C LEU A 17 2.86 -0.75 -9.26
N THR A 18 3.22 -1.00 -10.50
CA THR A 18 2.62 -0.26 -11.61
C THR A 18 1.42 -1.04 -12.11
N LEU A 19 0.31 -0.34 -12.33
CA LEU A 19 -0.95 -0.89 -12.80
C LEU A 19 -1.41 -0.08 -14.01
N ARG A 20 -2.37 -0.63 -14.76
CA ARG A 20 -2.92 -0.08 -16.00
C ARG A 20 -4.43 0.13 -15.89
N TYR A 21 -4.88 1.12 -15.14
CA TYR A 21 -6.28 1.44 -14.91
C TYR A 21 -6.88 1.90 -16.24
N GLY A 22 -7.49 0.97 -16.97
CA GLY A 22 -7.99 1.20 -18.31
C GLY A 22 -6.84 1.57 -19.24
N GLU A 23 -6.72 2.86 -19.53
CA GLU A 23 -5.70 3.40 -20.40
C GLU A 23 -4.47 3.86 -19.63
N ASP A 24 -4.66 4.25 -18.37
CA ASP A 24 -3.71 5.14 -17.69
C ASP A 24 -2.64 4.33 -16.98
N SER A 25 -1.51 4.94 -16.61
CA SER A 25 -0.41 4.28 -15.95
C SER A 25 -0.09 4.99 -14.64
N TYR A 26 -0.26 4.27 -13.55
CA TYR A 26 -0.03 4.69 -12.17
C TYR A 26 1.06 3.79 -11.61
N ASP A 27 2.17 4.36 -11.12
CA ASP A 27 3.29 3.62 -10.55
C ASP A 27 3.28 3.77 -9.03
N LEU A 28 2.36 3.03 -8.39
CA LEU A 28 2.12 3.19 -6.96
C LEU A 28 3.27 2.59 -6.16
N PRO A 29 3.68 3.19 -5.04
CA PRO A 29 4.83 2.72 -4.29
C PRO A 29 4.47 1.61 -3.31
N ALA A 30 5.47 0.83 -2.89
CA ALA A 30 5.29 -0.23 -1.91
C ALA A 30 4.68 0.30 -0.59
N GLU A 31 5.09 1.48 -0.09
CA GLU A 31 4.52 1.96 1.16
C GLU A 31 3.03 2.23 1.04
N PHE A 32 2.57 2.81 -0.09
CA PHE A 32 1.17 3.20 -0.24
C PHE A 32 0.25 1.99 -0.02
N LEU A 33 0.65 0.82 -0.50
CA LEU A 33 -0.13 -0.41 -0.34
C LEU A 33 -0.10 -0.92 1.09
N ARG A 34 1.07 -0.96 1.73
CA ARG A 34 1.18 -1.45 3.12
C ARG A 34 0.26 -0.63 4.04
N VAL A 35 0.31 0.70 3.97
CA VAL A 35 -0.51 1.54 4.85
C VAL A 35 -2.01 1.41 4.53
N HIS A 36 -2.38 1.01 3.31
CA HIS A 36 -3.76 0.74 2.89
C HIS A 36 -3.90 -0.76 2.56
N SER A 37 -3.54 -1.64 3.51
CA SER A 37 -3.70 -3.08 3.34
C SER A 37 -4.89 -3.53 4.21
N PRO A 38 -5.71 -4.48 3.74
CA PRO A 38 -6.82 -5.02 4.52
C PRO A 38 -6.29 -6.12 5.43
N SER A 39 -6.39 -5.94 6.75
CA SER A 39 -5.72 -6.82 7.69
C SER A 39 -6.41 -8.18 7.71
N ALA A 40 -5.80 -9.14 7.01
CA ALA A 40 -6.33 -10.48 6.88
C ALA A 40 -6.17 -11.30 8.18
N GLU A 41 -5.38 -10.83 9.16
CA GLU A 41 -5.05 -11.62 10.35
C GLU A 41 -6.13 -11.52 11.43
N VAL A 42 -7.27 -10.98 11.05
CA VAL A 42 -8.26 -10.37 11.94
C VAL A 42 -9.59 -11.11 11.85
N GLN A 43 -9.67 -12.12 10.98
CA GLN A 43 -10.74 -13.09 10.89
C GLN A 43 -12.10 -12.45 10.59
N GLY A 44 -12.09 -11.23 10.01
CA GLY A 44 -13.26 -10.47 9.67
C GLY A 44 -12.90 -9.01 9.58
N HIS A 45 -12.92 -8.28 10.70
CA HIS A 45 -12.48 -6.89 10.76
C HIS A 45 -12.22 -6.48 12.21
N GLY A 46 -11.64 -5.30 12.38
CA GLY A 46 -11.27 -4.72 13.66
C GLY A 46 -11.18 -3.21 13.53
N ASN A 47 -10.96 -2.51 14.65
CA ASN A 47 -10.76 -1.05 14.65
C ASN A 47 -9.50 -0.69 13.85
N PRO A 48 -9.41 0.52 13.30
CA PRO A 48 -8.28 0.94 12.50
C PRO A 48 -7.03 1.06 13.37
N VAL A 49 -5.87 0.97 12.72
CA VAL A 49 -4.55 1.06 13.32
C VAL A 49 -3.72 1.93 12.38
N LEU A 50 -2.76 2.68 12.95
CA LEU A 50 -1.86 3.54 12.22
C LEU A 50 -0.71 2.72 11.67
N GLN A 51 -0.25 3.05 10.47
CA GLN A 51 0.83 2.37 9.76
C GLN A 51 1.93 3.39 9.50
N TYR A 52 3.09 3.25 10.15
CA TYR A 52 4.25 4.14 10.06
C TYR A 52 5.52 3.28 9.98
N GLY A 53 6.70 3.91 9.84
CA GLY A 53 7.95 3.19 9.63
C GLY A 53 7.93 2.46 8.28
N LYS A 54 7.93 3.25 7.20
CA LYS A 54 7.59 2.84 5.84
C LYS A 54 8.41 3.57 4.77
N LEU A 55 9.32 4.49 5.13
CA LEU A 55 10.03 5.34 4.17
C LEU A 55 10.95 4.55 3.21
N ASN A 56 11.16 3.26 3.47
CA ASN A 56 12.00 2.38 2.67
C ASN A 56 11.40 0.97 2.58
N VAL A 57 10.07 0.82 2.72
CA VAL A 57 9.40 -0.43 2.36
C VAL A 57 9.86 -0.82 0.95
N GLY A 58 9.99 -2.12 0.71
CA GLY A 58 10.09 -2.66 -0.62
C GLY A 58 9.18 -3.84 -0.81
N LEU A 59 9.12 -4.36 -2.04
CA LEU A 59 8.20 -5.40 -2.42
C LEU A 59 8.95 -6.65 -2.81
N VAL A 60 8.68 -7.71 -2.07
CA VAL A 60 9.43 -8.96 -2.10
C VAL A 60 8.73 -10.03 -2.93
N GLY A 61 7.45 -9.88 -3.19
CA GLY A 61 6.73 -10.69 -4.17
C GLY A 61 5.25 -10.33 -4.30
N VAL A 62 4.66 -10.83 -5.39
CA VAL A 62 3.39 -10.38 -5.93
C VAL A 62 2.99 -11.30 -7.08
N GLU A 63 1.98 -12.12 -6.82
CA GLU A 63 1.36 -13.10 -7.71
C GLU A 63 -0.13 -13.29 -7.45
N PRO A 64 -0.91 -13.78 -8.43
CA PRO A 64 -2.33 -14.06 -8.26
C PRO A 64 -2.57 -15.04 -7.11
N ALA A 65 -3.34 -14.67 -6.09
CA ALA A 65 -3.70 -15.54 -4.95
C ALA A 65 -4.87 -16.48 -5.25
N GLY A 66 -5.04 -16.81 -6.53
CA GLY A 66 -6.24 -17.43 -7.08
C GLY A 66 -6.64 -16.64 -8.31
N GLN A 67 -7.95 -16.47 -8.55
CA GLN A 67 -8.47 -15.85 -9.77
C GLN A 67 -9.25 -14.56 -9.51
N TYR A 68 -9.37 -14.12 -8.26
CA TYR A 68 -10.26 -13.04 -7.82
C TYR A 68 -9.55 -12.02 -6.91
N ALA A 69 -8.26 -12.20 -6.63
CA ALA A 69 -7.46 -11.45 -5.68
C ALA A 69 -5.99 -11.74 -5.91
N LEU A 70 -5.17 -10.70 -6.12
CA LEU A 70 -3.71 -10.83 -6.18
C LEU A 70 -3.17 -10.80 -4.74
N LYS A 71 -2.16 -11.60 -4.39
CA LYS A 71 -1.41 -11.55 -3.12
C LYS A 71 -0.50 -10.33 -3.05
N LEU A 72 0.14 -10.04 -1.90
CA LEU A 72 1.28 -9.10 -1.79
C LEU A 72 2.22 -9.63 -0.71
N SER A 73 3.48 -9.20 -0.71
CA SER A 73 4.46 -9.49 0.31
C SER A 73 5.36 -8.25 0.46
N PHE A 74 5.44 -7.66 1.64
CA PHE A 74 6.18 -6.42 1.87
C PHE A 74 7.45 -6.70 2.67
N ASP A 75 8.55 -6.05 2.31
CA ASP A 75 9.86 -6.19 2.95
C ASP A 75 9.86 -5.68 4.40
N ASP A 76 9.02 -4.68 4.69
CA ASP A 76 8.83 -4.21 6.07
C ASP A 76 7.98 -5.18 6.89
N GLY A 77 7.33 -6.15 6.23
CA GLY A 77 6.65 -7.28 6.83
C GLY A 77 5.13 -7.09 6.86
N HIS A 78 4.46 -8.07 7.47
CA HIS A 78 3.01 -8.24 7.48
C HIS A 78 2.48 -8.31 6.05
N ASP A 79 2.65 -9.47 5.42
CA ASP A 79 2.09 -9.77 4.11
C ASP A 79 0.56 -9.71 4.18
N SER A 80 -0.08 -10.48 5.05
CA SER A 80 -1.54 -10.66 5.04
C SER A 80 -2.01 -11.04 3.62
N GLY A 81 -3.26 -10.75 3.25
CA GLY A 81 -3.75 -11.07 1.92
C GLY A 81 -5.12 -10.47 1.70
N LEU A 82 -5.82 -11.01 0.69
CA LEU A 82 -7.19 -10.66 0.32
C LEU A 82 -7.30 -9.20 -0.14
N PHE A 83 -6.58 -8.87 -1.21
CA PHE A 83 -6.66 -7.57 -1.89
C PHE A 83 -7.69 -7.53 -3.02
N THR A 84 -8.35 -8.64 -3.36
CA THR A 84 -9.31 -8.68 -4.46
C THR A 84 -8.70 -8.09 -5.77
N TRP A 85 -9.53 -7.75 -6.77
CA TRP A 85 -9.12 -7.08 -7.99
C TRP A 85 -9.61 -5.64 -8.11
N ASP A 86 -10.87 -5.38 -7.75
CA ASP A 86 -11.52 -4.07 -7.78
C ASP A 86 -10.77 -3.09 -6.87
N TYR A 87 -10.65 -3.42 -5.58
CA TYR A 87 -9.88 -2.71 -4.57
C TYR A 87 -8.48 -2.32 -5.05
N LEU A 88 -7.75 -3.21 -5.73
CA LEU A 88 -6.43 -2.90 -6.25
C LEU A 88 -6.49 -1.74 -7.23
N TYR A 89 -7.35 -1.82 -8.26
CA TYR A 89 -7.46 -0.74 -9.23
C TYR A 89 -8.15 0.50 -8.69
N GLU A 90 -8.99 0.36 -7.66
CA GLU A 90 -9.66 1.46 -6.99
C GLU A 90 -8.59 2.40 -6.42
N LEU A 91 -7.73 1.86 -5.55
CA LEU A 91 -6.67 2.61 -4.91
C LEU A 91 -5.70 3.19 -5.94
N ALA A 92 -5.52 2.51 -7.09
CA ALA A 92 -4.66 2.93 -8.17
C ALA A 92 -5.02 4.35 -8.61
N THR A 93 -6.32 4.64 -8.80
CA THR A 93 -6.80 5.94 -9.27
C THR A 93 -7.00 6.91 -8.10
N ARG A 94 -7.50 6.45 -6.95
CA ARG A 94 -7.76 7.33 -5.80
C ARG A 94 -6.48 7.87 -5.17
N LYS A 95 -5.31 7.31 -5.50
CA LYS A 95 -4.07 7.48 -4.75
C LYS A 95 -3.79 8.91 -4.31
N ASP A 96 -3.90 9.86 -5.24
CA ASP A 96 -3.67 11.30 -5.00
C ASP A 96 -4.37 11.80 -3.73
N GLN A 97 -5.65 11.47 -3.57
CA GLN A 97 -6.48 11.86 -2.44
C GLN A 97 -6.04 11.12 -1.17
N LEU A 98 -5.88 9.81 -1.31
CA LEU A 98 -5.60 8.87 -0.23
C LEU A 98 -4.25 9.14 0.42
N TRP A 99 -3.26 9.47 -0.40
CA TRP A 99 -1.91 9.76 0.04
C TRP A 99 -1.94 10.96 0.97
N ALA A 100 -2.59 12.06 0.56
CA ALA A 100 -2.73 13.24 1.40
C ALA A 100 -3.35 12.92 2.76
N ASP A 101 -4.31 11.99 2.82
CA ASP A 101 -4.92 11.57 4.09
C ASP A 101 -3.87 10.92 4.98
N TYR A 102 -3.11 9.97 4.45
CA TYR A 102 -2.07 9.31 5.19
C TYR A 102 -0.96 10.24 5.69
N LEU A 103 -0.63 11.31 4.97
CA LEU A 103 0.27 12.34 5.49
C LEU A 103 -0.30 12.98 6.75
N ALA A 104 -1.59 13.34 6.75
CA ALA A 104 -2.21 13.98 7.89
C ALA A 104 -2.22 13.02 9.09
N GLU A 105 -2.56 11.75 8.84
CA GLU A 105 -2.54 10.68 9.84
C GLU A 105 -1.18 10.63 10.53
N LEU A 106 -0.10 10.49 9.76
CA LEU A 106 1.25 10.42 10.33
C LEU A 106 1.61 11.69 11.08
N ALA A 107 1.18 12.84 10.57
CA ALA A 107 1.42 14.14 11.20
C ALA A 107 0.57 14.34 12.46
N SER A 108 -0.40 13.47 12.74
CA SER A 108 -1.25 13.50 13.93
C SER A 108 -0.84 12.40 14.92
N ALA A 109 -0.36 11.25 14.44
CA ALA A 109 -0.06 10.10 15.27
C ALA A 109 1.14 10.32 16.19
N GLY A 110 1.98 11.31 15.90
CA GLY A 110 3.29 11.45 16.49
C GLY A 110 4.12 10.21 16.21
N LYS A 111 4.09 9.72 14.96
CA LYS A 111 5.05 8.74 14.46
C LYS A 111 5.71 9.37 13.25
N SER A 112 6.50 8.62 12.49
CA SER A 112 6.85 9.06 11.17
C SER A 112 7.01 7.95 10.17
N ARG A 113 6.97 8.38 8.91
CA ARG A 113 7.29 7.53 7.78
C ARG A 113 8.69 6.97 7.96
N ASP A 114 9.60 7.80 8.46
CA ASP A 114 10.98 7.40 8.74
C ASP A 114 10.96 6.22 9.71
N PRO A 115 11.89 5.26 9.60
CA PRO A 115 11.88 4.09 10.44
C PRO A 115 12.26 4.45 11.88
N ASP A 116 13.24 5.34 12.04
CA ASP A 116 13.75 5.72 13.34
C ASP A 116 13.81 7.22 13.43
N GLU A 117 12.63 7.83 13.43
CA GLU A 117 12.47 9.22 13.73
C GLU A 117 12.76 9.42 15.22
N SER A 118 13.59 10.40 15.54
CA SER A 118 13.76 11.00 16.85
C SER A 118 14.66 12.22 16.69
N VAL A 119 14.10 13.31 16.20
CA VAL A 119 14.77 14.58 16.11
C VAL A 119 13.76 15.64 16.56
N VAL A 120 14.20 16.61 17.35
CA VAL A 120 13.36 17.54 18.08
C VAL A 120 12.82 18.68 17.18
N LYS A 121 12.34 18.33 15.99
CA LYS A 121 11.73 19.25 15.04
C LYS A 121 10.37 19.74 15.54
N LEU A 122 9.85 20.78 14.86
CA LEU A 122 8.45 21.19 14.98
C LEU A 122 7.57 20.09 14.38
N MET A 123 6.36 19.94 14.90
CA MET A 123 5.40 18.90 14.56
C MET A 123 4.03 19.51 14.31
N LEU A 124 3.54 20.30 15.26
CA LEU A 124 2.33 21.11 15.13
C LEU A 124 2.69 22.44 14.50
N GLY A 1 -17.14 -5.25 -15.22
CA GLY A 1 -17.05 -6.67 -14.87
C GLY A 1 -16.25 -6.77 -13.60
N MET A 2 -15.07 -7.41 -13.63
CA MET A 2 -14.08 -7.30 -12.57
C MET A 2 -12.93 -6.43 -13.06
N ARG A 3 -12.22 -5.82 -12.12
CA ARG A 3 -11.07 -4.95 -12.42
C ARG A 3 -9.81 -5.78 -12.53
N ILE A 4 -9.77 -6.62 -13.55
CA ILE A 4 -8.67 -7.54 -13.77
C ILE A 4 -7.61 -6.77 -14.56
N PRO A 5 -6.35 -6.72 -14.11
CA PRO A 5 -5.29 -6.04 -14.83
C PRO A 5 -4.98 -6.72 -16.16
N SER A 6 -4.50 -5.93 -17.12
CA SER A 6 -3.79 -6.39 -18.31
C SER A 6 -2.29 -6.01 -18.20
N ALA A 7 -1.90 -5.25 -17.16
CA ALA A 7 -0.52 -4.97 -16.78
C ALA A 7 -0.41 -4.97 -15.25
N ILE A 8 0.16 -6.03 -14.69
CA ILE A 8 1.02 -5.93 -13.53
C ILE A 8 2.38 -5.53 -14.09
N GLN A 9 2.95 -4.46 -13.56
CA GLN A 9 4.36 -4.17 -13.69
C GLN A 9 4.85 -3.82 -12.29
N LEU A 10 5.13 -4.81 -11.46
CA LEU A 10 5.41 -4.53 -10.04
C LEU A 10 6.74 -3.77 -9.84
N HIS A 11 7.57 -3.74 -10.89
CA HIS A 11 8.98 -3.42 -10.95
C HIS A 11 9.79 -4.03 -9.82
N LYS A 12 10.24 -5.28 -9.97
CA LYS A 12 11.29 -5.79 -9.08
C LYS A 12 12.53 -4.88 -9.10
N ALA A 13 12.75 -4.11 -10.18
CA ALA A 13 13.83 -3.14 -10.28
C ALA A 13 13.72 -2.06 -9.20
N SER A 14 12.94 -1.00 -9.44
CA SER A 14 12.84 0.14 -8.53
C SER A 14 11.70 -0.02 -7.51
N LYS A 15 11.17 -1.23 -7.35
CA LYS A 15 10.15 -1.59 -6.36
C LYS A 15 8.96 -0.65 -6.46
N THR A 16 8.52 -0.40 -7.69
CA THR A 16 7.52 0.58 -8.04
C THR A 16 6.40 -0.18 -8.73
N LEU A 17 5.30 -0.43 -8.03
CA LEU A 17 4.23 -1.25 -8.57
C LEU A 17 3.43 -0.38 -9.53
N THR A 18 3.33 -0.79 -10.79
CA THR A 18 2.66 -0.08 -11.85
C THR A 18 1.47 -0.93 -12.29
N LEU A 19 0.34 -0.27 -12.51
CA LEU A 19 -0.95 -0.82 -12.84
C LEU A 19 -1.61 0.15 -13.80
N ARG A 20 -2.35 -0.36 -14.80
CA ARG A 20 -3.01 0.52 -15.77
C ARG A 20 -4.52 0.49 -15.56
N TYR A 21 -5.07 1.48 -14.84
CA TYR A 21 -6.50 1.73 -14.68
C TYR A 21 -7.05 2.23 -16.02
N GLY A 22 -7.61 1.34 -16.82
CA GLY A 22 -8.08 1.69 -18.15
C GLY A 22 -6.88 1.97 -19.05
N GLU A 23 -6.60 3.24 -19.33
CA GLU A 23 -5.39 3.72 -20.02
C GLU A 23 -4.37 4.34 -19.05
N ASP A 24 -4.86 4.77 -17.89
CA ASP A 24 -4.12 5.54 -16.90
C ASP A 24 -3.17 4.62 -16.17
N SER A 25 -1.88 4.79 -16.41
CA SER A 25 -0.83 4.02 -15.75
C SER A 25 -0.41 4.83 -14.55
N TYR A 26 -0.51 4.15 -13.43
CA TYR A 26 -0.13 4.61 -12.12
C TYR A 26 0.98 3.74 -11.63
N ASP A 27 1.91 4.34 -10.91
CA ASP A 27 3.20 3.83 -10.53
C ASP A 27 3.40 4.20 -9.07
N LEU A 28 2.94 3.29 -8.21
CA LEU A 28 2.89 3.50 -6.77
C LEU A 28 4.20 2.99 -6.14
N PRO A 29 4.75 3.66 -5.11
CA PRO A 29 5.97 3.22 -4.47
C PRO A 29 5.66 2.05 -3.53
N ALA A 30 6.69 1.26 -3.21
CA ALA A 30 6.60 0.18 -2.26
C ALA A 30 6.04 0.70 -0.91
N GLU A 31 6.54 1.83 -0.40
CA GLU A 31 6.11 2.34 0.91
C GLU A 31 4.62 2.68 0.95
N PHE A 32 4.06 3.25 -0.11
CA PHE A 32 2.64 3.61 -0.17
C PHE A 32 1.78 2.37 0.03
N LEU A 33 2.13 1.27 -0.62
CA LEU A 33 1.22 0.13 -0.68
C LEU A 33 1.18 -0.60 0.67
N ARG A 34 2.23 -0.52 1.50
CA ARG A 34 2.21 -1.05 2.87
C ARG A 34 1.37 -0.21 3.84
N VAL A 35 1.09 1.07 3.56
CA VAL A 35 0.32 1.85 4.54
C VAL A 35 -1.18 1.60 4.36
N HIS A 36 -1.63 1.13 3.18
CA HIS A 36 -3.03 0.92 2.85
C HIS A 36 -3.47 -0.57 2.84
N SER A 37 -2.66 -1.47 3.40
CA SER A 37 -2.80 -2.92 3.41
C SER A 37 -3.71 -3.47 4.52
N PRO A 38 -5.03 -3.63 4.36
CA PRO A 38 -5.87 -4.20 5.41
C PRO A 38 -5.36 -5.61 5.78
N SER A 39 -4.97 -5.81 7.04
CA SER A 39 -4.74 -7.12 7.61
C SER A 39 -6.09 -7.84 7.63
N ALA A 40 -6.16 -9.04 7.05
CA ALA A 40 -7.45 -9.66 6.75
C ALA A 40 -8.01 -10.40 7.96
N GLU A 41 -7.21 -10.67 8.98
CA GLU A 41 -7.61 -11.47 10.13
C GLU A 41 -8.33 -10.67 11.20
N VAL A 42 -8.75 -9.47 10.85
CA VAL A 42 -9.24 -8.48 11.79
C VAL A 42 -10.76 -8.56 11.93
N GLN A 43 -11.42 -9.40 11.13
CA GLN A 43 -12.85 -9.66 11.15
C GLN A 43 -13.65 -8.42 10.71
N GLY A 44 -12.99 -7.40 10.17
CA GLY A 44 -13.54 -6.09 9.98
C GLY A 44 -12.50 -5.01 10.19
N HIS A 45 -12.96 -3.87 10.70
CA HIS A 45 -12.19 -2.65 10.82
C HIS A 45 -11.17 -2.68 11.99
N GLY A 46 -11.38 -3.56 12.97
CA GLY A 46 -10.63 -3.67 14.21
C GLY A 46 -10.35 -2.32 14.85
N ASN A 47 -9.07 -1.97 14.92
CA ASN A 47 -8.57 -0.68 15.34
C ASN A 47 -7.65 -0.12 14.26
N PRO A 48 -7.56 1.22 14.13
CA PRO A 48 -6.74 1.87 13.14
C PRO A 48 -5.28 1.68 13.52
N VAL A 49 -4.59 0.88 12.71
CA VAL A 49 -3.17 0.63 12.80
C VAL A 49 -2.45 1.88 12.26
N LEU A 50 -1.14 1.99 12.51
CA LEU A 50 -0.26 2.98 11.98
C LEU A 50 0.93 2.25 11.40
N GLN A 51 1.51 2.77 10.33
CA GLN A 51 2.51 2.05 9.55
C GLN A 51 3.71 2.96 9.31
N TYR A 52 4.27 3.44 10.41
CA TYR A 52 5.52 4.18 10.43
C TYR A 52 6.68 3.18 10.35
N GLY A 53 7.90 3.73 10.24
CA GLY A 53 9.13 2.95 10.27
C GLY A 53 9.30 2.12 9.01
N LYS A 54 8.65 2.48 7.90
CA LYS A 54 8.64 1.77 6.63
C LYS A 54 8.79 2.78 5.47
N LEU A 55 9.66 3.77 5.59
CA LEU A 55 10.16 4.54 4.45
C LEU A 55 11.01 3.61 3.60
N ASN A 56 11.97 2.94 4.24
CA ASN A 56 13.10 2.25 3.60
C ASN A 56 12.62 1.03 2.79
N VAL A 57 11.48 0.47 3.16
CA VAL A 57 10.91 -0.76 2.64
C VAL A 57 10.90 -0.80 1.12
N GLY A 58 10.96 -2.01 0.57
CA GLY A 58 11.22 -2.18 -0.84
C GLY A 58 10.72 -3.51 -1.37
N LEU A 59 9.63 -4.00 -0.79
CA LEU A 59 8.78 -5.06 -1.30
C LEU A 59 9.53 -6.35 -1.67
N VAL A 60 8.77 -7.33 -2.10
CA VAL A 60 9.25 -8.70 -2.30
C VAL A 60 8.45 -9.35 -3.42
N GLY A 61 7.17 -9.04 -3.56
CA GLY A 61 6.40 -9.52 -4.70
C GLY A 61 4.92 -9.63 -4.50
N VAL A 62 4.35 -10.23 -5.53
CA VAL A 62 2.97 -10.22 -5.88
C VAL A 62 2.72 -11.47 -6.73
N GLU A 63 1.73 -12.28 -6.34
CA GLU A 63 1.32 -13.48 -7.07
C GLU A 63 -0.22 -13.61 -7.02
N PRO A 64 -0.85 -14.32 -7.96
CA PRO A 64 -2.29 -14.25 -8.18
C PRO A 64 -3.08 -15.01 -7.12
N ALA A 65 -3.85 -14.33 -6.25
CA ALA A 65 -4.68 -14.96 -5.20
C ALA A 65 -6.08 -15.34 -5.68
N GLY A 66 -6.20 -15.79 -6.92
CA GLY A 66 -7.44 -16.31 -7.49
C GLY A 66 -7.97 -15.42 -8.60
N GLN A 67 -9.25 -15.57 -8.92
CA GLN A 67 -9.89 -14.97 -10.08
C GLN A 67 -10.47 -13.59 -9.73
N TYR A 68 -10.15 -13.06 -8.53
CA TYR A 68 -10.77 -11.88 -7.96
C TYR A 68 -9.88 -11.09 -6.99
N ALA A 69 -8.69 -11.59 -6.61
CA ALA A 69 -7.81 -10.92 -5.66
C ALA A 69 -6.36 -11.25 -5.97
N LEU A 70 -5.42 -10.55 -5.34
CA LEU A 70 -3.98 -10.59 -5.59
C LEU A 70 -3.29 -10.81 -4.25
N LYS A 71 -2.34 -11.74 -4.17
CA LYS A 71 -1.51 -11.94 -2.98
C LYS A 71 -0.36 -10.94 -3.05
N LEU A 72 -0.40 -9.88 -2.24
CA LEU A 72 0.71 -8.94 -2.10
C LEU A 72 1.63 -9.41 -0.97
N SER A 73 2.89 -8.95 -0.99
CA SER A 73 3.94 -9.35 -0.09
C SER A 73 4.82 -8.13 0.14
N PHE A 74 5.30 -7.89 1.36
CA PHE A 74 5.98 -6.67 1.76
C PHE A 74 7.08 -6.99 2.74
N ASP A 75 8.26 -6.44 2.43
CA ASP A 75 9.48 -6.59 3.22
C ASP A 75 9.36 -5.99 4.64
N ASP A 76 8.23 -5.31 4.95
CA ASP A 76 7.82 -4.94 6.30
C ASP A 76 7.93 -6.09 7.29
N GLY A 77 7.46 -7.28 6.89
CA GLY A 77 7.36 -8.44 7.74
C GLY A 77 6.00 -9.11 7.58
N HIS A 78 4.91 -8.45 7.98
CA HIS A 78 3.60 -9.09 8.10
C HIS A 78 2.94 -9.36 6.74
N ASP A 79 3.60 -8.97 5.65
CA ASP A 79 3.07 -8.71 4.32
C ASP A 79 1.85 -7.78 4.41
N SER A 80 0.65 -8.34 4.62
CA SER A 80 -0.64 -7.70 4.38
C SER A 80 -1.74 -8.72 4.72
N GLY A 81 -2.93 -8.61 4.12
CA GLY A 81 -4.03 -9.53 4.38
C GLY A 81 -4.79 -9.90 3.11
N LEU A 82 -5.55 -8.96 2.56
CA LEU A 82 -6.27 -9.14 1.30
C LEU A 82 -6.04 -7.91 0.42
N PHE A 83 -6.11 -8.13 -0.89
CA PHE A 83 -6.09 -7.08 -1.90
C PHE A 83 -6.95 -7.56 -3.06
N THR A 84 -8.22 -7.23 -3.01
CA THR A 84 -9.20 -7.57 -4.03
C THR A 84 -8.97 -6.68 -5.28
N TRP A 85 -9.35 -7.15 -6.48
CA TRP A 85 -9.04 -6.48 -7.75
C TRP A 85 -9.56 -5.05 -7.86
N ASP A 86 -10.77 -4.83 -7.38
CA ASP A 86 -11.43 -3.54 -7.30
C ASP A 86 -10.72 -2.64 -6.31
N TYR A 87 -10.47 -3.13 -5.09
CA TYR A 87 -9.71 -2.40 -4.08
C TYR A 87 -8.33 -1.98 -4.62
N LEU A 88 -7.71 -2.81 -5.46
CA LEU A 88 -6.46 -2.50 -6.11
C LEU A 88 -6.59 -1.33 -7.07
N TYR A 89 -7.44 -1.48 -8.07
CA TYR A 89 -7.56 -0.46 -9.12
C TYR A 89 -8.17 0.84 -8.63
N GLU A 90 -8.95 0.82 -7.55
CA GLU A 90 -9.33 1.99 -6.80
C GLU A 90 -8.07 2.73 -6.34
N LEU A 91 -7.28 2.10 -5.46
CA LEU A 91 -6.12 2.71 -4.82
C LEU A 91 -5.02 3.10 -5.83
N ALA A 92 -4.94 2.43 -6.99
CA ALA A 92 -4.07 2.80 -8.11
C ALA A 92 -4.26 4.28 -8.46
N THR A 93 -5.50 4.65 -8.83
CA THR A 93 -5.78 5.98 -9.36
C THR A 93 -5.94 7.01 -8.24
N ARG A 94 -6.39 6.56 -7.07
CA ARG A 94 -6.57 7.38 -5.87
C ARG A 94 -5.27 7.86 -5.23
N LYS A 95 -4.10 7.39 -5.70
CA LYS A 95 -2.86 7.38 -4.93
C LYS A 95 -2.61 8.68 -4.20
N ASP A 96 -2.60 9.79 -4.94
CA ASP A 96 -2.21 11.10 -4.50
C ASP A 96 -2.95 11.53 -3.23
N GLN A 97 -4.27 11.29 -3.15
CA GLN A 97 -5.10 11.73 -2.05
C GLN A 97 -4.89 10.81 -0.85
N LEU A 98 -4.78 9.50 -1.12
CA LEU A 98 -4.53 8.47 -0.12
C LEU A 98 -3.22 8.75 0.57
N TRP A 99 -2.20 9.14 -0.20
CA TRP A 99 -0.91 9.41 0.35
C TRP A 99 -0.96 10.56 1.34
N ALA A 100 -1.66 11.66 1.02
CA ALA A 100 -1.80 12.78 1.92
C ALA A 100 -2.54 12.39 3.23
N ASP A 101 -3.48 11.45 3.15
CA ASP A 101 -4.23 10.91 4.30
C ASP A 101 -3.30 10.07 5.19
N TYR A 102 -2.53 9.15 4.60
CA TYR A 102 -1.57 8.31 5.32
C TYR A 102 -0.34 9.07 5.84
N LEU A 103 0.02 10.16 5.18
CA LEU A 103 0.97 11.15 5.68
C LEU A 103 0.44 11.78 6.96
N ALA A 104 -0.80 12.26 6.93
CA ALA A 104 -1.44 12.92 8.06
C ALA A 104 -1.59 11.98 9.24
N GLU A 105 -1.83 10.69 9.00
CA GLU A 105 -1.82 9.67 10.03
C GLU A 105 -0.46 9.63 10.71
N LEU A 106 0.63 9.54 9.94
CA LEU A 106 1.98 9.53 10.48
C LEU A 106 2.24 10.78 11.31
N ALA A 107 1.85 11.93 10.76
CA ALA A 107 2.11 13.24 11.33
C ALA A 107 1.27 13.48 12.58
N SER A 108 0.07 12.91 12.68
CA SER A 108 -0.73 12.94 13.89
C SER A 108 -0.14 11.98 14.92
N ALA A 109 0.19 10.76 14.50
CA ALA A 109 0.78 9.73 15.34
C ALA A 109 2.12 10.18 15.93
N GLY A 110 2.80 11.14 15.29
CA GLY A 110 4.07 11.68 15.74
C GLY A 110 5.19 10.66 15.66
N LYS A 111 5.00 9.56 14.93
CA LYS A 111 6.04 8.58 14.65
C LYS A 111 6.77 9.04 13.41
N SER A 112 7.66 8.18 12.88
CA SER A 112 8.40 8.53 11.69
C SER A 112 8.50 7.41 10.69
N ARG A 113 8.40 7.76 9.39
CA ARG A 113 8.62 6.81 8.31
C ARG A 113 10.05 6.29 8.41
N ASP A 114 11.01 7.19 8.60
CA ASP A 114 12.41 6.82 8.67
C ASP A 114 12.74 6.16 10.00
N PRO A 115 13.68 5.21 10.02
CA PRO A 115 13.86 4.32 11.14
C PRO A 115 14.27 5.05 12.42
N ASP A 116 14.97 6.17 12.34
CA ASP A 116 15.31 7.03 13.47
C ASP A 116 15.45 8.48 13.00
N GLU A 117 14.34 9.03 12.51
CA GLU A 117 14.19 10.38 11.95
C GLU A 117 14.38 11.50 13.01
N SER A 118 14.14 12.75 12.62
CA SER A 118 14.09 13.94 13.44
C SER A 118 12.72 14.58 13.21
N VAL A 119 11.72 14.15 13.98
CA VAL A 119 10.43 14.80 14.07
C VAL A 119 9.91 14.69 15.50
N VAL A 120 9.60 15.83 16.11
CA VAL A 120 9.20 15.95 17.51
C VAL A 120 7.97 16.85 17.65
N LYS A 121 7.22 17.07 16.58
CA LYS A 121 6.01 17.88 16.51
C LYS A 121 4.96 17.06 15.78
N LEU A 122 3.68 17.29 16.08
CA LEU A 122 2.57 16.64 15.36
C LEU A 122 2.04 17.59 14.29
N MET A 123 1.25 17.05 13.36
CA MET A 123 0.31 17.80 12.55
C MET A 123 -0.79 16.83 12.14
N LEU A 124 -2.01 17.09 12.61
CA LEU A 124 -3.19 16.43 12.07
C LEU A 124 -3.41 16.89 10.65
N GLY A 1 -18.57 -7.04 -13.88
CA GLY A 1 -17.26 -6.94 -14.52
C GLY A 1 -16.14 -7.25 -13.53
N MET A 2 -14.90 -7.31 -14.01
CA MET A 2 -13.72 -7.50 -13.16
C MET A 2 -12.55 -6.69 -13.73
N ARG A 3 -12.11 -5.70 -13.00
CA ARG A 3 -10.98 -4.87 -13.32
C ARG A 3 -9.75 -5.60 -12.83
N ILE A 4 -9.00 -6.21 -13.74
CA ILE A 4 -7.71 -6.85 -13.45
C ILE A 4 -6.61 -6.00 -14.08
N PRO A 5 -5.61 -5.46 -13.34
CA PRO A 5 -4.45 -4.86 -13.96
C PRO A 5 -3.61 -5.93 -14.63
N SER A 6 -3.26 -5.69 -15.90
CA SER A 6 -2.20 -6.42 -16.55
C SER A 6 -0.87 -5.67 -16.48
N ALA A 7 -0.87 -4.40 -16.03
CA ALA A 7 0.32 -3.56 -16.05
C ALA A 7 1.18 -3.73 -14.81
N ILE A 8 1.20 -4.94 -14.25
CA ILE A 8 1.77 -5.30 -12.96
C ILE A 8 3.28 -4.98 -12.99
N GLN A 9 3.67 -3.81 -12.50
CA GLN A 9 5.04 -3.38 -12.39
C GLN A 9 5.27 -3.13 -10.92
N LEU A 10 6.03 -3.98 -10.24
CA LEU A 10 6.45 -3.72 -8.86
C LEU A 10 7.64 -2.75 -8.80
N HIS A 11 8.20 -2.37 -9.96
CA HIS A 11 9.33 -1.48 -10.15
C HIS A 11 10.46 -1.78 -9.17
N LYS A 12 11.23 -2.84 -9.42
CA LYS A 12 12.24 -3.35 -8.50
C LYS A 12 13.30 -2.34 -8.07
N ALA A 13 13.43 -1.19 -8.73
CA ALA A 13 14.22 -0.07 -8.25
C ALA A 13 13.51 0.59 -7.05
N SER A 14 12.59 1.53 -7.23
CA SER A 14 11.96 2.25 -6.11
C SER A 14 10.89 1.45 -5.35
N LYS A 15 10.61 0.20 -5.75
CA LYS A 15 9.66 -0.73 -5.13
C LYS A 15 8.22 -0.19 -5.21
N THR A 16 7.77 0.21 -6.40
CA THR A 16 6.51 0.89 -6.64
C THR A 16 5.54 -0.03 -7.40
N LEU A 17 4.44 -0.48 -6.79
CA LEU A 17 3.35 -1.25 -7.44
C LEU A 17 2.58 -0.33 -8.39
N THR A 18 2.53 -0.66 -9.67
CA THR A 18 1.91 0.18 -10.68
C THR A 18 0.93 -0.57 -11.53
N LEU A 19 -0.20 0.09 -11.73
CA LEU A 19 -1.39 -0.50 -12.27
C LEU A 19 -1.85 0.39 -13.40
N ARG A 20 -2.95 -0.07 -13.94
CA ARG A 20 -3.69 0.62 -14.99
C ARG A 20 -5.18 0.70 -14.70
N TYR A 21 -5.65 1.57 -13.80
CA TYR A 21 -7.08 1.72 -13.52
C TYR A 21 -7.78 2.29 -14.76
N GLY A 22 -8.17 1.40 -15.66
CA GLY A 22 -8.97 1.70 -16.82
C GLY A 22 -8.01 2.25 -17.83
N GLU A 23 -7.94 3.57 -17.91
CA GLU A 23 -6.97 4.26 -18.72
C GLU A 23 -5.75 4.74 -17.91
N ASP A 24 -5.94 4.96 -16.61
CA ASP A 24 -5.09 5.86 -15.81
C ASP A 24 -3.97 5.10 -15.11
N SER A 25 -2.88 5.79 -14.77
CA SER A 25 -1.64 5.21 -14.27
C SER A 25 -1.30 5.69 -12.86
N TYR A 26 -1.50 4.80 -11.88
CA TYR A 26 -1.25 5.03 -10.46
C TYR A 26 -0.16 4.06 -9.99
N ASP A 27 0.89 4.60 -9.38
CA ASP A 27 2.18 3.96 -9.13
C ASP A 27 2.53 4.09 -7.65
N LEU A 28 1.99 3.18 -6.85
CA LEU A 28 1.91 3.31 -5.42
C LEU A 28 3.16 2.70 -4.77
N PRO A 29 3.63 3.26 -3.66
CA PRO A 29 4.82 2.76 -2.99
C PRO A 29 4.50 1.50 -2.18
N ALA A 30 5.49 0.63 -1.98
CA ALA A 30 5.40 -0.57 -1.13
C ALA A 30 4.80 -0.24 0.24
N GLU A 31 5.24 0.87 0.86
CA GLU A 31 4.78 1.37 2.15
C GLU A 31 3.27 1.58 2.18
N PHE A 32 2.69 2.23 1.17
CA PHE A 32 1.26 2.57 1.13
C PHE A 32 0.44 1.29 1.22
N LEU A 33 0.86 0.25 0.50
CA LEU A 33 0.19 -1.04 0.57
C LEU A 33 0.38 -1.69 1.93
N ARG A 34 1.55 -1.57 2.57
CA ARG A 34 1.78 -2.15 3.90
C ARG A 34 0.95 -1.48 5.00
N VAL A 35 0.44 -0.27 4.80
CA VAL A 35 -0.32 0.46 5.82
C VAL A 35 -1.83 0.44 5.54
N HIS A 36 -2.25 -0.24 4.48
CA HIS A 36 -3.65 -0.56 4.20
C HIS A 36 -3.80 -2.03 3.77
N SER A 37 -2.87 -2.89 4.18
CA SER A 37 -2.89 -4.31 3.87
C SER A 37 -3.88 -5.04 4.78
N PRO A 38 -4.57 -6.07 4.28
CA PRO A 38 -5.38 -6.96 5.10
C PRO A 38 -4.47 -7.97 5.81
N SER A 39 -5.12 -8.96 6.42
CA SER A 39 -4.59 -10.17 7.02
C SER A 39 -5.44 -11.36 6.58
N ALA A 40 -6.07 -11.27 5.39
CA ALA A 40 -7.14 -12.08 4.85
C ALA A 40 -8.46 -12.02 5.64
N GLU A 41 -8.40 -11.93 6.96
CA GLU A 41 -9.51 -12.13 7.89
C GLU A 41 -9.99 -10.81 8.51
N VAL A 42 -10.00 -9.76 7.69
CA VAL A 42 -10.34 -8.41 8.11
C VAL A 42 -11.75 -8.05 7.67
N GLN A 43 -12.14 -8.51 6.48
CA GLN A 43 -13.41 -8.26 5.80
C GLN A 43 -13.40 -6.84 5.25
N GLY A 44 -12.31 -6.50 4.56
CA GLY A 44 -12.04 -5.19 4.01
C GLY A 44 -10.79 -4.65 4.65
N HIS A 45 -10.98 -3.72 5.58
CA HIS A 45 -9.99 -2.80 6.11
C HIS A 45 -10.04 -2.71 7.64
N GLY A 46 -11.06 -3.31 8.25
CA GLY A 46 -11.20 -3.44 9.68
C GLY A 46 -11.53 -2.09 10.29
N ASN A 47 -10.60 -1.57 11.08
CA ASN A 47 -10.79 -0.39 11.91
C ASN A 47 -9.74 0.65 11.50
N PRO A 48 -9.99 1.95 11.71
CA PRO A 48 -9.01 3.00 11.44
C PRO A 48 -7.83 2.86 12.38
N VAL A 49 -6.63 2.63 11.82
CA VAL A 49 -5.39 2.71 12.56
C VAL A 49 -4.34 3.39 11.69
N LEU A 50 -3.66 4.38 12.28
CA LEU A 50 -2.48 4.99 11.71
C LEU A 50 -1.31 4.02 11.87
N GLN A 51 -0.80 3.47 10.77
CA GLN A 51 0.31 2.53 10.83
C GLN A 51 1.61 3.29 10.52
N TYR A 52 2.17 3.94 11.55
CA TYR A 52 3.42 4.69 11.44
C TYR A 52 4.63 3.75 11.46
N GLY A 53 5.82 4.34 11.39
CA GLY A 53 7.08 3.58 11.45
C GLY A 53 7.36 2.73 10.20
N LYS A 54 6.62 2.93 9.09
CA LYS A 54 6.71 2.18 7.83
C LYS A 54 7.17 3.09 6.67
N LEU A 55 8.18 3.94 6.81
CA LEU A 55 8.81 4.66 5.68
C LEU A 55 9.93 3.85 5.02
N ASN A 56 10.45 2.81 5.69
CA ASN A 56 11.63 2.04 5.25
C ASN A 56 11.27 0.73 4.56
N VAL A 57 10.03 0.24 4.74
CA VAL A 57 9.52 -1.01 4.17
C VAL A 57 9.71 -1.06 2.66
N GLY A 58 10.01 -2.26 2.15
CA GLY A 58 10.11 -2.54 0.75
C GLY A 58 9.31 -3.74 0.31
N LEU A 59 9.58 -4.14 -0.93
CA LEU A 59 8.91 -5.20 -1.66
C LEU A 59 9.93 -5.94 -2.47
N VAL A 60 9.60 -7.20 -2.71
CA VAL A 60 10.53 -8.25 -3.06
C VAL A 60 10.04 -8.88 -4.35
N GLY A 61 8.75 -9.20 -4.43
CA GLY A 61 8.20 -9.93 -5.56
C GLY A 61 6.69 -9.81 -5.59
N VAL A 62 6.10 -10.05 -6.76
CA VAL A 62 4.65 -10.02 -6.97
C VAL A 62 4.29 -11.02 -8.08
N GLU A 63 3.22 -11.77 -7.86
CA GLU A 63 2.64 -12.77 -8.77
C GLU A 63 1.10 -12.73 -8.69
N PRO A 64 0.39 -13.35 -9.63
CA PRO A 64 -1.05 -13.56 -9.54
C PRO A 64 -1.40 -14.56 -8.44
N ALA A 65 -2.23 -14.19 -7.46
CA ALA A 65 -2.86 -15.19 -6.59
C ALA A 65 -4.15 -15.72 -7.23
N GLY A 66 -4.00 -16.73 -8.10
CA GLY A 66 -5.11 -17.44 -8.71
C GLY A 66 -5.58 -16.65 -9.92
N GLN A 67 -6.89 -16.47 -10.00
CA GLN A 67 -7.55 -15.81 -11.12
C GLN A 67 -8.46 -14.67 -10.59
N TYR A 68 -8.35 -14.34 -9.30
CA TYR A 68 -9.22 -13.42 -8.58
C TYR A 68 -8.48 -12.56 -7.55
N ALA A 69 -7.19 -12.81 -7.29
CA ALA A 69 -6.41 -12.05 -6.31
C ALA A 69 -4.95 -11.93 -6.76
N LEU A 70 -4.11 -11.37 -5.90
CA LEU A 70 -2.74 -10.99 -6.19
C LEU A 70 -1.88 -11.41 -5.00
N LYS A 71 -0.80 -12.14 -5.25
CA LYS A 71 0.23 -12.52 -4.30
C LYS A 71 1.28 -11.41 -4.29
N LEU A 72 1.12 -10.43 -3.41
CA LEU A 72 2.16 -9.46 -3.10
C LEU A 72 3.10 -10.11 -2.10
N SER A 73 4.40 -9.86 -2.15
CA SER A 73 5.36 -10.34 -1.16
C SER A 73 6.15 -9.12 -0.72
N PHE A 74 6.11 -8.78 0.57
CA PHE A 74 6.76 -7.58 1.11
C PHE A 74 8.08 -8.00 1.72
N ASP A 75 9.01 -7.05 1.70
CA ASP A 75 10.34 -7.25 2.25
C ASP A 75 10.23 -7.19 3.77
N ASP A 76 9.46 -6.22 4.24
CA ASP A 76 9.25 -5.95 5.65
C ASP A 76 8.04 -6.69 6.21
N GLY A 77 7.39 -7.58 5.47
CA GLY A 77 6.12 -8.14 5.93
C GLY A 77 5.62 -9.34 5.14
N HIS A 78 4.53 -9.92 5.65
CA HIS A 78 3.81 -11.02 5.01
C HIS A 78 3.19 -10.62 3.67
N ASP A 79 2.71 -11.60 2.93
CA ASP A 79 1.90 -11.44 1.72
C ASP A 79 0.45 -10.99 2.00
N SER A 80 0.02 -10.96 3.26
CA SER A 80 -1.33 -10.56 3.71
C SER A 80 -2.48 -11.48 3.25
N GLY A 81 -2.13 -12.63 2.68
CA GLY A 81 -2.99 -13.79 2.48
C GLY A 81 -3.85 -13.67 1.22
N LEU A 82 -4.64 -12.61 1.11
CA LEU A 82 -5.40 -12.26 -0.10
C LEU A 82 -5.30 -10.74 -0.28
N PHE A 83 -5.71 -10.24 -1.45
CA PHE A 83 -5.88 -8.81 -1.70
C PHE A 83 -7.19 -8.58 -2.44
N THR A 84 -7.38 -9.32 -3.54
CA THR A 84 -8.55 -9.35 -4.40
C THR A 84 -8.61 -8.10 -5.28
N TRP A 85 -9.04 -8.29 -6.53
CA TRP A 85 -8.89 -7.28 -7.57
C TRP A 85 -9.76 -6.04 -7.32
N ASP A 86 -10.92 -6.19 -6.69
CA ASP A 86 -11.85 -5.10 -6.49
C ASP A 86 -11.33 -4.13 -5.42
N TYR A 87 -10.43 -4.58 -4.55
CA TYR A 87 -9.76 -3.77 -3.55
C TYR A 87 -8.52 -3.09 -4.12
N LEU A 88 -7.72 -3.83 -4.90
CA LEU A 88 -6.43 -3.35 -5.39
C LEU A 88 -6.59 -2.04 -6.16
N TYR A 89 -7.44 -2.04 -7.18
CA TYR A 89 -7.73 -0.85 -7.95
C TYR A 89 -8.41 0.23 -7.13
N GLU A 90 -9.21 -0.12 -6.12
CA GLU A 90 -9.83 0.87 -5.28
C GLU A 90 -8.74 1.74 -4.63
N LEU A 91 -7.80 1.10 -3.94
CA LEU A 91 -6.68 1.79 -3.33
C LEU A 91 -5.81 2.47 -4.40
N ALA A 92 -5.71 1.93 -5.62
CA ALA A 92 -5.00 2.55 -6.76
C ALA A 92 -5.51 3.97 -7.01
N THR A 93 -6.83 4.12 -7.22
CA THR A 93 -7.39 5.41 -7.62
C THR A 93 -7.50 6.35 -6.41
N ARG A 94 -7.56 5.80 -5.20
CA ARG A 94 -7.72 6.56 -3.97
C ARG A 94 -6.40 7.03 -3.37
N LYS A 95 -5.26 6.46 -3.77
CA LYS A 95 -3.99 6.56 -3.06
C LYS A 95 -3.70 7.96 -2.59
N ASP A 96 -3.61 8.89 -3.52
CA ASP A 96 -3.24 10.28 -3.29
C ASP A 96 -4.09 10.93 -2.20
N GLN A 97 -5.39 10.64 -2.17
CA GLN A 97 -6.31 11.17 -1.18
C GLN A 97 -6.01 10.54 0.18
N LEU A 98 -5.93 9.21 0.22
CA LEU A 98 -5.68 8.43 1.43
C LEU A 98 -4.36 8.82 2.06
N TRP A 99 -3.34 9.03 1.22
CA TRP A 99 -2.01 9.40 1.63
C TRP A 99 -2.07 10.72 2.39
N ALA A 100 -2.60 11.78 1.79
CA ALA A 100 -2.71 13.06 2.47
C ALA A 100 -3.57 12.98 3.74
N ASP A 101 -4.53 12.05 3.81
CA ASP A 101 -5.31 11.77 5.03
C ASP A 101 -4.40 11.19 6.11
N TYR A 102 -3.70 10.08 5.82
CA TYR A 102 -2.82 9.41 6.77
C TYR A 102 -1.59 10.26 7.13
N LEU A 103 -1.15 11.16 6.25
CA LEU A 103 -0.09 12.12 6.56
C LEU A 103 -0.55 13.06 7.66
N ALA A 104 -1.77 13.58 7.56
CA ALA A 104 -2.33 14.44 8.59
C ALA A 104 -2.40 13.68 9.91
N GLU A 105 -2.90 12.44 9.90
CA GLU A 105 -2.88 11.62 11.10
C GLU A 105 -1.49 11.46 11.68
N LEU A 106 -0.46 11.18 10.88
CA LEU A 106 0.87 10.92 11.40
C LEU A 106 1.40 12.18 12.06
N ALA A 107 1.21 13.30 11.37
CA ALA A 107 1.57 14.62 11.82
C ALA A 107 0.90 14.87 13.19
N SER A 108 -0.41 14.62 13.29
CA SER A 108 -1.23 14.84 14.47
C SER A 108 -0.89 13.89 15.61
N ALA A 109 -0.63 12.62 15.32
CA ALA A 109 -0.28 11.60 16.30
C ALA A 109 1.07 11.89 16.95
N GLY A 110 1.87 12.79 16.35
CA GLY A 110 3.20 13.11 16.84
C GLY A 110 4.11 11.89 16.76
N LYS A 111 3.82 10.96 15.86
CA LYS A 111 4.72 9.86 15.54
C LYS A 111 5.42 10.21 14.23
N SER A 112 6.20 9.26 13.72
CA SER A 112 7.00 9.45 12.54
C SER A 112 6.84 8.28 11.60
N ARG A 113 6.91 8.55 10.30
CA ARG A 113 6.99 7.49 9.30
C ARG A 113 8.31 6.75 9.45
N ASP A 114 9.41 7.49 9.57
CA ASP A 114 10.79 6.97 9.61
C ASP A 114 10.95 6.03 10.81
N PRO A 115 11.87 5.06 10.72
CA PRO A 115 11.91 3.94 11.65
C PRO A 115 12.46 4.29 13.04
N ASP A 116 13.34 5.27 13.15
CA ASP A 116 13.81 5.81 14.43
C ASP A 116 14.07 7.30 14.27
N GLU A 117 13.04 7.99 13.78
CA GLU A 117 13.06 9.37 13.40
C GLU A 117 13.46 10.23 14.58
N SER A 118 14.50 11.04 14.39
CA SER A 118 15.26 11.63 15.48
C SER A 118 15.58 13.11 15.24
N VAL A 119 14.74 13.82 14.48
CA VAL A 119 14.94 15.24 14.17
C VAL A 119 13.59 15.96 14.21
N VAL A 120 13.23 16.47 15.39
CA VAL A 120 12.10 17.36 15.64
C VAL A 120 12.26 18.66 14.82
N LYS A 121 11.57 18.76 13.68
CA LYS A 121 11.36 20.03 12.98
C LYS A 121 9.92 20.12 12.47
N LEU A 122 9.65 19.54 11.29
CA LEU A 122 8.42 19.60 10.51
C LEU A 122 8.37 18.39 9.58
N MET A 123 7.28 18.18 8.83
CA MET A 123 7.14 17.14 7.79
C MET A 123 6.27 17.63 6.62
N LEU A 124 6.22 18.96 6.39
CA LEU A 124 5.17 19.63 5.63
C LEU A 124 3.87 19.42 6.38
N GLY A 1 -17.16 -6.20 -16.41
CA GLY A 1 -16.00 -7.09 -16.25
C GLY A 1 -15.04 -6.62 -15.18
N MET A 2 -14.18 -7.52 -14.69
CA MET A 2 -13.36 -7.26 -13.50
C MET A 2 -12.21 -6.29 -13.79
N ARG A 3 -11.82 -5.56 -12.76
CA ARG A 3 -10.77 -4.57 -12.70
C ARG A 3 -9.43 -5.25 -12.45
N ILE A 4 -9.01 -6.11 -13.38
CA ILE A 4 -7.71 -6.75 -13.31
C ILE A 4 -6.77 -5.84 -14.10
N PRO A 5 -5.72 -5.22 -13.53
CA PRO A 5 -4.69 -4.59 -14.35
C PRO A 5 -3.99 -5.65 -15.18
N SER A 6 -3.69 -5.31 -16.43
CA SER A 6 -2.81 -6.12 -17.24
C SER A 6 -1.36 -5.68 -17.03
N ALA A 7 -1.09 -4.42 -16.63
CA ALA A 7 0.26 -4.00 -16.31
C ALA A 7 0.43 -4.11 -14.80
N ILE A 8 1.15 -5.14 -14.35
CA ILE A 8 1.74 -5.22 -13.03
C ILE A 8 3.24 -5.01 -13.27
N GLN A 9 3.67 -3.75 -13.36
CA GLN A 9 5.07 -3.42 -13.19
C GLN A 9 5.33 -3.29 -11.71
N LEU A 10 5.82 -4.37 -11.11
CA LEU A 10 6.29 -4.36 -9.72
C LEU A 10 7.64 -3.63 -9.57
N HIS A 11 8.25 -3.20 -10.68
CA HIS A 11 9.53 -2.51 -10.79
C HIS A 11 10.57 -3.16 -9.89
N LYS A 12 11.10 -4.33 -10.25
CA LYS A 12 11.94 -5.12 -9.34
C LYS A 12 13.28 -4.45 -8.97
N ALA A 13 13.64 -3.33 -9.62
CA ALA A 13 14.79 -2.49 -9.27
C ALA A 13 14.40 -1.22 -8.49
N SER A 14 13.13 -0.84 -8.47
CA SER A 14 12.65 0.49 -8.07
C SER A 14 11.45 0.40 -7.10
N LYS A 15 11.00 -0.82 -6.81
CA LYS A 15 10.18 -1.24 -5.68
C LYS A 15 8.81 -0.55 -5.69
N THR A 16 8.24 -0.35 -6.88
CA THR A 16 7.03 0.42 -7.12
C THR A 16 6.05 -0.45 -7.91
N LEU A 17 4.83 -0.65 -7.39
CA LEU A 17 3.71 -1.32 -8.04
C LEU A 17 2.99 -0.33 -8.96
N THR A 18 3.15 -0.47 -10.27
CA THR A 18 2.54 0.42 -11.25
C THR A 18 1.47 -0.27 -12.07
N LEU A 19 0.36 0.43 -12.28
CA LEU A 19 -0.87 -0.06 -12.84
C LEU A 19 -1.30 0.90 -13.92
N ARG A 20 -2.34 0.46 -14.58
CA ARG A 20 -3.00 1.27 -15.64
C ARG A 20 -4.54 1.37 -15.58
N TYR A 21 -5.09 2.07 -14.59
CA TYR A 21 -6.52 2.29 -14.45
C TYR A 21 -7.04 3.05 -15.67
N GLY A 22 -7.79 2.37 -16.53
CA GLY A 22 -8.35 2.93 -17.75
C GLY A 22 -7.22 3.42 -18.66
N GLU A 23 -7.13 4.73 -18.84
CA GLU A 23 -6.15 5.39 -19.70
C GLU A 23 -4.98 5.94 -18.87
N ASP A 24 -5.08 5.94 -17.55
CA ASP A 24 -4.19 6.65 -16.64
C ASP A 24 -3.21 5.64 -16.04
N SER A 25 -2.04 6.08 -15.56
CA SER A 25 -1.04 5.21 -14.95
C SER A 25 -0.53 5.71 -13.61
N TYR A 26 -1.01 5.05 -12.55
CA TYR A 26 -0.60 5.30 -11.18
C TYR A 26 0.45 4.27 -10.81
N ASP A 27 1.46 4.75 -10.11
CA ASP A 27 2.64 4.05 -9.65
C ASP A 27 2.59 4.19 -8.14
N LEU A 28 2.28 3.10 -7.44
CA LEU A 28 2.17 3.09 -6.01
C LEU A 28 3.49 2.51 -5.46
N PRO A 29 4.01 3.00 -4.34
CA PRO A 29 5.24 2.45 -3.79
C PRO A 29 4.98 1.19 -2.97
N ALA A 30 6.02 0.44 -2.64
CA ALA A 30 5.90 -0.72 -1.75
C ALA A 30 5.30 -0.35 -0.39
N GLU A 31 5.71 0.77 0.21
CA GLU A 31 5.16 1.14 1.52
C GLU A 31 3.66 1.42 1.46
N PHE A 32 3.16 1.95 0.33
CA PHE A 32 1.75 2.30 0.21
C PHE A 32 0.86 1.10 0.53
N LEU A 33 1.12 -0.03 -0.13
CA LEU A 33 0.25 -1.19 -0.04
C LEU A 33 0.37 -1.85 1.33
N ARG A 34 1.56 -1.92 1.90
CA ARG A 34 1.75 -2.48 3.25
C ARG A 34 0.91 -1.71 4.28
N VAL A 35 0.72 -0.40 4.16
CA VAL A 35 -0.14 0.34 5.10
C VAL A 35 -1.63 0.24 4.69
N HIS A 36 -1.96 -0.29 3.50
CA HIS A 36 -3.31 -0.45 2.96
C HIS A 36 -3.62 -1.91 2.58
N SER A 37 -3.11 -2.89 3.37
CA SER A 37 -3.25 -4.31 3.10
C SER A 37 -4.26 -4.96 4.06
N PRO A 38 -5.58 -4.93 3.75
CA PRO A 38 -6.61 -5.52 4.58
C PRO A 38 -6.48 -7.04 4.48
N SER A 39 -6.14 -7.69 5.58
CA SER A 39 -6.11 -9.14 5.69
C SER A 39 -7.54 -9.70 5.56
N ALA A 40 -7.66 -11.02 5.39
CA ALA A 40 -8.93 -11.75 5.39
C ALA A 40 -9.05 -12.69 6.59
N GLU A 41 -7.97 -12.83 7.35
CA GLU A 41 -7.86 -13.67 8.53
C GLU A 41 -8.26 -12.90 9.79
N VAL A 42 -8.94 -11.77 9.59
CA VAL A 42 -9.20 -10.75 10.60
C VAL A 42 -10.36 -11.22 11.47
N GLN A 43 -11.56 -11.30 10.86
CA GLN A 43 -12.78 -11.83 11.44
C GLN A 43 -13.12 -11.10 12.75
N GLY A 44 -13.10 -9.77 12.69
CA GLY A 44 -13.37 -8.96 13.87
C GLY A 44 -13.51 -7.46 13.63
N HIS A 45 -12.99 -6.91 12.51
CA HIS A 45 -13.01 -5.48 12.20
C HIS A 45 -12.64 -4.58 13.40
N GLY A 46 -11.57 -4.95 14.12
CA GLY A 46 -10.99 -4.13 15.17
C GLY A 46 -10.65 -2.72 14.66
N ASN A 47 -10.30 -1.84 15.60
CA ASN A 47 -10.10 -0.41 15.34
C ASN A 47 -9.12 -0.12 14.21
N PRO A 48 -9.23 1.05 13.56
CA PRO A 48 -8.22 1.55 12.66
C PRO A 48 -6.97 1.85 13.49
N VAL A 49 -5.80 1.61 12.90
CA VAL A 49 -4.51 1.85 13.52
C VAL A 49 -3.59 2.40 12.44
N LEU A 50 -2.86 3.45 12.78
CA LEU A 50 -1.86 4.08 11.94
C LEU A 50 -0.62 3.20 11.85
N GLN A 51 -0.34 2.71 10.64
CA GLN A 51 0.78 1.87 10.34
C GLN A 51 1.95 2.77 9.94
N TYR A 52 3.01 2.79 10.75
CA TYR A 52 4.19 3.63 10.57
C TYR A 52 5.42 2.77 10.29
N GLY A 53 6.63 3.35 10.40
CA GLY A 53 7.91 2.67 10.18
C GLY A 53 7.93 1.97 8.81
N LYS A 54 8.05 2.74 7.74
CA LYS A 54 7.97 2.27 6.35
C LYS A 54 8.93 2.96 5.38
N LEU A 55 9.80 3.85 5.86
CA LEU A 55 10.64 4.65 4.97
C LEU A 55 11.66 3.80 4.18
N ASN A 56 11.93 2.58 4.63
CA ASN A 56 13.06 1.79 4.17
C ASN A 56 12.64 0.59 3.31
N VAL A 57 11.33 0.31 3.25
CA VAL A 57 10.73 -0.83 2.54
C VAL A 57 11.23 -0.94 1.10
N GLY A 58 11.15 -2.15 0.53
CA GLY A 58 11.33 -2.30 -0.89
C GLY A 58 10.82 -3.57 -1.55
N LEU A 59 9.75 -4.14 -1.00
CA LEU A 59 9.04 -5.28 -1.52
C LEU A 59 9.91 -6.50 -1.76
N VAL A 60 9.27 -7.58 -2.15
CA VAL A 60 9.95 -8.85 -2.35
C VAL A 60 9.26 -9.61 -3.47
N GLY A 61 7.94 -9.51 -3.59
CA GLY A 61 7.19 -10.23 -4.60
C GLY A 61 5.71 -9.89 -4.65
N VAL A 62 5.03 -10.42 -5.67
CA VAL A 62 3.62 -10.30 -5.91
C VAL A 62 3.23 -11.36 -6.92
N GLU A 63 2.26 -12.21 -6.56
CA GLU A 63 1.75 -13.29 -7.42
C GLU A 63 0.24 -13.46 -7.21
N PRO A 64 -0.54 -13.80 -8.25
CA PRO A 64 -2.00 -13.75 -8.20
C PRO A 64 -2.57 -14.79 -7.23
N ALA A 65 -3.76 -14.53 -6.69
CA ALA A 65 -4.44 -15.38 -5.74
C ALA A 65 -5.78 -15.79 -6.35
N GLY A 66 -5.82 -17.02 -6.84
CA GLY A 66 -6.88 -17.55 -7.68
C GLY A 66 -6.97 -16.70 -8.92
N GLN A 67 -8.10 -16.01 -9.08
CA GLN A 67 -8.40 -15.18 -10.24
C GLN A 67 -9.10 -13.88 -9.85
N TYR A 68 -9.05 -13.60 -8.55
CA TYR A 68 -9.90 -12.63 -7.88
C TYR A 68 -9.10 -11.77 -6.91
N ALA A 69 -8.13 -12.36 -6.21
CA ALA A 69 -7.29 -11.69 -5.23
C ALA A 69 -5.85 -11.64 -5.75
N LEU A 70 -4.96 -10.98 -5.00
CA LEU A 70 -3.55 -10.86 -5.33
C LEU A 70 -2.75 -11.08 -4.05
N LYS A 71 -1.70 -11.88 -4.11
CA LYS A 71 -0.82 -12.27 -3.00
C LYS A 71 0.39 -11.31 -3.05
N LEU A 72 0.28 -10.16 -2.40
CA LEU A 72 1.34 -9.16 -2.29
C LEU A 72 2.32 -9.59 -1.20
N SER A 73 3.62 -9.38 -1.43
CA SER A 73 4.67 -9.76 -0.48
C SER A 73 5.53 -8.53 -0.25
N PHE A 74 5.53 -7.98 0.97
CA PHE A 74 6.23 -6.75 1.28
C PHE A 74 7.46 -7.05 2.12
N ASP A 75 8.57 -6.41 1.79
CA ASP A 75 9.86 -6.59 2.46
C ASP A 75 9.79 -6.34 3.97
N ASP A 76 8.90 -5.45 4.43
CA ASP A 76 8.68 -5.16 5.86
C ASP A 76 7.33 -5.75 6.34
N GLY A 77 6.81 -6.79 5.68
CA GLY A 77 5.43 -7.21 5.81
C GLY A 77 5.23 -8.66 6.27
N HIS A 78 3.95 -9.03 6.32
CA HIS A 78 3.40 -10.32 6.73
C HIS A 78 3.08 -11.24 5.55
N ASP A 79 3.08 -10.71 4.32
CA ASP A 79 2.72 -11.37 3.05
C ASP A 79 1.23 -11.75 3.02
N SER A 80 0.67 -12.08 1.86
CA SER A 80 -0.64 -12.71 1.71
C SER A 80 -1.83 -11.93 2.32
N GLY A 81 -2.99 -12.58 2.42
CA GLY A 81 -4.16 -12.10 3.14
C GLY A 81 -5.27 -11.47 2.29
N LEU A 82 -5.43 -11.86 1.02
CA LEU A 82 -6.32 -11.27 0.01
C LEU A 82 -5.96 -9.81 -0.29
N PHE A 83 -6.67 -9.19 -1.24
CA PHE A 83 -6.62 -7.79 -1.64
C PHE A 83 -7.90 -7.50 -2.43
N THR A 84 -8.11 -8.31 -3.47
CA THR A 84 -9.23 -8.31 -4.41
C THR A 84 -9.14 -7.16 -5.42
N TRP A 85 -9.57 -7.44 -6.66
CA TRP A 85 -9.26 -6.60 -7.81
C TRP A 85 -9.96 -5.25 -7.75
N ASP A 86 -11.16 -5.23 -7.16
CA ASP A 86 -11.98 -4.01 -7.10
C ASP A 86 -11.24 -2.95 -6.29
N TYR A 87 -10.75 -3.38 -5.12
CA TYR A 87 -9.93 -2.60 -4.21
C TYR A 87 -8.59 -2.25 -4.84
N LEU A 88 -7.88 -3.18 -5.48
CA LEU A 88 -6.52 -2.90 -5.98
C LEU A 88 -6.48 -1.80 -7.04
N TYR A 89 -7.41 -1.80 -7.99
CA TYR A 89 -7.46 -0.71 -8.96
C TYR A 89 -8.04 0.55 -8.33
N GLU A 90 -8.94 0.44 -7.34
CA GLU A 90 -9.44 1.60 -6.62
C GLU A 90 -8.27 2.30 -5.94
N LEU A 91 -7.43 1.58 -5.20
CA LEU A 91 -6.20 2.05 -4.58
C LEU A 91 -5.31 2.80 -5.57
N ALA A 92 -5.22 2.36 -6.83
CA ALA A 92 -4.44 3.02 -7.87
C ALA A 92 -4.83 4.50 -7.99
N THR A 93 -6.11 4.77 -8.23
CA THR A 93 -6.60 6.14 -8.44
C THR A 93 -6.78 6.87 -7.11
N ARG A 94 -7.04 6.13 -6.03
CA ARG A 94 -7.23 6.71 -4.71
C ARG A 94 -5.92 7.07 -4.07
N LYS A 95 -4.77 6.56 -4.54
CA LYS A 95 -3.49 6.74 -3.89
C LYS A 95 -3.28 8.22 -3.55
N ASP A 96 -3.58 9.10 -4.49
CA ASP A 96 -3.43 10.54 -4.36
C ASP A 96 -4.12 11.09 -3.10
N GLN A 97 -5.33 10.62 -2.78
CA GLN A 97 -6.06 10.97 -1.56
C GLN A 97 -5.45 10.22 -0.38
N LEU A 98 -5.40 8.90 -0.49
CA LEU A 98 -5.07 7.98 0.59
C LEU A 98 -3.72 8.32 1.18
N TRP A 99 -2.73 8.55 0.31
CA TRP A 99 -1.39 8.86 0.71
C TRP A 99 -1.33 10.20 1.41
N ALA A 100 -2.00 11.23 0.87
CA ALA A 100 -1.98 12.54 1.49
C ALA A 100 -2.54 12.47 2.91
N ASP A 101 -3.61 11.70 3.07
CA ASP A 101 -4.26 11.48 4.35
C ASP A 101 -3.37 10.67 5.30
N TYR A 102 -2.78 9.58 4.80
CA TYR A 102 -1.87 8.74 5.58
C TYR A 102 -0.63 9.52 6.02
N LEU A 103 -0.17 10.50 5.23
CA LEU A 103 0.89 11.41 5.62
C LEU A 103 0.42 12.27 6.78
N ALA A 104 -0.78 12.86 6.68
CA ALA A 104 -1.32 13.74 7.71
C ALA A 104 -1.36 13.04 9.06
N GLU A 105 -1.87 11.81 9.12
CA GLU A 105 -1.85 10.97 10.32
C GLU A 105 -0.41 10.79 10.82
N LEU A 106 0.53 10.38 9.95
CA LEU A 106 1.94 10.18 10.29
C LEU A 106 2.68 11.49 10.59
N ALA A 107 2.03 12.63 10.45
CA ALA A 107 2.54 13.93 10.88
C ALA A 107 1.87 14.33 12.20
N SER A 108 0.59 14.02 12.41
CA SER A 108 -0.13 14.37 13.62
C SER A 108 0.28 13.47 14.80
N ALA A 109 0.40 12.17 14.54
CA ALA A 109 0.56 11.11 15.53
C ALA A 109 1.88 11.13 16.30
N GLY A 110 2.83 12.00 15.96
CA GLY A 110 4.15 12.00 16.58
C GLY A 110 5.02 10.82 16.15
N LYS A 111 4.55 9.94 15.25
CA LYS A 111 5.38 8.85 14.73
C LYS A 111 6.03 9.33 13.44
N SER A 112 6.81 8.47 12.80
CA SER A 112 7.50 8.79 11.57
C SER A 112 7.58 7.61 10.64
N ARG A 113 7.86 7.89 9.37
CA ARG A 113 8.15 6.82 8.45
C ARG A 113 9.47 6.17 8.79
N ASP A 114 10.47 6.93 9.24
CA ASP A 114 11.72 6.30 9.69
C ASP A 114 11.43 5.66 11.06
N PRO A 115 12.03 4.50 11.35
CA PRO A 115 11.65 3.67 12.48
C PRO A 115 12.02 4.27 13.83
N ASP A 116 12.91 5.26 13.84
CA ASP A 116 13.36 5.96 15.03
C ASP A 116 13.69 7.44 14.73
N GLU A 117 12.99 8.03 13.75
CA GLU A 117 13.11 9.43 13.34
C GLU A 117 12.89 10.36 14.54
N SER A 118 13.63 11.46 14.63
CA SER A 118 13.56 12.41 15.73
C SER A 118 13.77 13.84 15.18
N VAL A 119 12.73 14.44 14.60
CA VAL A 119 12.81 15.74 13.92
C VAL A 119 11.63 16.59 14.39
N VAL A 120 11.72 17.20 15.58
CA VAL A 120 10.62 17.93 16.20
C VAL A 120 10.27 19.20 15.41
N LYS A 121 9.28 19.12 14.53
CA LYS A 121 8.86 20.22 13.67
C LYS A 121 7.35 20.40 13.70
N LEU A 122 6.90 21.60 13.36
CA LEU A 122 5.50 21.94 13.13
C LEU A 122 5.39 22.41 11.68
N MET A 123 4.28 22.11 11.02
CA MET A 123 3.95 22.55 9.66
C MET A 123 2.46 22.81 9.45
N LEU A 124 1.61 22.35 10.39
CA LEU A 124 0.15 22.50 10.43
C LEU A 124 -0.43 22.18 9.07
N GLY A 1 -16.92 -5.25 -16.67
CA GLY A 1 -17.06 -6.11 -15.50
C GLY A 1 -15.67 -6.44 -14.97
N MET A 2 -15.54 -6.62 -13.64
CA MET A 2 -14.27 -6.82 -12.94
C MET A 2 -13.21 -5.72 -13.23
N ARG A 3 -12.01 -5.87 -12.64
CA ARG A 3 -10.86 -4.98 -12.78
C ARG A 3 -9.58 -5.81 -12.93
N ILE A 4 -9.49 -6.70 -13.91
CA ILE A 4 -8.28 -7.51 -14.05
C ILE A 4 -7.24 -6.67 -14.80
N PRO A 5 -5.97 -6.63 -14.36
CA PRO A 5 -4.91 -5.92 -15.06
C PRO A 5 -4.38 -6.67 -16.28
N SER A 6 -3.68 -5.92 -17.12
CA SER A 6 -2.92 -6.41 -18.27
C SER A 6 -1.51 -5.81 -18.36
N ALA A 7 -1.19 -4.85 -17.48
CA ALA A 7 0.10 -4.21 -17.38
C ALA A 7 0.61 -4.34 -15.95
N ILE A 8 0.93 -5.56 -15.56
CA ILE A 8 1.57 -5.81 -14.29
C ILE A 8 3.02 -5.36 -14.41
N GLN A 9 3.46 -4.54 -13.45
CA GLN A 9 4.86 -4.28 -13.21
C GLN A 9 5.05 -4.10 -11.70
N LEU A 10 5.98 -4.85 -11.10
CA LEU A 10 6.41 -4.65 -9.71
C LEU A 10 7.65 -3.76 -9.59
N HIS A 11 8.25 -3.44 -10.73
CA HIS A 11 9.49 -2.68 -10.90
C HIS A 11 10.54 -3.14 -9.89
N LYS A 12 11.21 -4.26 -10.16
CA LYS A 12 12.33 -4.71 -9.33
C LYS A 12 13.44 -3.65 -9.27
N ALA A 13 13.48 -2.68 -10.19
CA ALA A 13 14.35 -1.51 -10.16
C ALA A 13 14.32 -0.75 -8.83
N SER A 14 13.16 -0.23 -8.40
CA SER A 14 13.02 0.69 -7.27
C SER A 14 11.80 0.33 -6.38
N LYS A 15 11.18 -0.84 -6.62
CA LYS A 15 10.08 -1.42 -5.87
C LYS A 15 8.79 -0.60 -5.97
N THR A 16 8.37 -0.32 -7.20
CA THR A 16 7.16 0.44 -7.50
C THR A 16 6.13 -0.50 -8.12
N LEU A 17 4.95 -0.62 -7.50
CA LEU A 17 3.85 -1.42 -8.03
C LEU A 17 3.05 -0.54 -8.98
N THR A 18 2.85 -1.01 -10.22
CA THR A 18 2.31 -0.20 -11.30
C THR A 18 1.08 -0.92 -11.83
N LEU A 19 0.00 -0.16 -11.99
CA LEU A 19 -1.33 -0.64 -12.32
C LEU A 19 -1.93 0.32 -13.32
N ARG A 20 -2.19 -0.18 -14.51
CA ARG A 20 -2.74 0.61 -15.60
C ARG A 20 -4.25 0.68 -15.42
N TYR A 21 -4.74 1.64 -14.64
CA TYR A 21 -6.17 1.81 -14.42
C TYR A 21 -6.78 2.37 -15.70
N GLY A 22 -7.20 1.48 -16.60
CA GLY A 22 -7.88 1.81 -17.84
C GLY A 22 -6.85 2.30 -18.84
N GLU A 23 -6.84 3.61 -19.05
CA GLU A 23 -5.99 4.32 -19.99
C GLU A 23 -4.83 5.04 -19.30
N ASP A 24 -4.88 5.13 -17.97
CA ASP A 24 -3.95 5.87 -17.13
C ASP A 24 -2.87 4.90 -16.63
N SER A 25 -1.89 5.42 -15.91
CA SER A 25 -0.82 4.69 -15.26
C SER A 25 -0.61 5.30 -13.89
N TYR A 26 -0.64 4.48 -12.84
CA TYR A 26 -0.31 4.93 -11.50
C TYR A 26 0.70 4.00 -10.88
N ASP A 27 1.68 4.60 -10.22
CA ASP A 27 2.95 4.02 -9.84
C ASP A 27 3.07 4.27 -8.35
N LEU A 28 2.84 3.24 -7.54
CA LEU A 28 2.75 3.40 -6.10
C LEU A 28 3.98 2.74 -5.46
N PRO A 29 4.49 3.28 -4.34
CA PRO A 29 5.61 2.66 -3.65
C PRO A 29 5.15 1.39 -2.96
N ALA A 30 6.08 0.49 -2.65
CA ALA A 30 5.75 -0.70 -1.89
C ALA A 30 5.13 -0.32 -0.52
N GLU A 31 5.67 0.74 0.12
CA GLU A 31 5.25 1.21 1.43
C GLU A 31 3.76 1.50 1.49
N PHE A 32 3.19 2.03 0.40
CA PHE A 32 1.81 2.50 0.37
C PHE A 32 0.86 1.33 0.63
N LEU A 33 1.03 0.24 -0.13
CA LEU A 33 0.17 -0.93 -0.04
C LEU A 33 0.37 -1.67 1.27
N ARG A 34 1.61 -1.75 1.75
CA ARG A 34 1.87 -2.21 3.11
C ARG A 34 1.04 -1.40 4.12
N VAL A 35 1.07 -0.06 4.13
CA VAL A 35 0.30 0.67 5.14
C VAL A 35 -1.21 0.55 4.90
N HIS A 36 -1.68 0.58 3.66
CA HIS A 36 -3.10 0.39 3.33
C HIS A 36 -3.40 -1.12 3.21
N SER A 37 -3.00 -1.94 4.20
CA SER A 37 -3.20 -3.38 4.23
C SER A 37 -4.16 -3.78 5.36
N PRO A 38 -5.47 -3.74 5.15
CA PRO A 38 -6.38 -4.55 5.93
C PRO A 38 -6.04 -6.02 5.64
N SER A 39 -5.78 -6.84 6.67
CA SER A 39 -5.85 -8.28 6.51
C SER A 39 -7.32 -8.64 6.22
N ALA A 40 -7.54 -9.87 5.78
CA ALA A 40 -8.85 -10.48 5.81
C ALA A 40 -9.34 -10.73 7.26
N GLU A 41 -8.50 -10.55 8.26
CA GLU A 41 -8.84 -10.66 9.69
C GLU A 41 -9.45 -9.35 10.22
N VAL A 42 -10.11 -8.56 9.36
CA VAL A 42 -10.48 -7.20 9.72
C VAL A 42 -11.90 -6.84 9.34
N GLN A 43 -12.23 -6.69 8.05
CA GLN A 43 -13.50 -6.19 7.50
C GLN A 43 -14.05 -4.95 8.26
N GLY A 44 -13.15 -4.07 8.71
CA GLY A 44 -13.45 -2.93 9.56
C GLY A 44 -14.08 -3.34 10.89
N HIS A 45 -13.50 -4.31 11.58
CA HIS A 45 -13.70 -4.59 12.99
C HIS A 45 -12.46 -4.08 13.71
N GLY A 46 -12.66 -3.19 14.67
CA GLY A 46 -11.62 -2.63 15.51
C GLY A 46 -11.39 -1.16 15.16
N ASN A 47 -10.90 -0.41 16.15
CA ASN A 47 -10.48 0.98 16.00
C ASN A 47 -9.45 1.13 14.87
N PRO A 48 -9.25 2.35 14.32
CA PRO A 48 -8.18 2.57 13.35
C PRO A 48 -6.83 2.39 14.06
N VAL A 49 -5.83 1.96 13.29
CA VAL A 49 -4.44 1.83 13.71
C VAL A 49 -3.59 2.37 12.55
N LEU A 50 -2.33 2.69 12.87
CA LEU A 50 -1.37 3.38 12.03
C LEU A 50 -0.04 2.63 12.07
N GLN A 51 0.63 2.52 10.93
CA GLN A 51 1.75 1.63 10.69
C GLN A 51 2.96 2.49 10.30
N TYR A 52 3.66 3.03 11.30
CA TYR A 52 4.87 3.81 11.08
C TYR A 52 6.09 2.88 11.02
N GLY A 53 7.27 3.48 10.85
CA GLY A 53 8.57 2.82 10.95
C GLY A 53 8.88 1.88 9.79
N LYS A 54 8.02 1.83 8.77
CA LYS A 54 7.99 0.78 7.75
C LYS A 54 8.36 1.33 6.37
N LEU A 55 8.71 2.61 6.25
CA LEU A 55 8.91 3.30 4.98
C LEU A 55 10.03 2.70 4.13
N ASN A 56 11.10 2.18 4.74
CA ASN A 56 12.23 1.64 3.98
C ASN A 56 11.88 0.36 3.23
N VAL A 57 10.69 -0.21 3.46
CA VAL A 57 10.23 -1.44 2.83
C VAL A 57 10.35 -1.36 1.32
N GLY A 58 10.88 -2.44 0.73
CA GLY A 58 10.71 -2.73 -0.67
C GLY A 58 9.74 -3.88 -0.85
N LEU A 59 9.19 -3.98 -2.05
CA LEU A 59 8.52 -5.17 -2.55
C LEU A 59 9.54 -6.31 -2.62
N VAL A 60 9.05 -7.54 -2.56
CA VAL A 60 9.82 -8.76 -2.77
C VAL A 60 9.19 -9.60 -3.87
N GLY A 61 7.86 -9.67 -3.93
CA GLY A 61 7.15 -10.48 -4.92
C GLY A 61 5.64 -10.39 -4.81
N VAL A 62 5.00 -10.95 -5.83
CA VAL A 62 3.67 -10.74 -6.33
C VAL A 62 3.28 -11.86 -7.28
N GLU A 63 2.13 -12.49 -7.04
CA GLU A 63 1.47 -13.40 -8.00
C GLU A 63 -0.05 -13.28 -7.92
N PRO A 64 -0.78 -13.55 -9.03
CA PRO A 64 -2.22 -13.55 -9.07
C PRO A 64 -2.76 -14.68 -8.20
N ALA A 65 -3.31 -14.31 -7.04
CA ALA A 65 -3.88 -15.19 -6.03
C ALA A 65 -5.17 -15.86 -6.53
N GLY A 66 -5.04 -16.87 -7.39
CA GLY A 66 -6.15 -17.62 -7.94
C GLY A 66 -6.74 -16.83 -9.10
N GLN A 67 -7.96 -16.33 -8.91
CA GLN A 67 -8.77 -15.74 -9.98
C GLN A 67 -9.50 -14.50 -9.47
N TYR A 68 -9.08 -13.92 -8.33
CA TYR A 68 -9.84 -12.90 -7.62
C TYR A 68 -9.00 -11.92 -6.80
N ALA A 69 -7.67 -12.08 -6.71
CA ALA A 69 -6.81 -11.23 -5.90
C ALA A 69 -5.36 -11.28 -6.40
N LEU A 70 -4.45 -10.52 -5.77
CA LEU A 70 -3.01 -10.57 -6.03
C LEU A 70 -2.30 -10.73 -4.70
N LYS A 71 -1.56 -11.84 -4.51
CA LYS A 71 -0.79 -12.08 -3.30
C LYS A 71 0.47 -11.23 -3.34
N LEU A 72 0.39 -10.06 -2.72
CA LEU A 72 1.52 -9.15 -2.54
C LEU A 72 2.41 -9.66 -1.42
N SER A 73 3.67 -9.24 -1.41
CA SER A 73 4.62 -9.49 -0.34
C SER A 73 5.51 -8.25 -0.20
N PHE A 74 5.85 -7.84 1.02
CA PHE A 74 6.57 -6.61 1.30
C PHE A 74 7.64 -6.94 2.33
N ASP A 75 8.89 -6.66 2.00
CA ASP A 75 10.08 -7.18 2.69
C ASP A 75 10.16 -6.85 4.17
N ASP A 76 9.47 -5.81 4.62
CA ASP A 76 9.39 -5.45 6.02
C ASP A 76 7.94 -5.53 6.45
N GLY A 77 7.35 -6.71 6.28
CA GLY A 77 6.04 -6.98 6.85
C GLY A 77 5.75 -8.48 6.99
N HIS A 78 4.62 -8.78 7.62
CA HIS A 78 4.12 -10.13 7.87
C HIS A 78 3.54 -10.82 6.63
N ASP A 79 3.56 -10.21 5.43
CA ASP A 79 2.91 -10.72 4.20
C ASP A 79 1.47 -11.18 4.49
N SER A 80 0.92 -12.11 3.71
CA SER A 80 -0.35 -12.77 3.97
C SER A 80 -1.52 -11.78 4.17
N GLY A 81 -1.56 -10.76 3.31
CA GLY A 81 -2.66 -9.82 3.11
C GLY A 81 -3.32 -10.11 1.78
N LEU A 82 -4.58 -10.54 1.82
CA LEU A 82 -5.47 -10.65 0.68
C LEU A 82 -5.66 -9.25 0.06
N PHE A 83 -5.78 -9.16 -1.27
CA PHE A 83 -6.07 -7.91 -1.97
C PHE A 83 -6.87 -8.20 -3.24
N THR A 84 -8.17 -7.92 -3.25
CA THR A 84 -9.04 -8.17 -4.40
C THR A 84 -8.75 -7.18 -5.55
N TRP A 85 -9.08 -7.58 -6.79
CA TRP A 85 -8.84 -6.81 -8.01
C TRP A 85 -9.43 -5.39 -8.00
N ASP A 86 -10.68 -5.23 -7.57
CA ASP A 86 -11.32 -3.92 -7.40
C ASP A 86 -10.53 -3.08 -6.41
N TYR A 87 -10.25 -3.62 -5.23
CA TYR A 87 -9.56 -2.90 -4.18
C TYR A 87 -8.16 -2.47 -4.63
N LEU A 88 -7.46 -3.28 -5.43
CA LEU A 88 -6.14 -2.94 -5.94
C LEU A 88 -6.22 -1.73 -6.86
N TYR A 89 -7.07 -1.79 -7.89
CA TYR A 89 -7.21 -0.74 -8.87
C TYR A 89 -7.86 0.52 -8.33
N GLU A 90 -8.66 0.43 -7.27
CA GLU A 90 -9.12 1.59 -6.53
C GLU A 90 -7.89 2.34 -6.01
N LEU A 91 -7.08 1.68 -5.17
CA LEU A 91 -5.91 2.28 -4.54
C LEU A 91 -4.97 2.92 -5.58
N ALA A 92 -4.84 2.33 -6.78
CA ALA A 92 -4.05 2.88 -7.88
C ALA A 92 -4.36 4.36 -8.14
N THR A 93 -5.64 4.72 -8.25
CA THR A 93 -6.03 6.08 -8.64
C THR A 93 -6.42 6.91 -7.40
N ARG A 94 -6.37 6.33 -6.21
CA ARG A 94 -6.64 6.98 -4.94
C ARG A 94 -5.36 7.35 -4.20
N LYS A 95 -4.19 6.86 -4.61
CA LYS A 95 -2.96 6.94 -3.82
C LYS A 95 -2.72 8.36 -3.32
N ASP A 96 -2.71 9.34 -4.21
CA ASP A 96 -2.26 10.69 -3.88
C ASP A 96 -3.00 11.25 -2.68
N GLN A 97 -4.32 11.11 -2.68
CA GLN A 97 -5.20 11.57 -1.60
C GLN A 97 -5.01 10.75 -0.32
N LEU A 98 -4.95 9.42 -0.44
CA LEU A 98 -4.74 8.49 0.68
C LEU A 98 -3.38 8.70 1.32
N TRP A 99 -2.40 9.08 0.52
CA TRP A 99 -1.06 9.36 0.99
C TRP A 99 -1.12 10.63 1.82
N ALA A 100 -1.75 11.71 1.32
CA ALA A 100 -1.90 12.95 2.08
C ALA A 100 -2.70 12.73 3.38
N ASP A 101 -3.71 11.86 3.36
CA ASP A 101 -4.45 11.39 4.54
C ASP A 101 -3.46 10.76 5.53
N TYR A 102 -2.73 9.72 5.11
CA TYR A 102 -1.81 9.00 5.95
C TYR A 102 -0.63 9.84 6.45
N LEU A 103 -0.15 10.84 5.69
CA LEU A 103 0.82 11.82 6.20
C LEU A 103 0.26 12.51 7.44
N ALA A 104 -1.02 12.89 7.43
CA ALA A 104 -1.64 13.56 8.56
C ALA A 104 -1.75 12.59 9.73
N GLU A 105 -2.07 11.32 9.50
CA GLU A 105 -2.06 10.33 10.57
C GLU A 105 -0.67 10.26 11.20
N LEU A 106 0.37 10.01 10.38
CA LEU A 106 1.73 9.81 10.86
C LEU A 106 2.24 11.02 11.64
N ALA A 107 1.90 12.22 11.16
CA ALA A 107 2.23 13.47 11.83
C ALA A 107 1.59 13.49 13.22
N SER A 108 0.26 13.37 13.25
CA SER A 108 -0.55 13.70 14.40
C SER A 108 -0.55 12.59 15.47
N ALA A 109 -0.23 11.35 15.09
CA ALA A 109 0.03 10.26 16.02
C ALA A 109 1.43 10.35 16.62
N GLY A 110 2.29 11.23 16.13
CA GLY A 110 3.60 11.47 16.72
C GLY A 110 4.56 10.32 16.49
N LYS A 111 4.63 9.78 15.27
CA LYS A 111 5.59 8.74 14.93
C LYS A 111 6.26 9.15 13.64
N SER A 112 7.02 8.22 13.06
CA SER A 112 7.61 8.46 11.78
C SER A 112 7.59 7.22 10.92
N ARG A 113 7.06 7.37 9.70
CA ARG A 113 7.21 6.37 8.64
C ARG A 113 8.69 6.06 8.49
N ASP A 114 9.46 7.10 8.26
CA ASP A 114 10.87 7.02 7.95
C ASP A 114 11.52 6.44 9.21
N PRO A 115 12.54 5.59 9.08
CA PRO A 115 12.89 4.64 10.13
C PRO A 115 13.40 5.33 11.39
N ASP A 116 14.10 6.46 11.21
CA ASP A 116 14.52 7.36 12.25
C ASP A 116 14.43 8.77 11.70
N GLU A 117 13.25 9.13 11.21
CA GLU A 117 12.93 10.49 10.82
C GLU A 117 13.20 11.38 12.02
N SER A 118 13.72 12.59 11.82
CA SER A 118 13.84 13.58 12.87
C SER A 118 13.82 14.96 12.24
N VAL A 119 12.62 15.51 12.16
CA VAL A 119 12.31 16.89 11.82
C VAL A 119 11.07 17.24 12.66
N VAL A 120 11.03 18.46 13.19
CA VAL A 120 9.80 19.03 13.75
C VAL A 120 9.12 19.73 12.58
N LYS A 121 7.94 19.26 12.18
CA LYS A 121 7.09 19.91 11.17
C LYS A 121 5.66 20.13 11.66
N LEU A 122 5.31 19.65 12.84
CA LEU A 122 4.01 19.82 13.47
C LEU A 122 4.26 20.36 14.88
N MET A 123 3.27 21.06 15.44
CA MET A 123 3.39 21.65 16.78
C MET A 123 3.36 20.59 17.89
N LEU A 124 3.16 19.31 17.58
CA LEU A 124 2.83 18.25 18.52
C LEU A 124 3.57 17.02 18.05
N GLY A 1 -14.16 -10.50 -18.23
CA GLY A 1 -13.04 -11.31 -17.74
C GLY A 1 -12.27 -10.62 -16.63
N MET A 2 -12.95 -10.10 -15.59
CA MET A 2 -12.32 -9.45 -14.44
C MET A 2 -11.43 -8.27 -14.91
N ARG A 3 -10.75 -7.54 -14.02
CA ARG A 3 -9.76 -6.53 -14.36
C ARG A 3 -8.38 -7.12 -14.10
N ILE A 4 -7.86 -7.97 -15.00
CA ILE A 4 -6.61 -8.68 -14.71
C ILE A 4 -5.47 -7.74 -15.10
N PRO A 5 -4.52 -7.47 -14.19
CA PRO A 5 -3.35 -6.72 -14.56
C PRO A 5 -2.45 -7.55 -15.45
N SER A 6 -2.00 -6.88 -16.49
CA SER A 6 -1.11 -7.38 -17.51
C SER A 6 0.01 -6.37 -17.83
N ALA A 7 0.29 -5.52 -16.86
CA ALA A 7 1.53 -4.86 -16.51
C ALA A 7 1.53 -4.72 -14.98
N ILE A 8 2.28 -5.57 -14.28
CA ILE A 8 2.74 -5.28 -12.94
C ILE A 8 4.13 -4.65 -13.14
N GLN A 9 4.35 -3.49 -12.55
CA GLN A 9 5.66 -2.89 -12.38
C GLN A 9 5.71 -2.48 -10.92
N LEU A 10 6.57 -3.07 -10.08
CA LEU A 10 6.68 -2.64 -8.69
C LEU A 10 7.77 -1.56 -8.49
N HIS A 11 8.48 -1.17 -9.54
CA HIS A 11 9.58 -0.20 -9.57
C HIS A 11 10.53 -0.42 -8.40
N LYS A 12 11.26 -1.53 -8.43
CA LYS A 12 12.11 -1.98 -7.32
C LYS A 12 13.09 -0.90 -6.84
N ALA A 13 13.44 0.11 -7.65
CA ALA A 13 14.16 1.30 -7.22
C ALA A 13 13.27 2.21 -6.35
N SER A 14 12.44 3.09 -6.92
CA SER A 14 11.65 4.10 -6.18
C SER A 14 10.49 3.51 -5.35
N LYS A 15 10.23 2.21 -5.47
CA LYS A 15 9.17 1.43 -4.83
C LYS A 15 7.80 2.07 -5.09
N THR A 16 7.36 1.93 -6.33
CA THR A 16 6.11 2.45 -6.86
C THR A 16 5.43 1.28 -7.55
N LEU A 17 4.28 0.82 -7.05
CA LEU A 17 3.43 -0.09 -7.79
C LEU A 17 2.77 0.69 -8.91
N THR A 18 3.01 0.28 -10.16
CA THR A 18 2.21 0.66 -11.29
C THR A 18 1.26 -0.45 -11.75
N LEU A 19 -0.04 -0.12 -11.73
CA LEU A 19 -1.17 -0.98 -12.10
C LEU A 19 -1.86 -0.32 -13.29
N ARG A 20 -1.86 -0.98 -14.46
CA ARG A 20 -2.45 -0.39 -15.67
C ARG A 20 -3.96 -0.59 -15.69
N TYR A 21 -4.74 0.31 -15.10
CA TYR A 21 -6.20 0.28 -15.07
C TYR A 21 -6.75 0.41 -16.49
N GLY A 22 -6.95 -0.72 -17.18
CA GLY A 22 -7.51 -0.80 -18.52
C GLY A 22 -6.52 -0.24 -19.54
N GLU A 23 -6.64 1.07 -19.76
CA GLU A 23 -5.91 1.88 -20.74
C GLU A 23 -5.05 2.95 -20.07
N ASP A 24 -5.27 3.16 -18.77
CA ASP A 24 -4.62 4.16 -17.95
C ASP A 24 -3.46 3.52 -17.17
N SER A 25 -2.46 4.30 -16.74
CA SER A 25 -1.39 3.85 -15.86
C SER A 25 -1.35 4.73 -14.61
N TYR A 26 -1.58 4.12 -13.44
CA TYR A 26 -1.52 4.77 -12.14
C TYR A 26 -0.37 4.19 -11.33
N ASP A 27 0.33 5.08 -10.61
CA ASP A 27 1.64 4.83 -10.00
C ASP A 27 1.49 5.08 -8.51
N LEU A 28 1.10 4.05 -7.75
CA LEU A 28 0.92 4.11 -6.31
C LEU A 28 2.25 3.88 -5.58
N PRO A 29 2.53 4.53 -4.44
CA PRO A 29 3.75 4.25 -3.68
C PRO A 29 3.61 2.96 -2.87
N ALA A 30 4.72 2.33 -2.48
CA ALA A 30 4.70 1.18 -1.57
C ALA A 30 3.90 1.48 -0.30
N GLU A 31 4.08 2.68 0.27
CA GLU A 31 3.43 3.07 1.51
C GLU A 31 1.91 3.23 1.38
N PHE A 32 1.38 3.45 0.16
CA PHE A 32 -0.07 3.52 -0.07
C PHE A 32 -0.68 2.16 0.23
N LEU A 33 -0.21 1.13 -0.46
CA LEU A 33 -0.87 -0.16 -0.40
C LEU A 33 -0.79 -0.71 1.02
N ARG A 34 0.33 -0.48 1.72
CA ARG A 34 0.50 -0.88 3.12
C ARG A 34 -0.68 -0.40 3.98
N VAL A 35 -0.98 0.90 4.00
CA VAL A 35 -2.08 1.38 4.85
C VAL A 35 -3.41 0.80 4.39
N HIS A 36 -3.64 0.73 3.07
CA HIS A 36 -4.86 0.17 2.52
C HIS A 36 -4.80 -1.36 2.36
N SER A 37 -4.08 -2.08 3.25
CA SER A 37 -3.89 -3.53 3.18
C SER A 37 -4.76 -4.26 4.22
N PRO A 38 -6.02 -4.58 3.90
CA PRO A 38 -6.78 -5.55 4.67
C PRO A 38 -6.14 -6.93 4.53
N SER A 39 -5.52 -7.41 5.61
CA SER A 39 -5.32 -8.83 5.76
C SER A 39 -6.72 -9.45 5.80
N ALA A 40 -7.06 -10.35 4.87
CA ALA A 40 -8.33 -11.06 4.94
C ALA A 40 -8.33 -12.14 6.02
N GLU A 41 -7.17 -12.42 6.62
CA GLU A 41 -6.91 -13.53 7.52
C GLU A 41 -6.89 -13.03 8.97
N VAL A 42 -7.71 -12.01 9.25
CA VAL A 42 -7.81 -11.31 10.53
C VAL A 42 -8.46 -12.23 11.56
N GLN A 43 -9.80 -12.27 11.60
CA GLN A 43 -10.65 -13.03 12.52
C GLN A 43 -12.11 -12.65 12.28
N GLY A 44 -12.48 -12.36 11.02
CA GLY A 44 -13.67 -11.61 10.69
C GLY A 44 -13.29 -10.15 10.63
N HIS A 45 -13.24 -9.47 11.78
CA HIS A 45 -12.98 -8.05 11.83
C HIS A 45 -12.17 -7.64 13.05
N GLY A 46 -11.83 -6.36 13.15
CA GLY A 46 -10.99 -5.79 14.20
C GLY A 46 -11.36 -4.32 14.44
N ASN A 47 -10.75 -3.72 15.46
CA ASN A 47 -11.00 -2.33 15.84
C ASN A 47 -10.28 -1.36 14.90
N PRO A 48 -10.79 -0.13 14.71
CA PRO A 48 -10.16 0.86 13.85
C PRO A 48 -8.90 1.44 14.50
N VAL A 49 -7.75 1.16 13.88
CA VAL A 49 -6.44 1.61 14.23
C VAL A 49 -5.67 2.08 12.99
N LEU A 50 -5.25 3.34 13.04
CA LEU A 50 -4.45 3.95 11.99
C LEU A 50 -3.05 3.38 12.00
N GLN A 51 -2.49 3.21 10.81
CA GLN A 51 -1.17 2.67 10.60
C GLN A 51 -0.30 3.81 10.12
N TYR A 52 0.71 4.15 10.91
CA TYR A 52 1.69 5.18 10.61
C TYR A 52 3.05 4.52 10.47
N GLY A 53 4.10 5.34 10.30
CA GLY A 53 5.46 4.86 10.04
C GLY A 53 5.50 3.99 8.77
N LYS A 54 5.62 4.63 7.60
CA LYS A 54 5.64 3.92 6.33
C LYS A 54 6.51 4.59 5.27
N LEU A 55 7.20 5.69 5.58
CA LEU A 55 8.15 6.30 4.64
C LEU A 55 9.27 5.35 4.26
N ASN A 56 9.55 4.31 5.05
CA ASN A 56 10.65 3.38 4.83
C ASN A 56 10.15 2.04 4.29
N VAL A 57 8.85 1.90 3.99
CA VAL A 57 8.36 0.75 3.22
C VAL A 57 8.99 0.81 1.84
N GLY A 58 9.55 -0.29 1.36
CA GLY A 58 10.04 -0.39 0.00
C GLY A 58 10.21 -1.82 -0.51
N LEU A 59 9.19 -2.63 -0.21
CA LEU A 59 8.62 -3.77 -0.91
C LEU A 59 9.55 -4.93 -1.26
N VAL A 60 8.97 -6.12 -1.37
CA VAL A 60 9.72 -7.36 -1.62
C VAL A 60 9.11 -8.24 -2.71
N GLY A 61 7.80 -8.14 -2.91
CA GLY A 61 7.14 -8.80 -4.03
C GLY A 61 5.73 -8.30 -4.31
N VAL A 62 5.29 -8.47 -5.56
CA VAL A 62 3.94 -8.19 -6.03
C VAL A 62 3.77 -9.14 -7.24
N GLU A 63 3.04 -10.23 -7.06
CA GLU A 63 2.70 -11.24 -8.07
C GLU A 63 1.31 -11.81 -7.83
N PRO A 64 0.62 -12.30 -8.88
CA PRO A 64 -0.72 -12.85 -8.79
C PRO A 64 -0.78 -13.97 -7.74
N ALA A 65 -1.75 -13.87 -6.82
CA ALA A 65 -2.25 -15.01 -6.09
C ALA A 65 -3.34 -15.69 -6.92
N GLY A 66 -2.94 -16.52 -7.88
CA GLY A 66 -3.83 -17.33 -8.68
C GLY A 66 -4.32 -16.55 -9.89
N GLN A 67 -5.64 -16.45 -10.07
CA GLN A 67 -6.23 -15.72 -11.19
C GLN A 67 -7.30 -14.73 -10.70
N TYR A 68 -7.32 -14.44 -9.40
CA TYR A 68 -8.37 -13.61 -8.78
C TYR A 68 -7.82 -12.67 -7.68
N ALA A 69 -6.61 -12.90 -7.18
CA ALA A 69 -6.02 -12.21 -6.05
C ALA A 69 -4.57 -11.82 -6.39
N LEU A 70 -3.92 -11.02 -5.55
CA LEU A 70 -2.53 -10.57 -5.72
C LEU A 70 -1.84 -10.78 -4.37
N LYS A 71 -0.83 -11.65 -4.35
CA LYS A 71 0.08 -11.77 -3.22
C LYS A 71 1.00 -10.55 -3.17
N LEU A 72 0.59 -9.49 -2.47
CA LEU A 72 1.52 -8.43 -2.10
C LEU A 72 2.52 -9.04 -1.11
N SER A 73 3.69 -8.44 -0.97
CA SER A 73 4.65 -8.82 0.06
C SER A 73 5.45 -7.58 0.42
N PHE A 74 5.31 -7.11 1.65
CA PHE A 74 5.86 -5.84 2.10
C PHE A 74 7.03 -6.09 3.03
N ASP A 75 8.11 -5.34 2.81
CA ASP A 75 9.37 -5.39 3.54
C ASP A 75 9.26 -4.89 4.97
N ASP A 76 8.24 -4.08 5.27
CA ASP A 76 7.83 -3.70 6.63
C ASP A 76 7.34 -4.91 7.44
N GLY A 77 6.98 -6.02 6.77
CA GLY A 77 6.99 -7.34 7.37
C GLY A 77 5.66 -8.08 7.33
N HIS A 78 4.52 -7.38 7.40
CA HIS A 78 3.22 -8.02 7.24
C HIS A 78 2.99 -8.29 5.75
N ASP A 79 3.25 -9.50 5.32
CA ASP A 79 3.24 -9.92 3.92
C ASP A 79 2.00 -10.74 3.56
N SER A 80 1.42 -11.46 4.52
CA SER A 80 0.23 -12.26 4.26
C SER A 80 -1.03 -11.38 4.19
N GLY A 81 -2.14 -11.97 3.73
CA GLY A 81 -3.33 -11.26 3.27
C GLY A 81 -3.91 -11.96 2.05
N LEU A 82 -4.60 -11.20 1.20
CA LEU A 82 -5.34 -11.74 0.07
C LEU A 82 -5.27 -10.82 -1.14
N PHE A 83 -5.92 -9.66 -1.05
CA PHE A 83 -6.29 -8.79 -2.17
C PHE A 83 -7.11 -9.51 -3.23
N THR A 84 -7.81 -8.74 -4.05
CA THR A 84 -8.74 -9.26 -5.04
C THR A 84 -8.69 -8.28 -6.20
N TRP A 85 -8.81 -8.76 -7.44
CA TRP A 85 -8.59 -7.89 -8.59
C TRP A 85 -9.55 -6.71 -8.62
N ASP A 86 -10.82 -6.96 -8.32
CA ASP A 86 -11.88 -5.95 -8.33
C ASP A 86 -11.70 -4.91 -7.21
N TYR A 87 -10.82 -5.19 -6.23
CA TYR A 87 -10.45 -4.32 -5.13
C TYR A 87 -9.17 -3.55 -5.47
N LEU A 88 -8.16 -4.21 -6.04
CA LEU A 88 -6.87 -3.61 -6.34
C LEU A 88 -6.99 -2.46 -7.34
N TYR A 89 -7.72 -2.68 -8.44
CA TYR A 89 -7.85 -1.70 -9.51
C TYR A 89 -8.74 -0.54 -9.13
N GLU A 90 -9.72 -0.78 -8.26
CA GLU A 90 -10.55 0.26 -7.66
C GLU A 90 -9.62 1.26 -6.96
N LEU A 91 -8.81 0.78 -6.02
CA LEU A 91 -7.84 1.55 -5.25
C LEU A 91 -6.77 2.22 -6.12
N ALA A 92 -6.48 1.69 -7.32
CA ALA A 92 -5.56 2.28 -8.27
C ALA A 92 -6.08 3.67 -8.70
N THR A 93 -7.33 3.79 -9.14
CA THR A 93 -7.89 5.07 -9.59
C THR A 93 -8.25 5.96 -8.39
N ARG A 94 -8.77 5.36 -7.32
CA ARG A 94 -9.22 6.05 -6.13
C ARG A 94 -8.08 6.73 -5.39
N LYS A 95 -6.83 6.40 -5.73
CA LYS A 95 -5.65 6.71 -4.94
C LYS A 95 -5.67 8.14 -4.43
N ASP A 96 -5.97 9.11 -5.30
CA ASP A 96 -5.93 10.54 -5.00
C ASP A 96 -6.69 10.88 -3.72
N GLN A 97 -7.95 10.41 -3.63
CA GLN A 97 -8.82 10.71 -2.52
C GLN A 97 -8.34 9.95 -1.29
N LEU A 98 -8.11 8.64 -1.43
CA LEU A 98 -7.74 7.73 -0.35
C LEU A 98 -6.43 8.18 0.29
N TRP A 99 -5.49 8.66 -0.53
CA TRP A 99 -4.17 9.05 -0.06
C TRP A 99 -4.25 10.33 0.74
N ALA A 100 -4.99 11.32 0.26
CA ALA A 100 -5.22 12.55 1.01
C ALA A 100 -5.92 12.24 2.33
N ASP A 101 -6.89 11.32 2.31
CA ASP A 101 -7.69 10.91 3.45
C ASP A 101 -6.83 10.24 4.52
N TYR A 102 -5.89 9.38 4.11
CA TYR A 102 -4.87 8.81 5.01
C TYR A 102 -3.85 9.84 5.48
N LEU A 103 -3.53 10.85 4.67
CA LEU A 103 -2.65 11.95 5.08
C LEU A 103 -3.31 12.77 6.17
N ALA A 104 -4.61 13.06 6.03
CA ALA A 104 -5.40 13.78 7.01
C ALA A 104 -5.35 13.03 8.33
N GLU A 105 -5.73 11.75 8.35
CA GLU A 105 -5.68 10.94 9.56
C GLU A 105 -4.29 10.99 10.19
N LEU A 106 -3.22 10.85 9.41
CA LEU A 106 -1.86 10.98 9.93
C LEU A 106 -1.65 12.34 10.60
N ALA A 107 -2.00 13.40 9.90
CA ALA A 107 -1.83 14.78 10.33
C ALA A 107 -2.45 14.96 11.71
N SER A 108 -3.75 14.71 11.79
CA SER A 108 -4.54 14.99 12.95
C SER A 108 -4.10 14.09 14.12
N ALA A 109 -3.84 12.80 13.85
CA ALA A 109 -3.59 11.79 14.89
C ALA A 109 -2.32 12.04 15.70
N GLY A 110 -1.46 13.00 15.33
CA GLY A 110 -0.23 13.25 16.08
C GLY A 110 0.89 12.30 15.69
N LYS A 111 0.80 11.68 14.50
CA LYS A 111 1.85 10.80 14.03
C LYS A 111 2.33 11.32 12.69
N SER A 112 3.33 10.64 12.17
CA SER A 112 3.90 10.94 10.89
C SER A 112 4.17 9.65 10.15
N ARG A 113 4.44 9.76 8.85
CA ARG A 113 4.84 8.61 8.06
C ARG A 113 6.30 8.25 8.35
N ASP A 114 7.10 9.12 8.93
CA ASP A 114 8.45 8.79 9.35
C ASP A 114 8.37 7.76 10.49
N PRO A 115 9.41 6.95 10.71
CA PRO A 115 9.44 5.93 11.75
C PRO A 115 9.82 6.46 13.14
N ASP A 116 10.40 7.66 13.21
CA ASP A 116 10.63 8.34 14.47
C ASP A 116 10.68 9.85 14.28
N GLU A 117 9.53 10.44 13.93
CA GLU A 117 9.46 11.86 13.55
C GLU A 117 9.61 12.83 14.74
N SER A 118 9.66 14.13 14.42
CA SER A 118 9.80 15.29 15.29
C SER A 118 10.91 15.10 16.32
N VAL A 119 12.15 15.29 15.87
CA VAL A 119 13.37 15.02 16.59
C VAL A 119 14.32 16.20 16.34
N VAL A 120 15.23 16.45 17.28
CA VAL A 120 16.20 17.55 17.24
C VAL A 120 17.55 17.09 17.82
N LYS A 121 17.84 15.78 17.77
CA LYS A 121 19.11 15.22 18.23
C LYS A 121 20.25 15.77 17.36
N LEU A 122 21.37 16.12 18.01
CA LEU A 122 22.57 16.61 17.32
C LEU A 122 23.20 15.47 16.52
N MET A 123 23.87 15.81 15.41
CA MET A 123 24.55 14.87 14.53
C MET A 123 25.89 15.37 13.99
N LEU A 124 26.11 16.69 13.99
CA LEU A 124 27.31 17.35 13.51
C LEU A 124 27.56 18.44 14.52
N GLY A 1 -19.10 -5.67 -11.60
CA GLY A 1 -18.17 -6.41 -12.46
C GLY A 1 -16.97 -6.88 -11.68
N MET A 2 -15.84 -7.12 -12.36
CA MET A 2 -14.53 -7.21 -11.74
C MET A 2 -13.52 -6.43 -12.58
N ARG A 3 -12.50 -5.89 -11.92
CA ARG A 3 -11.43 -5.12 -12.50
C ARG A 3 -10.17 -5.89 -12.16
N ILE A 4 -9.63 -6.70 -13.07
CA ILE A 4 -8.38 -7.44 -12.85
C ILE A 4 -7.37 -6.92 -13.87
N PRO A 5 -6.13 -6.55 -13.48
CA PRO A 5 -5.15 -6.07 -14.46
C PRO A 5 -4.76 -7.14 -15.48
N SER A 6 -4.28 -6.66 -16.62
CA SER A 6 -3.43 -7.35 -17.56
C SER A 6 -2.00 -6.74 -17.55
N ALA A 7 -1.75 -5.71 -16.74
CA ALA A 7 -0.41 -5.33 -16.35
C ALA A 7 -0.30 -5.46 -14.85
N ILE A 8 0.40 -6.50 -14.41
CA ILE A 8 1.14 -6.51 -13.17
C ILE A 8 2.58 -6.35 -13.61
N GLN A 9 3.17 -5.18 -13.34
CA GLN A 9 4.57 -4.87 -13.58
C GLN A 9 5.14 -4.49 -12.23
N LEU A 10 5.81 -5.39 -11.50
CA LEU A 10 6.28 -5.10 -10.14
C LEU A 10 7.56 -4.23 -10.10
N HIS A 11 8.21 -4.01 -11.24
CA HIS A 11 9.49 -3.33 -11.42
C HIS A 11 10.51 -3.76 -10.35
N LYS A 12 11.01 -4.99 -10.41
CA LYS A 12 11.89 -5.59 -9.39
C LYS A 12 13.05 -4.67 -8.97
N ALA A 13 13.54 -3.83 -9.89
CA ALA A 13 14.51 -2.76 -9.67
C ALA A 13 14.09 -1.82 -8.55
N SER A 14 13.12 -0.96 -8.85
CA SER A 14 12.71 0.21 -8.07
C SER A 14 11.44 -0.04 -7.26
N LYS A 15 10.89 -1.26 -7.34
CA LYS A 15 9.82 -1.81 -6.52
C LYS A 15 8.55 -0.99 -6.71
N THR A 16 8.06 -0.93 -7.95
CA THR A 16 6.94 -0.08 -8.33
C THR A 16 5.91 -0.97 -9.03
N LEU A 17 4.76 -1.23 -8.40
CA LEU A 17 3.69 -2.00 -9.01
C LEU A 17 2.91 -1.11 -9.97
N THR A 18 3.05 -1.38 -11.27
CA THR A 18 2.36 -0.67 -12.31
C THR A 18 1.29 -1.51 -12.97
N LEU A 19 0.18 -0.81 -13.21
CA LEU A 19 -1.09 -1.34 -13.69
C LEU A 19 -1.54 -0.53 -14.89
N ARG A 20 -2.73 -0.89 -15.34
CA ARG A 20 -3.47 -0.10 -16.34
C ARG A 20 -5.01 -0.12 -16.19
N TYR A 21 -5.61 0.75 -15.38
CA TYR A 21 -7.06 0.89 -15.19
C TYR A 21 -7.71 1.26 -16.53
N GLY A 22 -8.26 0.28 -17.24
CA GLY A 22 -8.96 0.51 -18.49
C GLY A 22 -8.00 0.75 -19.62
N GLU A 23 -7.50 1.96 -19.68
CA GLU A 23 -6.47 2.45 -20.58
C GLU A 23 -5.38 3.19 -19.82
N ASP A 24 -5.66 3.61 -18.60
CA ASP A 24 -4.81 4.58 -17.90
C ASP A 24 -3.83 3.88 -16.98
N SER A 25 -2.60 4.35 -16.95
CA SER A 25 -1.48 3.58 -16.44
C SER A 25 -0.85 4.26 -15.23
N TYR A 26 -1.13 3.67 -14.06
CA TYR A 26 -0.76 4.17 -12.74
C TYR A 26 0.28 3.23 -12.15
N ASP A 27 1.29 3.80 -11.50
CA ASP A 27 2.53 3.16 -11.07
C ASP A 27 2.72 3.40 -9.58
N LEU A 28 2.33 2.43 -8.75
CA LEU A 28 2.27 2.70 -7.32
C LEU A 28 3.58 2.22 -6.68
N PRO A 29 4.11 2.94 -5.68
CA PRO A 29 5.36 2.54 -5.04
C PRO A 29 5.14 1.41 -4.05
N ALA A 30 6.20 0.66 -3.77
CA ALA A 30 6.22 -0.35 -2.72
C ALA A 30 6.15 0.26 -1.29
N GLU A 31 5.94 1.57 -1.12
CA GLU A 31 5.48 2.15 0.14
C GLU A 31 3.93 2.24 0.20
N PHE A 32 3.27 2.60 -0.90
CA PHE A 32 1.86 3.01 -0.92
C PHE A 32 0.90 1.84 -0.62
N LEU A 33 1.17 0.67 -1.18
CA LEU A 33 0.33 -0.52 -0.97
C LEU A 33 0.36 -0.98 0.48
N ARG A 34 1.55 -1.04 1.09
CA ARG A 34 1.77 -1.51 2.45
C ARG A 34 1.01 -0.68 3.47
N VAL A 35 0.97 0.64 3.33
CA VAL A 35 0.24 1.48 4.29
C VAL A 35 -1.27 1.23 4.13
N HIS A 36 -1.79 1.14 2.90
CA HIS A 36 -3.17 0.73 2.67
C HIS A 36 -3.23 -0.79 2.53
N SER A 37 -2.80 -1.51 3.57
CA SER A 37 -2.82 -2.96 3.64
C SER A 37 -3.78 -3.39 4.75
N PRO A 38 -5.08 -3.51 4.44
CA PRO A 38 -6.02 -4.22 5.28
C PRO A 38 -5.57 -5.68 5.36
N SER A 39 -4.98 -6.05 6.50
CA SER A 39 -4.94 -7.43 6.90
C SER A 39 -6.41 -7.89 7.04
N ALA A 40 -6.65 -9.16 6.77
CA ALA A 40 -8.02 -9.70 6.76
C ALA A 40 -8.65 -9.63 8.16
N GLU A 41 -7.80 -9.79 9.17
CA GLU A 41 -8.13 -10.18 10.54
C GLU A 41 -8.57 -8.99 11.39
N VAL A 42 -8.88 -7.91 10.71
CA VAL A 42 -9.14 -6.56 11.20
C VAL A 42 -10.65 -6.31 11.29
N GLN A 43 -11.46 -7.31 10.94
CA GLN A 43 -12.92 -7.30 11.10
C GLN A 43 -13.53 -6.15 10.28
N GLY A 44 -12.94 -5.88 9.12
CA GLY A 44 -13.33 -4.82 8.22
C GLY A 44 -12.98 -3.46 8.79
N HIS A 45 -11.68 -3.18 8.92
CA HIS A 45 -11.12 -1.83 9.05
C HIS A 45 -11.90 -0.92 10.03
N GLY A 46 -12.29 -1.47 11.18
CA GLY A 46 -13.23 -0.82 12.09
C GLY A 46 -12.68 0.43 12.74
N ASN A 47 -11.36 0.52 12.95
CA ASN A 47 -10.66 1.60 13.63
C ASN A 47 -9.36 1.96 12.89
N PRO A 48 -8.84 3.20 13.04
CA PRO A 48 -7.69 3.65 12.29
C PRO A 48 -6.45 2.90 12.76
N VAL A 49 -5.57 2.58 11.81
CA VAL A 49 -4.32 1.88 12.02
C VAL A 49 -3.30 2.60 11.14
N LEU A 50 -2.34 3.22 11.80
CA LEU A 50 -1.19 3.87 11.23
C LEU A 50 -0.18 2.79 10.89
N GLN A 51 0.65 3.06 9.89
CA GLN A 51 1.72 2.18 9.43
C GLN A 51 2.90 3.12 9.20
N TYR A 52 3.93 3.10 10.05
CA TYR A 52 5.10 4.00 10.00
C TYR A 52 6.41 3.20 10.06
N GLY A 53 7.57 3.87 10.07
CA GLY A 53 8.88 3.23 9.96
C GLY A 53 8.97 2.55 8.60
N LYS A 54 8.90 3.37 7.54
CA LYS A 54 8.68 2.91 6.17
C LYS A 54 9.19 3.90 5.11
N LEU A 55 10.24 4.69 5.37
CA LEU A 55 10.79 5.55 4.33
C LEU A 55 11.53 4.71 3.28
N ASN A 56 12.15 3.61 3.69
CA ASN A 56 13.07 2.79 2.90
C ASN A 56 12.52 1.38 2.61
N VAL A 57 11.23 1.16 2.86
CA VAL A 57 10.51 -0.08 2.57
C VAL A 57 10.60 -0.45 1.09
N GLY A 58 10.49 -1.76 0.82
CA GLY A 58 10.42 -2.31 -0.50
C GLY A 58 9.50 -3.53 -0.59
N LEU A 59 9.62 -4.27 -1.68
CA LEU A 59 8.78 -5.39 -2.04
C LEU A 59 9.63 -6.53 -2.55
N VAL A 60 9.02 -7.70 -2.50
CA VAL A 60 9.68 -8.99 -2.56
C VAL A 60 8.95 -9.89 -3.53
N GLY A 61 7.62 -9.88 -3.52
CA GLY A 61 6.85 -10.67 -4.46
C GLY A 61 5.36 -10.32 -4.42
N VAL A 62 4.66 -10.62 -5.51
CA VAL A 62 3.28 -10.23 -5.75
C VAL A 62 2.74 -11.12 -6.86
N GLU A 63 1.85 -12.06 -6.50
CA GLU A 63 1.31 -13.09 -7.39
C GLU A 63 -0.17 -13.42 -7.12
N PRO A 64 -0.96 -13.77 -8.17
CA PRO A 64 -2.41 -13.73 -8.17
C PRO A 64 -3.03 -14.95 -7.46
N ALA A 65 -3.08 -14.93 -6.13
CA ALA A 65 -3.62 -16.06 -5.38
C ALA A 65 -5.13 -16.17 -5.58
N GLY A 66 -5.61 -17.39 -5.43
CA GLY A 66 -7.04 -17.73 -5.39
C GLY A 66 -7.78 -17.59 -6.71
N GLN A 67 -7.33 -16.75 -7.67
CA GLN A 67 -7.96 -16.15 -8.83
C GLN A 67 -8.84 -14.95 -8.45
N TYR A 68 -8.59 -14.34 -7.29
CA TYR A 68 -9.42 -13.24 -6.82
C TYR A 68 -8.73 -12.26 -5.87
N ALA A 69 -7.64 -12.63 -5.19
CA ALA A 69 -7.04 -11.77 -4.17
C ALA A 69 -5.52 -11.91 -4.23
N LEU A 70 -4.88 -10.83 -4.65
CA LEU A 70 -3.45 -10.75 -4.94
C LEU A 70 -2.64 -10.83 -3.65
N LYS A 71 -1.94 -11.96 -3.49
CA LYS A 71 -0.95 -12.11 -2.44
C LYS A 71 0.11 -11.04 -2.69
N LEU A 72 0.26 -10.11 -1.76
CA LEU A 72 1.28 -9.06 -1.78
C LEU A 72 2.19 -9.33 -0.60
N SER A 73 3.50 -9.31 -0.85
CA SER A 73 4.52 -9.61 0.14
C SER A 73 5.42 -8.40 0.16
N PHE A 74 5.54 -7.76 1.33
CA PHE A 74 6.23 -6.49 1.50
C PHE A 74 7.46 -6.76 2.35
N ASP A 75 8.60 -6.21 1.93
CA ASP A 75 9.84 -6.47 2.69
C ASP A 75 9.85 -5.81 4.07
N ASP A 76 8.82 -5.02 4.39
CA ASP A 76 8.55 -4.47 5.73
C ASP A 76 8.28 -5.56 6.78
N GLY A 77 7.96 -6.78 6.34
CA GLY A 77 7.59 -7.92 7.17
C GLY A 77 6.08 -8.17 7.14
N HIS A 78 5.65 -9.23 7.83
CA HIS A 78 4.27 -9.69 8.01
C HIS A 78 3.51 -9.83 6.68
N ASP A 79 3.80 -10.91 5.95
CA ASP A 79 3.22 -11.24 4.65
C ASP A 79 1.75 -11.65 4.85
N SER A 80 0.81 -10.73 5.07
CA SER A 80 -0.59 -11.06 5.37
C SER A 80 -1.57 -9.90 5.07
N GLY A 81 -2.48 -10.12 4.12
CA GLY A 81 -3.62 -9.26 3.86
C GLY A 81 -4.48 -9.74 2.70
N LEU A 82 -5.66 -9.13 2.50
CA LEU A 82 -6.67 -9.58 1.56
C LEU A 82 -6.95 -8.46 0.56
N PHE A 83 -6.41 -8.60 -0.65
CA PHE A 83 -6.45 -7.61 -1.70
C PHE A 83 -7.26 -8.14 -2.87
N THR A 84 -8.58 -8.04 -2.78
CA THR A 84 -9.45 -8.35 -3.90
C THR A 84 -9.16 -7.36 -5.03
N TRP A 85 -9.32 -7.82 -6.26
CA TRP A 85 -8.88 -7.09 -7.44
C TRP A 85 -9.52 -5.71 -7.62
N ASP A 86 -10.82 -5.58 -7.33
CA ASP A 86 -11.52 -4.32 -7.64
C ASP A 86 -11.07 -3.21 -6.69
N TYR A 87 -10.79 -3.57 -5.43
CA TYR A 87 -10.14 -2.74 -4.43
C TYR A 87 -8.75 -2.31 -4.93
N LEU A 88 -7.94 -3.23 -5.48
CA LEU A 88 -6.61 -2.86 -5.96
C LEU A 88 -6.68 -1.86 -7.10
N TYR A 89 -7.51 -2.10 -8.11
CA TYR A 89 -7.67 -1.14 -9.19
C TYR A 89 -8.27 0.17 -8.69
N GLU A 90 -9.14 0.15 -7.68
CA GLU A 90 -9.64 1.36 -7.06
C GLU A 90 -8.46 2.20 -6.56
N LEU A 91 -7.56 1.61 -5.77
CA LEU A 91 -6.34 2.25 -5.27
C LEU A 91 -5.44 2.75 -6.41
N ALA A 92 -5.37 2.04 -7.54
CA ALA A 92 -4.56 2.39 -8.71
C ALA A 92 -4.78 3.85 -9.11
N THR A 93 -6.01 4.18 -9.44
CA THR A 93 -6.35 5.48 -9.99
C THR A 93 -6.32 6.57 -8.90
N ARG A 94 -6.68 6.19 -7.67
CA ARG A 94 -6.81 7.07 -6.52
C ARG A 94 -5.47 7.42 -5.86
N LYS A 95 -4.35 6.85 -6.33
CA LYS A 95 -3.07 6.84 -5.62
C LYS A 95 -2.69 8.20 -5.07
N ASP A 96 -2.52 9.20 -5.94
CA ASP A 96 -1.93 10.49 -5.60
C ASP A 96 -2.68 11.15 -4.45
N GLN A 97 -4.02 11.11 -4.51
CA GLN A 97 -4.94 11.65 -3.54
C GLN A 97 -4.79 10.92 -2.20
N LEU A 98 -4.94 9.58 -2.20
CA LEU A 98 -4.75 8.71 -1.05
C LEU A 98 -3.40 8.93 -0.38
N TRP A 99 -2.36 9.12 -1.19
CA TRP A 99 -1.03 9.31 -0.66
C TRP A 99 -0.93 10.61 0.12
N ALA A 100 -1.53 11.71 -0.35
CA ALA A 100 -1.53 12.98 0.38
C ALA A 100 -2.26 12.85 1.72
N ASP A 101 -3.35 12.07 1.76
CA ASP A 101 -4.02 11.69 3.00
C ASP A 101 -3.00 10.99 3.92
N TYR A 102 -2.29 9.97 3.41
CA TYR A 102 -1.27 9.25 4.16
C TYR A 102 -0.06 10.08 4.63
N LEU A 103 0.30 11.17 3.95
CA LEU A 103 1.30 12.10 4.48
C LEU A 103 0.75 12.84 5.69
N ALA A 104 -0.51 13.28 5.68
CA ALA A 104 -1.07 14.00 6.82
C ALA A 104 -1.11 13.08 8.04
N GLU A 105 -1.42 11.79 7.83
CA GLU A 105 -1.37 10.77 8.86
C GLU A 105 0.03 10.73 9.50
N LEU A 106 1.07 10.58 8.68
CA LEU A 106 2.45 10.60 9.17
C LEU A 106 2.95 11.97 9.60
N ALA A 107 2.11 12.99 9.53
CA ALA A 107 2.32 14.29 10.16
C ALA A 107 1.48 14.50 11.44
N SER A 108 0.50 13.65 11.74
CA SER A 108 -0.44 13.84 12.84
C SER A 108 -0.28 12.74 13.90
N ALA A 109 0.05 11.53 13.50
CA ALA A 109 0.28 10.40 14.40
C ALA A 109 1.42 10.64 15.38
N GLY A 110 2.29 11.64 15.15
CA GLY A 110 3.50 11.78 15.95
C GLY A 110 4.43 10.59 15.74
N LYS A 111 4.46 10.04 14.52
CA LYS A 111 5.36 9.00 14.08
C LYS A 111 6.12 9.51 12.88
N SER A 112 6.93 8.68 12.21
CA SER A 112 7.53 9.10 10.95
C SER A 112 7.76 8.01 9.94
N ARG A 113 7.84 8.45 8.68
CA ARG A 113 8.31 7.57 7.62
C ARG A 113 9.71 7.13 7.98
N ASP A 114 10.57 8.08 8.35
CA ASP A 114 11.96 7.77 8.62
C ASP A 114 12.02 6.81 9.79
N PRO A 115 12.99 5.88 9.81
CA PRO A 115 13.06 4.87 10.84
C PRO A 115 13.29 5.49 12.22
N ASP A 116 14.11 6.53 12.25
CA ASP A 116 14.44 7.29 13.45
C ASP A 116 14.45 8.77 13.06
N GLU A 117 13.28 9.33 12.78
CA GLU A 117 13.17 10.77 12.69
C GLU A 117 13.29 11.39 14.08
N SER A 118 13.96 12.53 14.19
CA SER A 118 14.17 13.27 15.42
C SER A 118 13.43 14.59 15.31
N VAL A 119 12.12 14.57 15.05
CA VAL A 119 11.29 15.77 14.97
C VAL A 119 9.90 15.49 15.54
N VAL A 120 9.48 16.32 16.49
CA VAL A 120 8.12 16.53 16.95
C VAL A 120 8.04 18.00 17.41
N LYS A 121 6.84 18.55 17.61
CA LYS A 121 6.66 19.89 18.19
C LYS A 121 5.96 19.87 19.55
N LEU A 122 5.31 18.77 19.89
CA LEU A 122 4.60 18.59 21.15
C LEU A 122 5.55 17.95 22.17
N MET A 123 5.07 17.77 23.40
CA MET A 123 5.82 17.16 24.49
C MET A 123 4.94 16.14 25.25
N LEU A 124 3.85 15.65 24.61
CA LEU A 124 2.95 14.62 25.10
C LEU A 124 2.72 13.66 23.96
N GLY A 1 -16.36 -8.20 -15.62
CA GLY A 1 -15.00 -8.72 -15.74
C GLY A 1 -14.08 -8.40 -14.57
N MET A 2 -14.50 -7.65 -13.52
CA MET A 2 -13.57 -7.02 -12.55
C MET A 2 -12.68 -6.01 -13.29
N ARG A 3 -11.93 -5.20 -12.57
CA ARG A 3 -10.86 -4.39 -13.16
C ARG A 3 -9.59 -5.20 -13.01
N ILE A 4 -9.38 -6.18 -13.89
CA ILE A 4 -8.17 -7.00 -13.82
C ILE A 4 -7.09 -6.23 -14.60
N PRO A 5 -5.98 -5.84 -13.95
CA PRO A 5 -4.90 -5.15 -14.62
C PRO A 5 -4.24 -6.04 -15.66
N SER A 6 -3.53 -5.39 -16.59
CA SER A 6 -2.77 -6.05 -17.64
C SER A 6 -1.40 -5.44 -17.88
N ALA A 7 -0.99 -4.47 -17.07
CA ALA A 7 0.40 -4.02 -17.03
C ALA A 7 0.96 -4.11 -15.61
N ILE A 8 0.96 -5.33 -15.07
CA ILE A 8 1.49 -5.60 -13.75
C ILE A 8 3.01 -5.54 -13.82
N GLN A 9 3.58 -4.48 -13.25
CA GLN A 9 4.99 -4.36 -12.89
C GLN A 9 5.06 -4.13 -11.38
N LEU A 10 6.11 -4.62 -10.73
CA LEU A 10 6.40 -4.44 -9.31
C LEU A 10 7.65 -3.60 -9.08
N HIS A 11 8.36 -3.26 -10.17
CA HIS A 11 9.64 -2.58 -10.24
C HIS A 11 10.63 -3.11 -9.21
N LYS A 12 11.39 -4.14 -9.56
CA LYS A 12 12.52 -4.55 -8.72
C LYS A 12 13.53 -3.41 -8.61
N ALA A 13 13.59 -2.53 -9.61
CA ALA A 13 14.30 -1.26 -9.57
C ALA A 13 13.90 -0.41 -8.35
N SER A 14 12.61 -0.11 -8.21
CA SER A 14 12.13 1.03 -7.44
C SER A 14 11.13 0.66 -6.33
N LYS A 15 10.76 -0.61 -6.25
CA LYS A 15 9.73 -1.19 -5.38
C LYS A 15 8.39 -0.45 -5.58
N THR A 16 7.72 -0.71 -6.71
CA THR A 16 6.61 0.10 -7.19
C THR A 16 5.52 -0.79 -7.79
N LEU A 17 4.33 -0.87 -7.18
CA LEU A 17 3.22 -1.57 -7.83
C LEU A 17 2.60 -0.64 -8.87
N THR A 18 2.77 -0.98 -10.14
CA THR A 18 2.32 -0.13 -11.24
C THR A 18 1.01 -0.68 -11.80
N LEU A 19 -0.01 0.18 -11.95
CA LEU A 19 -1.39 -0.17 -12.27
C LEU A 19 -1.96 0.81 -13.28
N ARG A 20 -2.58 0.29 -14.35
CA ARG A 20 -3.21 1.07 -15.40
C ARG A 20 -4.70 1.21 -15.13
N TYR A 21 -5.08 2.20 -14.33
CA TYR A 21 -6.47 2.48 -14.03
C TYR A 21 -7.14 3.07 -15.27
N GLY A 22 -7.58 2.21 -16.18
CA GLY A 22 -8.29 2.61 -17.38
C GLY A 22 -7.26 2.79 -18.47
N GLU A 23 -7.03 4.01 -18.94
CA GLU A 23 -6.10 4.28 -20.05
C GLU A 23 -4.90 5.11 -19.61
N ASP A 24 -4.76 5.35 -18.31
CA ASP A 24 -3.63 6.06 -17.72
C ASP A 24 -2.77 5.05 -16.96
N SER A 25 -1.56 5.41 -16.56
CA SER A 25 -0.56 4.51 -15.99
C SER A 25 -0.03 5.13 -14.71
N TYR A 26 -0.32 4.52 -13.56
CA TYR A 26 0.10 4.98 -12.26
C TYR A 26 1.18 4.03 -11.74
N ASP A 27 2.12 4.53 -10.94
CA ASP A 27 3.24 3.76 -10.38
C ASP A 27 3.36 4.09 -8.90
N LEU A 28 2.60 3.34 -8.10
CA LEU A 28 2.48 3.62 -6.67
C LEU A 28 3.66 2.99 -5.93
N PRO A 29 4.19 3.61 -4.87
CA PRO A 29 5.28 3.04 -4.11
C PRO A 29 4.78 1.90 -3.23
N ALA A 30 5.67 0.95 -2.93
CA ALA A 30 5.42 -0.15 -2.00
C ALA A 30 4.85 0.35 -0.68
N GLU A 31 5.42 1.43 -0.12
CA GLU A 31 4.97 1.87 1.18
C GLU A 31 3.54 2.43 1.16
N PHE A 32 3.07 2.96 0.02
CA PHE A 32 1.70 3.44 -0.07
C PHE A 32 0.73 2.28 0.15
N LEU A 33 1.10 1.10 -0.34
CA LEU A 33 0.26 -0.07 -0.20
C LEU A 33 0.34 -0.65 1.22
N ARG A 34 1.52 -0.66 1.87
CA ARG A 34 1.64 -1.52 3.07
C ARG A 34 0.71 -1.02 4.21
N VAL A 35 0.29 0.25 4.14
CA VAL A 35 -0.49 0.96 5.14
C VAL A 35 -1.97 0.55 4.99
N HIS A 36 -2.58 0.75 3.82
CA HIS A 36 -3.97 0.34 3.54
C HIS A 36 -4.05 -1.16 3.24
N SER A 37 -3.49 -1.99 4.13
CA SER A 37 -3.29 -3.42 4.00
C SER A 37 -4.21 -4.12 5.01
N PRO A 38 -5.48 -4.39 4.66
CA PRO A 38 -6.48 -4.99 5.55
C PRO A 38 -6.19 -6.48 5.72
N SER A 39 -5.55 -6.89 6.82
CA SER A 39 -5.23 -8.29 7.04
C SER A 39 -6.52 -9.13 7.04
N ALA A 40 -6.58 -10.18 6.22
CA ALA A 40 -7.73 -11.08 6.16
C ALA A 40 -7.96 -11.85 7.47
N GLU A 41 -6.97 -11.88 8.37
CA GLU A 41 -6.93 -12.68 9.60
C GLU A 41 -7.68 -12.03 10.76
N VAL A 42 -8.57 -11.10 10.47
CA VAL A 42 -9.10 -10.17 11.47
C VAL A 42 -10.60 -10.36 11.68
N GLN A 43 -11.27 -11.18 10.86
CA GLN A 43 -12.63 -11.70 11.06
C GLN A 43 -13.60 -10.63 11.55
N GLY A 44 -13.61 -9.49 10.85
CA GLY A 44 -14.30 -8.30 11.27
C GLY A 44 -13.64 -7.06 10.70
N HIS A 45 -12.31 -6.99 10.82
CA HIS A 45 -11.44 -5.90 10.35
C HIS A 45 -11.99 -4.50 10.67
N GLY A 46 -12.54 -4.35 11.87
CA GLY A 46 -13.15 -3.12 12.36
C GLY A 46 -12.54 -2.74 13.68
N ASN A 47 -11.31 -2.26 13.59
CA ASN A 47 -10.60 -1.50 14.61
C ASN A 47 -9.69 -0.49 13.91
N PRO A 48 -9.35 0.62 14.55
CA PRO A 48 -8.36 1.53 14.01
C PRO A 48 -7.03 0.77 14.05
N VAL A 49 -6.27 0.81 12.97
CA VAL A 49 -5.00 0.12 12.85
C VAL A 49 -4.08 1.14 12.20
N LEU A 50 -2.88 1.30 12.75
CA LEU A 50 -1.91 2.29 12.32
C LEU A 50 -0.68 1.57 11.82
N GLN A 51 0.03 2.17 10.87
CA GLN A 51 1.12 1.54 10.15
C GLN A 51 2.33 2.49 10.10
N TYR A 52 2.94 2.71 11.25
CA TYR A 52 4.18 3.44 11.38
C TYR A 52 5.35 2.51 11.02
N GLY A 53 6.56 2.95 11.38
CA GLY A 53 7.81 2.23 11.50
C GLY A 53 8.36 1.63 10.21
N LYS A 54 7.83 1.99 9.04
CA LYS A 54 8.25 1.40 7.77
C LYS A 54 8.30 2.48 6.69
N LEU A 55 9.25 3.43 6.80
CA LEU A 55 9.53 4.43 5.76
C LEU A 55 10.26 3.80 4.58
N ASN A 56 11.23 2.95 4.89
CA ASN A 56 12.22 2.42 3.95
C ASN A 56 11.79 1.07 3.38
N VAL A 57 10.52 0.70 3.51
CA VAL A 57 9.96 -0.57 3.05
C VAL A 57 10.02 -0.65 1.53
N GLY A 58 10.25 -1.84 1.00
CA GLY A 58 10.24 -2.14 -0.42
C GLY A 58 9.27 -3.27 -0.74
N LEU A 59 9.46 -3.92 -1.90
CA LEU A 59 8.64 -5.02 -2.37
C LEU A 59 9.50 -6.10 -2.99
N VAL A 60 8.90 -7.28 -3.08
CA VAL A 60 9.57 -8.56 -3.25
C VAL A 60 8.77 -9.47 -4.17
N GLY A 61 7.44 -9.48 -4.07
CA GLY A 61 6.61 -10.44 -4.81
C GLY A 61 5.21 -9.92 -5.06
N VAL A 62 4.67 -10.20 -6.25
CA VAL A 62 3.32 -9.84 -6.66
C VAL A 62 2.87 -10.84 -7.71
N GLU A 63 1.92 -11.69 -7.36
CA GLU A 63 1.23 -12.65 -8.21
C GLU A 63 -0.25 -12.76 -7.89
N PRO A 64 -1.12 -13.11 -8.84
CA PRO A 64 -2.55 -13.31 -8.63
C PRO A 64 -2.79 -14.47 -7.65
N ALA A 65 -3.86 -14.38 -6.86
CA ALA A 65 -4.39 -15.48 -6.06
C ALA A 65 -5.91 -15.42 -6.07
N GLY A 66 -6.56 -16.53 -5.72
CA GLY A 66 -8.00 -16.71 -5.90
C GLY A 66 -8.42 -16.76 -7.38
N GLN A 67 -7.72 -16.08 -8.29
CA GLN A 67 -8.06 -15.51 -9.58
C GLN A 67 -8.87 -14.21 -9.47
N TYR A 68 -8.73 -13.46 -8.37
CA TYR A 68 -9.40 -12.17 -8.18
C TYR A 68 -8.69 -11.26 -7.17
N ALA A 69 -7.71 -11.78 -6.45
CA ALA A 69 -7.25 -11.17 -5.22
C ALA A 69 -5.75 -11.40 -5.08
N LEU A 70 -5.03 -10.34 -5.36
CA LEU A 70 -3.61 -10.31 -5.61
C LEU A 70 -2.81 -10.61 -4.33
N LYS A 71 -1.88 -11.56 -4.43
CA LYS A 71 -0.91 -11.89 -3.40
C LYS A 71 0.26 -10.92 -3.51
N LEU A 72 0.19 -9.80 -2.80
CA LEU A 72 1.35 -8.97 -2.57
C LEU A 72 2.26 -9.64 -1.55
N SER A 73 3.49 -9.15 -1.49
CA SER A 73 4.51 -9.52 -0.53
C SER A 73 5.35 -8.26 -0.40
N PHE A 74 5.26 -7.58 0.74
CA PHE A 74 6.08 -6.41 1.03
C PHE A 74 7.35 -6.91 1.72
N ASP A 75 8.47 -6.23 1.43
CA ASP A 75 9.75 -6.42 2.12
C ASP A 75 9.69 -6.04 3.62
N ASP A 76 8.55 -5.52 4.06
CA ASP A 76 8.15 -5.38 5.46
C ASP A 76 8.15 -6.73 6.21
N GLY A 77 7.84 -7.81 5.49
CA GLY A 77 7.44 -9.07 6.07
C GLY A 77 5.91 -9.20 6.00
N HIS A 78 5.36 -10.13 6.80
CA HIS A 78 3.92 -10.37 7.00
C HIS A 78 3.15 -10.37 5.66
N ASP A 79 3.34 -11.41 4.85
CA ASP A 79 2.78 -11.52 3.50
C ASP A 79 1.30 -11.96 3.55
N SER A 80 0.68 -12.27 2.40
CA SER A 80 -0.63 -12.94 2.30
C SER A 80 -1.82 -12.16 2.92
N GLY A 81 -1.80 -10.84 2.91
CA GLY A 81 -2.87 -10.04 3.50
C GLY A 81 -4.25 -10.14 2.82
N LEU A 82 -4.32 -10.48 1.52
CA LEU A 82 -5.48 -10.45 0.59
C LEU A 82 -5.83 -9.04 0.11
N PHE A 83 -5.72 -8.77 -1.19
CA PHE A 83 -6.17 -7.53 -1.83
C PHE A 83 -7.03 -7.84 -3.05
N THR A 84 -8.32 -7.45 -3.08
CA THR A 84 -9.13 -7.55 -4.31
C THR A 84 -8.56 -6.64 -5.41
N TRP A 85 -8.75 -7.00 -6.69
CA TRP A 85 -8.35 -6.16 -7.82
C TRP A 85 -8.96 -4.76 -7.76
N ASP A 86 -10.27 -4.65 -7.56
CA ASP A 86 -11.02 -3.39 -7.53
C ASP A 86 -10.68 -2.55 -6.30
N TYR A 87 -10.22 -3.17 -5.21
CA TYR A 87 -9.67 -2.45 -4.07
C TYR A 87 -8.32 -1.85 -4.45
N LEU A 88 -7.46 -2.61 -5.13
CA LEU A 88 -6.14 -2.10 -5.53
C LEU A 88 -6.26 -0.95 -6.52
N TYR A 89 -7.08 -1.09 -7.55
CA TYR A 89 -7.30 -0.04 -8.53
C TYR A 89 -7.93 1.20 -7.93
N GLU A 90 -8.75 1.06 -6.88
CA GLU A 90 -9.35 2.20 -6.18
C GLU A 90 -8.22 3.07 -5.64
N LEU A 91 -7.34 2.50 -4.81
CA LEU A 91 -6.22 3.20 -4.18
C LEU A 91 -5.30 3.84 -5.25
N ALA A 92 -5.14 3.21 -6.42
CA ALA A 92 -4.33 3.70 -7.53
C ALA A 92 -4.80 5.10 -7.99
N THR A 93 -6.10 5.30 -8.17
CA THR A 93 -6.68 6.58 -8.59
C THR A 93 -7.00 7.51 -7.39
N ARG A 94 -6.51 7.19 -6.19
CA ARG A 94 -6.87 7.85 -4.92
C ARG A 94 -5.64 8.23 -4.09
N LYS A 95 -4.44 7.95 -4.60
CA LYS A 95 -3.22 7.93 -3.80
C LYS A 95 -2.94 9.26 -3.12
N ASP A 96 -3.20 10.34 -3.84
CA ASP A 96 -3.22 11.73 -3.44
C ASP A 96 -3.96 11.91 -2.12
N GLN A 97 -5.27 11.70 -2.06
CA GLN A 97 -6.05 11.84 -0.84
C GLN A 97 -5.53 10.90 0.26
N LEU A 98 -5.37 9.62 -0.09
CA LEU A 98 -5.08 8.54 0.84
C LEU A 98 -3.72 8.69 1.51
N TRP A 99 -2.74 9.19 0.77
CA TRP A 99 -1.40 9.37 1.31
C TRP A 99 -1.38 10.50 2.33
N ALA A 100 -2.02 11.62 2.00
CA ALA A 100 -2.17 12.74 2.92
C ALA A 100 -2.90 12.28 4.19
N ASP A 101 -3.95 11.48 4.03
CA ASP A 101 -4.68 10.87 5.14
C ASP A 101 -3.73 10.01 5.98
N TYR A 102 -2.96 9.13 5.35
CA TYR A 102 -2.09 8.23 6.09
C TYR A 102 -0.91 8.92 6.76
N LEU A 103 -0.46 10.06 6.25
CA LEU A 103 0.47 10.94 6.95
C LEU A 103 -0.18 11.53 8.18
N ALA A 104 -1.43 12.00 8.07
CA ALA A 104 -2.17 12.56 9.18
C ALA A 104 -2.28 11.51 10.29
N GLU A 105 -2.67 10.28 9.94
CA GLU A 105 -2.79 9.19 10.88
C GLU A 105 -1.50 8.93 11.65
N LEU A 106 -0.36 8.92 10.96
CA LEU A 106 0.94 8.68 11.55
C LEU A 106 1.31 9.84 12.48
N ALA A 107 1.07 11.06 12.01
CA ALA A 107 1.38 12.28 12.75
C ALA A 107 0.55 12.32 14.04
N SER A 108 -0.74 12.03 13.94
CA SER A 108 -1.71 12.08 15.02
C SER A 108 -1.56 10.90 15.98
N ALA A 109 -1.11 9.73 15.51
CA ALA A 109 -0.74 8.61 16.37
C ALA A 109 0.44 8.95 17.29
N GLY A 110 1.23 9.96 16.91
CA GLY A 110 2.51 10.25 17.51
C GLY A 110 3.43 9.06 17.36
N LYS A 111 3.53 8.51 16.15
CA LYS A 111 4.58 7.53 15.79
C LYS A 111 5.32 8.09 14.58
N SER A 112 6.25 7.32 14.03
CA SER A 112 7.03 7.77 12.89
C SER A 112 7.14 6.73 11.81
N ARG A 113 7.33 7.16 10.56
CA ARG A 113 7.61 6.23 9.49
C ARG A 113 9.02 5.68 9.68
N ASP A 114 9.98 6.53 10.01
CA ASP A 114 11.35 6.08 10.20
C ASP A 114 11.42 5.27 11.49
N PRO A 115 12.39 4.36 11.63
CA PRO A 115 12.47 3.50 12.81
C PRO A 115 12.70 4.30 14.08
N ASP A 116 13.42 5.41 13.99
CA ASP A 116 13.69 6.34 15.08
C ASP A 116 13.76 7.77 14.55
N GLU A 117 12.73 8.18 13.80
CA GLU A 117 12.59 9.56 13.31
C GLU A 117 12.60 10.50 14.52
N SER A 118 13.27 11.64 14.45
CA SER A 118 13.52 12.47 15.64
C SER A 118 13.44 13.95 15.27
N VAL A 119 12.29 14.40 14.79
CA VAL A 119 12.10 15.70 14.18
C VAL A 119 10.82 16.33 14.75
N VAL A 120 10.67 17.63 14.54
CA VAL A 120 9.78 18.56 15.22
C VAL A 120 8.80 19.14 14.20
N LYS A 121 7.81 18.34 13.81
CA LYS A 121 7.07 18.45 12.55
C LYS A 121 8.04 18.52 11.36
N LEU A 122 7.51 18.60 10.15
CA LEU A 122 8.25 18.59 8.92
C LEU A 122 7.38 19.34 7.94
N MET A 123 7.94 20.41 7.34
CA MET A 123 7.26 21.21 6.34
C MET A 123 5.91 21.70 6.90
N LEU A 124 4.95 21.98 6.03
CA LEU A 124 3.71 22.69 6.29
C LEU A 124 2.57 21.87 5.78
N GLY A 1 -16.67 -7.10 -15.97
CA GLY A 1 -16.01 -8.28 -15.40
C GLY A 1 -14.83 -7.87 -14.54
N MET A 2 -15.06 -7.61 -13.24
CA MET A 2 -14.04 -7.29 -12.22
C MET A 2 -13.23 -6.03 -12.58
N ARG A 3 -12.21 -5.72 -11.78
CA ARG A 3 -11.15 -4.77 -12.08
C ARG A 3 -9.83 -5.51 -11.93
N ILE A 4 -9.27 -6.08 -12.99
CA ILE A 4 -8.01 -6.80 -12.93
C ILE A 4 -6.99 -6.05 -13.79
N PRO A 5 -5.88 -5.53 -13.23
CA PRO A 5 -4.80 -5.06 -14.07
C PRO A 5 -4.20 -6.19 -14.89
N SER A 6 -4.00 -5.91 -16.17
CA SER A 6 -3.19 -6.76 -17.03
C SER A 6 -1.79 -6.17 -17.24
N ALA A 7 -1.50 -5.02 -16.63
CA ALA A 7 -0.18 -4.44 -16.61
C ALA A 7 0.38 -4.33 -15.21
N ILE A 8 0.47 -5.48 -14.52
CA ILE A 8 1.25 -5.56 -13.30
C ILE A 8 2.72 -5.47 -13.70
N GLN A 9 3.28 -4.29 -13.60
CA GLN A 9 4.70 -4.08 -13.64
C GLN A 9 5.20 -4.03 -12.21
N LEU A 10 5.72 -5.15 -11.71
CA LEU A 10 6.60 -5.14 -10.56
C LEU A 10 7.91 -4.56 -11.09
N HIS A 11 8.10 -3.25 -10.93
CA HIS A 11 9.37 -2.62 -11.19
C HIS A 11 10.23 -2.84 -9.92
N LYS A 12 11.09 -3.87 -9.91
CA LYS A 12 11.92 -4.14 -8.73
C LYS A 12 12.97 -3.06 -8.51
N ALA A 13 13.60 -2.55 -9.57
CA ALA A 13 14.85 -1.80 -9.51
C ALA A 13 14.74 -0.42 -8.81
N SER A 14 13.53 0.08 -8.54
CA SER A 14 13.27 1.25 -7.71
C SER A 14 12.07 1.02 -6.77
N LYS A 15 11.65 -0.24 -6.59
CA LYS A 15 10.46 -0.71 -5.86
C LYS A 15 9.21 0.13 -6.16
N THR A 16 8.68 -0.05 -7.38
CA THR A 16 7.45 0.61 -7.86
C THR A 16 6.49 -0.50 -8.36
N LEU A 17 5.21 -0.46 -7.98
CA LEU A 17 4.13 -1.18 -8.65
C LEU A 17 3.48 -0.29 -9.71
N THR A 18 3.26 -0.80 -10.91
CA THR A 18 2.51 -0.07 -11.93
C THR A 18 1.39 -0.92 -12.50
N LEU A 19 0.31 -0.24 -12.89
CA LEU A 19 -0.97 -0.72 -13.42
C LEU A 19 -1.50 0.29 -14.45
N ARG A 20 -2.69 -0.05 -14.95
CA ARG A 20 -3.48 0.75 -15.92
C ARG A 20 -5.00 0.73 -15.67
N TYR A 21 -5.55 1.54 -14.75
CA TYR A 21 -6.98 1.62 -14.45
C TYR A 21 -7.74 2.10 -15.69
N GLY A 22 -8.28 1.16 -16.47
CA GLY A 22 -9.01 1.53 -17.66
C GLY A 22 -8.00 1.98 -18.69
N GLU A 23 -7.82 3.30 -18.79
CA GLU A 23 -6.93 3.90 -19.76
C GLU A 23 -5.90 4.83 -19.09
N ASP A 24 -5.95 4.92 -17.76
CA ASP A 24 -5.04 5.74 -16.95
C ASP A 24 -4.04 4.85 -16.24
N SER A 25 -2.76 5.18 -16.34
CA SER A 25 -1.70 4.48 -15.64
C SER A 25 -1.51 5.07 -14.25
N TYR A 26 -1.05 4.25 -13.31
CA TYR A 26 -0.63 4.65 -11.98
C TYR A 26 0.61 3.83 -11.63
N ASP A 27 1.61 4.48 -11.06
CA ASP A 27 2.94 3.96 -10.78
C ASP A 27 3.21 4.20 -9.30
N LEU A 28 2.59 3.37 -8.46
CA LEU A 28 2.65 3.43 -7.01
C LEU A 28 4.04 3.00 -6.52
N PRO A 29 4.60 3.59 -5.44
CA PRO A 29 5.80 3.07 -4.77
C PRO A 29 5.58 1.67 -4.16
N ALA A 30 6.52 1.16 -3.35
CA ALA A 30 6.21 0.11 -2.37
C ALA A 30 5.59 0.75 -1.10
N GLU A 31 6.22 1.73 -0.43
CA GLU A 31 5.75 2.26 0.89
C GLU A 31 4.24 2.56 0.95
N PHE A 32 3.65 3.26 -0.02
CA PHE A 32 2.23 3.59 0.08
C PHE A 32 1.37 2.31 0.11
N LEU A 33 1.79 1.23 -0.55
CA LEU A 33 1.08 -0.04 -0.55
C LEU A 33 1.13 -0.73 0.81
N ARG A 34 2.23 -0.57 1.57
CA ARG A 34 2.38 -1.09 2.93
C ARG A 34 1.27 -0.54 3.81
N VAL A 35 1.10 0.78 3.84
CA VAL A 35 0.23 1.39 4.83
C VAL A 35 -1.26 1.15 4.55
N HIS A 36 -1.60 0.67 3.34
CA HIS A 36 -2.94 0.27 2.95
C HIS A 36 -3.05 -1.26 2.82
N SER A 37 -2.29 -2.01 3.62
CA SER A 37 -2.19 -3.47 3.57
C SER A 37 -3.00 -4.08 4.71
N PRO A 38 -4.33 -4.32 4.53
CA PRO A 38 -5.12 -5.11 5.45
C PRO A 38 -4.78 -6.60 5.25
N SER A 39 -5.43 -7.48 6.02
CA SER A 39 -5.14 -8.90 6.08
C SER A 39 -6.36 -9.70 5.63
N ALA A 40 -6.18 -11.01 5.44
CA ALA A 40 -7.19 -11.88 4.84
C ALA A 40 -8.16 -12.51 5.85
N GLU A 41 -7.87 -12.45 7.15
CA GLU A 41 -8.60 -13.17 8.20
C GLU A 41 -9.54 -12.30 9.02
N VAL A 42 -9.81 -11.10 8.51
CA VAL A 42 -10.56 -10.03 9.18
C VAL A 42 -12.08 -10.18 8.97
N GLN A 43 -12.54 -11.27 8.36
CA GLN A 43 -13.95 -11.70 8.29
C GLN A 43 -14.90 -10.62 7.75
N GLY A 44 -14.37 -9.65 7.00
CA GLY A 44 -15.10 -8.52 6.44
C GLY A 44 -14.43 -7.21 6.83
N HIS A 45 -14.39 -6.86 8.12
CA HIS A 45 -13.84 -5.59 8.59
C HIS A 45 -13.33 -5.71 10.03
N GLY A 46 -12.67 -4.66 10.53
CA GLY A 46 -11.96 -4.70 11.80
C GLY A 46 -11.90 -3.32 12.43
N ASN A 47 -10.80 -3.04 13.10
CA ASN A 47 -10.62 -1.81 13.87
C ASN A 47 -9.56 -0.97 13.16
N PRO A 48 -9.64 0.38 13.19
CA PRO A 48 -8.63 1.25 12.64
C PRO A 48 -7.32 1.03 13.41
N VAL A 49 -6.26 0.71 12.68
CA VAL A 49 -4.92 0.61 13.18
C VAL A 49 -4.06 1.28 12.13
N LEU A 50 -3.37 2.31 12.57
CA LEU A 50 -2.48 3.08 11.75
C LEU A 50 -1.16 2.36 11.63
N GLN A 51 -0.75 2.14 10.39
CA GLN A 51 0.48 1.53 10.01
C GLN A 51 1.48 2.67 9.80
N TYR A 52 2.44 2.76 10.73
CA TYR A 52 3.60 3.65 10.66
C TYR A 52 4.86 2.80 10.68
N GLY A 53 6.02 3.44 10.84
CA GLY A 53 7.25 2.77 11.29
C GLY A 53 7.79 1.68 10.36
N LYS A 54 7.39 1.65 9.08
CA LYS A 54 7.87 0.73 8.05
C LYS A 54 8.32 1.51 6.82
N LEU A 55 8.68 2.80 6.91
CA LEU A 55 9.16 3.57 5.75
C LEU A 55 10.32 2.90 5.01
N ASN A 56 11.11 2.06 5.69
CA ASN A 56 12.22 1.34 5.08
C ASN A 56 11.76 0.12 4.26
N VAL A 57 10.46 -0.21 4.25
CA VAL A 57 9.92 -1.36 3.53
C VAL A 57 10.27 -1.27 2.06
N GLY A 58 10.36 -2.42 1.42
CA GLY A 58 10.40 -2.57 -0.01
C GLY A 58 9.66 -3.81 -0.42
N LEU A 59 9.60 -4.00 -1.73
CA LEU A 59 8.94 -5.14 -2.34
C LEU A 59 9.94 -6.30 -2.36
N VAL A 60 9.44 -7.52 -2.30
CA VAL A 60 10.23 -8.75 -2.34
C VAL A 60 9.76 -9.74 -3.39
N GLY A 61 8.46 -9.71 -3.69
CA GLY A 61 7.85 -10.53 -4.72
C GLY A 61 6.36 -10.31 -4.72
N VAL A 62 5.69 -10.78 -5.77
CA VAL A 62 4.30 -10.53 -6.04
C VAL A 62 3.92 -11.37 -7.26
N GLU A 63 2.72 -11.97 -7.27
CA GLU A 63 2.19 -12.82 -8.33
C GLU A 63 0.67 -12.86 -8.31
N PRO A 64 0.00 -13.27 -9.40
CA PRO A 64 -1.44 -13.44 -9.43
C PRO A 64 -1.82 -14.60 -8.51
N ALA A 65 -2.71 -14.33 -7.54
CA ALA A 65 -3.44 -15.42 -6.91
C ALA A 65 -4.49 -15.97 -7.89
N GLY A 66 -5.40 -16.82 -7.40
CA GLY A 66 -6.34 -17.64 -8.20
C GLY A 66 -7.02 -16.89 -9.34
N GLN A 67 -8.18 -16.30 -9.08
CA GLN A 67 -9.01 -15.65 -10.10
C GLN A 67 -9.67 -14.37 -9.57
N TYR A 68 -9.47 -14.05 -8.29
CA TYR A 68 -10.14 -12.97 -7.55
C TYR A 68 -9.20 -12.18 -6.64
N ALA A 69 -7.90 -12.45 -6.63
CA ALA A 69 -6.95 -11.79 -5.75
C ALA A 69 -5.52 -11.76 -6.30
N LEU A 70 -4.64 -11.07 -5.57
CA LEU A 70 -3.21 -10.96 -5.86
C LEU A 70 -2.44 -11.40 -4.61
N LYS A 71 -1.41 -12.24 -4.79
CA LYS A 71 -0.49 -12.75 -3.79
C LYS A 71 0.64 -11.73 -3.62
N LEU A 72 0.42 -10.67 -2.84
CA LEU A 72 1.43 -9.62 -2.62
C LEU A 72 2.49 -10.12 -1.62
N SER A 73 3.72 -9.60 -1.63
CA SER A 73 4.73 -9.90 -0.61
C SER A 73 5.57 -8.65 -0.33
N PHE A 74 5.73 -8.25 0.93
CA PHE A 74 6.40 -7.02 1.31
C PHE A 74 7.39 -7.35 2.42
N ASP A 75 8.55 -6.69 2.35
CA ASP A 75 9.65 -6.76 3.32
C ASP A 75 9.26 -6.34 4.76
N ASP A 76 7.98 -6.02 5.00
CA ASP A 76 7.40 -5.92 6.34
C ASP A 76 7.25 -7.29 7.01
N GLY A 77 7.32 -8.39 6.26
CA GLY A 77 7.47 -9.73 6.80
C GLY A 77 6.18 -10.32 7.37
N HIS A 78 5.04 -9.66 7.18
CA HIS A 78 3.72 -10.23 7.38
C HIS A 78 2.95 -10.32 6.05
N ASP A 79 3.44 -9.67 4.99
CA ASP A 79 2.87 -9.70 3.64
C ASP A 79 1.38 -9.33 3.68
N SER A 80 0.61 -9.68 2.63
CA SER A 80 -0.80 -9.99 2.75
C SER A 80 -1.14 -10.92 1.60
N GLY A 81 -1.62 -12.12 1.92
CA GLY A 81 -1.86 -13.19 0.95
C GLY A 81 -3.00 -12.88 -0.02
N LEU A 82 -3.86 -11.90 0.26
CA LEU A 82 -5.05 -11.61 -0.52
C LEU A 82 -5.28 -10.11 -0.51
N PHE A 83 -5.07 -9.48 -1.67
CA PHE A 83 -5.45 -8.09 -1.93
C PHE A 83 -6.76 -7.95 -2.72
N THR A 84 -7.41 -9.07 -3.05
CA THR A 84 -8.62 -9.12 -3.86
C THR A 84 -8.40 -8.41 -5.22
N TRP A 85 -9.44 -8.12 -6.01
CA TRP A 85 -9.29 -7.27 -7.19
C TRP A 85 -9.96 -5.92 -7.04
N ASP A 86 -11.19 -5.86 -6.56
CA ASP A 86 -11.99 -4.63 -6.55
C ASP A 86 -11.31 -3.58 -5.66
N TYR A 87 -10.50 -4.01 -4.68
CA TYR A 87 -9.72 -3.16 -3.79
C TYR A 87 -8.43 -2.64 -4.46
N LEU A 88 -7.80 -3.38 -5.37
CA LEU A 88 -6.48 -2.99 -5.88
C LEU A 88 -6.56 -1.74 -6.77
N TYR A 89 -7.28 -1.80 -7.88
CA TYR A 89 -7.44 -0.68 -8.80
C TYR A 89 -8.04 0.54 -8.11
N GLU A 90 -8.95 0.33 -7.16
CA GLU A 90 -9.50 1.37 -6.31
C GLU A 90 -8.34 2.25 -5.80
N LEU A 91 -7.38 1.61 -5.14
CA LEU A 91 -6.26 2.32 -4.53
C LEU A 91 -5.32 2.92 -5.58
N ALA A 92 -5.20 2.35 -6.79
CA ALA A 92 -4.42 2.88 -7.91
C ALA A 92 -4.80 4.35 -8.17
N THR A 93 -6.10 4.57 -8.40
CA THR A 93 -6.61 5.89 -8.82
C THR A 93 -7.11 6.75 -7.64
N ARG A 94 -7.13 6.20 -6.42
CA ARG A 94 -7.42 6.95 -5.19
C ARG A 94 -6.17 7.38 -4.45
N LYS A 95 -4.99 6.86 -4.79
CA LYS A 95 -3.73 7.07 -4.07
C LYS A 95 -3.49 8.51 -3.66
N ASP A 96 -3.78 9.43 -4.57
CA ASP A 96 -3.59 10.87 -4.38
C ASP A 96 -4.34 11.41 -3.15
N GLN A 97 -5.51 10.87 -2.81
CA GLN A 97 -6.27 11.20 -1.60
C GLN A 97 -5.73 10.39 -0.43
N LEU A 98 -5.68 9.07 -0.60
CA LEU A 98 -5.33 8.08 0.42
C LEU A 98 -3.98 8.40 1.05
N TRP A 99 -3.00 8.84 0.25
CA TRP A 99 -1.68 9.11 0.75
C TRP A 99 -1.73 10.27 1.72
N ALA A 100 -2.31 11.39 1.28
CA ALA A 100 -2.46 12.57 2.11
C ALA A 100 -3.21 12.27 3.42
N ASP A 101 -4.24 11.43 3.35
CA ASP A 101 -4.97 10.93 4.51
C ASP A 101 -4.00 10.21 5.46
N TYR A 102 -3.25 9.24 4.95
CA TYR A 102 -2.30 8.46 5.75
C TYR A 102 -1.13 9.29 6.29
N LEU A 103 -0.74 10.39 5.63
CA LEU A 103 0.13 11.40 6.23
C LEU A 103 -0.53 12.04 7.44
N ALA A 104 -1.76 12.55 7.28
CA ALA A 104 -2.49 13.25 8.33
C ALA A 104 -2.59 12.35 9.56
N GLU A 105 -2.93 11.07 9.34
CA GLU A 105 -2.95 10.04 10.37
C GLU A 105 -1.64 9.99 11.13
N LEU A 106 -0.51 9.83 10.43
CA LEU A 106 0.82 9.78 11.05
C LEU A 106 1.08 11.01 11.92
N ALA A 107 0.74 12.17 11.39
CA ALA A 107 0.98 13.45 12.03
C ALA A 107 0.07 13.63 13.25
N SER A 108 -1.14 13.06 13.26
CA SER A 108 -2.07 13.15 14.36
C SER A 108 -1.74 12.09 15.43
N ALA A 109 -1.26 10.91 15.04
CA ALA A 109 -0.88 9.84 15.96
C ALA A 109 0.35 10.17 16.80
N GLY A 110 1.15 11.16 16.38
CA GLY A 110 2.37 11.53 17.07
C GLY A 110 3.48 10.52 16.82
N LYS A 111 3.50 9.84 15.66
CA LYS A 111 4.56 8.86 15.31
C LYS A 111 5.30 9.36 14.07
N SER A 112 6.08 8.51 13.43
CA SER A 112 6.69 8.80 12.14
C SER A 112 6.68 7.56 11.26
N ARG A 113 6.79 7.81 9.96
CA ARG A 113 7.05 6.75 9.00
C ARG A 113 8.37 6.09 9.34
N ASP A 114 9.39 6.91 9.57
CA ASP A 114 10.76 6.47 9.77
C ASP A 114 10.89 5.79 11.13
N PRO A 115 11.82 4.82 11.27
CA PRO A 115 11.97 4.00 12.47
C PRO A 115 12.32 4.82 13.71
N ASP A 116 13.27 5.74 13.58
CA ASP A 116 13.75 6.59 14.67
C ASP A 116 13.90 8.02 14.15
N GLU A 117 12.81 8.61 13.64
CA GLU A 117 12.80 10.03 13.34
C GLU A 117 13.01 10.82 14.63
N SER A 118 13.78 11.91 14.54
CA SER A 118 14.25 12.63 15.71
C SER A 118 14.39 14.13 15.49
N VAL A 119 13.65 14.69 14.52
CA VAL A 119 13.95 16.01 14.00
C VAL A 119 13.07 17.03 14.73
N VAL A 120 13.67 17.72 15.69
CA VAL A 120 13.08 18.78 16.51
C VAL A 120 12.90 20.00 15.60
N LYS A 121 11.85 19.99 14.77
CA LYS A 121 11.46 21.16 13.98
C LYS A 121 10.93 22.25 14.91
N LEU A 122 10.93 23.49 14.44
CA LEU A 122 10.31 24.63 15.11
C LEU A 122 9.19 25.17 14.20
N MET A 123 8.26 25.92 14.80
CA MET A 123 7.04 26.45 14.19
C MET A 123 6.03 25.34 13.89
N LEU A 124 4.83 25.72 13.46
CA LEU A 124 3.74 24.82 13.09
C LEU A 124 3.72 24.64 11.59
N GLY A 1 -17.82 -4.27 -14.09
CA GLY A 1 -17.33 -5.65 -14.20
C GLY A 1 -15.96 -5.79 -13.56
N MET A 2 -15.24 -6.87 -13.87
CA MET A 2 -13.94 -7.12 -13.24
C MET A 2 -12.88 -6.18 -13.81
N ARG A 3 -11.84 -5.90 -13.02
CA ARG A 3 -10.65 -5.19 -13.47
C ARG A 3 -9.49 -6.15 -13.26
N ILE A 4 -9.36 -7.19 -14.09
CA ILE A 4 -8.24 -8.11 -13.97
C ILE A 4 -7.07 -7.48 -14.74
N PRO A 5 -5.89 -7.35 -14.15
CA PRO A 5 -4.74 -6.76 -14.84
C PRO A 5 -4.33 -7.54 -16.09
N SER A 6 -3.34 -6.95 -16.75
CA SER A 6 -2.69 -7.49 -17.93
C SER A 6 -1.26 -6.97 -17.94
N ALA A 7 -1.10 -5.67 -17.62
CA ALA A 7 0.20 -5.16 -17.22
C ALA A 7 0.36 -5.50 -15.73
N ILE A 8 1.56 -5.92 -15.35
CA ILE A 8 1.99 -6.22 -13.98
C ILE A 8 3.43 -5.75 -13.91
N GLN A 9 3.73 -4.87 -12.97
CA GLN A 9 5.08 -4.40 -12.65
C GLN A 9 5.11 -4.21 -11.14
N LEU A 10 6.18 -4.69 -10.50
CA LEU A 10 6.50 -4.35 -9.12
C LEU A 10 7.73 -3.46 -9.05
N HIS A 11 8.37 -3.23 -10.20
CA HIS A 11 9.63 -2.56 -10.43
C HIS A 11 10.65 -3.01 -9.39
N LYS A 12 11.12 -4.26 -9.51
CA LYS A 12 11.98 -4.86 -8.49
C LYS A 12 13.34 -4.15 -8.36
N ALA A 13 13.66 -3.18 -9.23
CA ALA A 13 14.65 -2.16 -8.90
C ALA A 13 13.99 -1.13 -7.97
N SER A 14 13.19 -0.20 -8.52
CA SER A 14 12.69 1.00 -7.85
C SER A 14 11.77 0.78 -6.64
N LYS A 15 11.21 -0.42 -6.49
CA LYS A 15 10.07 -0.81 -5.67
C LYS A 15 8.87 0.12 -5.91
N THR A 16 8.20 -0.06 -7.05
CA THR A 16 7.00 0.69 -7.38
C THR A 16 6.04 -0.26 -8.09
N LEU A 17 4.87 -0.47 -7.51
CA LEU A 17 3.81 -1.26 -8.12
C LEU A 17 3.27 -0.45 -9.29
N THR A 18 3.01 -1.07 -10.43
CA THR A 18 2.24 -0.39 -11.45
C THR A 18 1.06 -1.21 -11.88
N LEU A 19 -0.07 -0.54 -12.08
CA LEU A 19 -1.36 -1.09 -12.43
C LEU A 19 -1.90 -0.32 -13.62
N ARG A 20 -2.08 -0.97 -14.77
CA ARG A 20 -2.70 -0.28 -15.91
C ARG A 20 -4.21 -0.31 -15.72
N TYR A 21 -4.74 0.68 -15.02
CA TYR A 21 -6.15 0.91 -14.83
C TYR A 21 -6.79 1.23 -16.18
N GLY A 22 -7.34 0.22 -16.84
CA GLY A 22 -7.89 0.34 -18.17
C GLY A 22 -6.74 0.55 -19.14
N GLU A 23 -6.54 1.80 -19.55
CA GLU A 23 -5.51 2.24 -20.49
C GLU A 23 -4.61 3.30 -19.86
N ASP A 24 -4.84 3.68 -18.60
CA ASP A 24 -3.99 4.60 -17.87
C ASP A 24 -3.06 3.76 -17.00
N SER A 25 -1.83 4.22 -16.77
CA SER A 25 -0.84 3.55 -15.94
C SER A 25 -0.59 4.33 -14.66
N TYR A 26 -0.92 3.76 -13.51
CA TYR A 26 -0.70 4.35 -12.20
C TYR A 26 0.38 3.55 -11.48
N ASP A 27 1.30 4.27 -10.83
CA ASP A 27 2.52 3.79 -10.21
C ASP A 27 2.39 4.10 -8.73
N LEU A 28 2.08 3.09 -7.91
CA LEU A 28 1.89 3.25 -6.49
C LEU A 28 3.17 2.79 -5.74
N PRO A 29 3.54 3.44 -4.63
CA PRO A 29 4.71 3.05 -3.86
C PRO A 29 4.40 1.82 -3.00
N ALA A 30 5.43 1.05 -2.61
CA ALA A 30 5.20 -0.12 -1.74
C ALA A 30 4.47 0.30 -0.46
N GLU A 31 4.90 1.43 0.12
CA GLU A 31 4.42 1.90 1.43
C GLU A 31 2.90 2.10 1.40
N PHE A 32 2.36 2.69 0.32
CA PHE A 32 0.94 2.97 0.15
C PHE A 32 0.12 1.68 0.24
N LEU A 33 0.50 0.66 -0.54
CA LEU A 33 -0.17 -0.64 -0.51
C LEU A 33 -0.10 -1.21 0.88
N ARG A 34 1.10 -1.21 1.51
CA ARG A 34 1.28 -1.78 2.83
C ARG A 34 0.37 -1.13 3.86
N VAL A 35 0.33 0.21 3.96
CA VAL A 35 -0.51 0.84 4.98
C VAL A 35 -1.98 0.57 4.69
N HIS A 36 -2.41 0.72 3.43
CA HIS A 36 -3.78 0.47 3.00
C HIS A 36 -3.95 -0.99 2.58
N SER A 37 -3.47 -1.95 3.37
CA SER A 37 -3.64 -3.38 3.12
C SER A 37 -4.47 -4.00 4.26
N PRO A 38 -5.33 -4.98 3.95
CA PRO A 38 -6.24 -5.63 4.89
C PRO A 38 -5.62 -6.84 5.61
N SER A 39 -6.35 -7.36 6.61
CA SER A 39 -5.91 -8.37 7.55
C SER A 39 -6.56 -9.73 7.30
N ALA A 40 -6.08 -10.43 6.26
CA ALA A 40 -6.45 -11.82 6.01
C ALA A 40 -5.96 -12.74 7.11
N GLU A 41 -4.85 -12.37 7.76
CA GLU A 41 -4.08 -13.26 8.63
C GLU A 41 -4.67 -13.30 10.03
N VAL A 42 -5.89 -12.80 10.14
CA VAL A 42 -6.55 -12.39 11.36
C VAL A 42 -7.96 -12.98 11.43
N GLN A 43 -8.54 -13.36 10.28
CA GLN A 43 -9.73 -14.19 10.24
C GLN A 43 -10.93 -13.47 10.89
N GLY A 44 -10.85 -12.15 11.00
CA GLY A 44 -11.78 -11.31 11.78
C GLY A 44 -11.52 -9.81 11.65
N HIS A 45 -10.57 -9.38 10.80
CA HIS A 45 -10.20 -7.98 10.60
C HIS A 45 -9.86 -7.27 11.92
N GLY A 46 -9.82 -5.94 11.91
CA GLY A 46 -9.77 -5.09 13.07
C GLY A 46 -10.66 -3.88 12.79
N ASN A 47 -10.41 -2.78 13.51
CA ASN A 47 -10.91 -1.46 13.10
C ASN A 47 -9.77 -0.77 12.33
N PRO A 48 -10.05 0.32 11.59
CA PRO A 48 -9.01 1.05 10.88
C PRO A 48 -8.09 1.72 11.91
N VAL A 49 -6.78 1.68 11.67
CA VAL A 49 -5.74 2.24 12.53
C VAL A 49 -4.68 2.85 11.63
N LEU A 50 -4.01 3.90 12.10
CA LEU A 50 -2.90 4.51 11.41
C LEU A 50 -1.67 3.61 11.46
N GLN A 51 -1.36 3.07 10.30
CA GLN A 51 -0.19 2.29 9.99
C GLN A 51 0.87 3.30 9.52
N TYR A 52 1.92 3.55 10.30
CA TYR A 52 3.00 4.49 9.98
C TYR A 52 4.35 3.78 10.03
N GLY A 53 5.41 4.50 9.68
CA GLY A 53 6.77 3.98 9.68
C GLY A 53 7.17 3.24 8.40
N LYS A 54 6.51 3.47 7.26
CA LYS A 54 6.67 2.69 6.04
C LYS A 54 7.44 3.46 4.94
N LEU A 55 8.07 4.60 5.24
CA LEU A 55 8.72 5.46 4.23
C LEU A 55 9.68 4.69 3.32
N ASN A 56 10.35 3.67 3.86
CA ASN A 56 11.45 2.99 3.18
C ASN A 56 11.09 1.53 2.88
N VAL A 57 9.82 1.14 2.99
CA VAL A 57 9.37 -0.18 2.57
C VAL A 57 9.80 -0.41 1.13
N GLY A 58 10.10 -1.65 0.80
CA GLY A 58 10.22 -2.09 -0.56
C GLY A 58 9.38 -3.31 -0.83
N LEU A 59 8.95 -3.45 -2.08
CA LEU A 59 8.26 -4.63 -2.55
C LEU A 59 9.25 -5.71 -2.89
N VAL A 60 9.04 -6.88 -2.32
CA VAL A 60 9.84 -8.09 -2.50
C VAL A 60 9.25 -9.02 -3.54
N GLY A 61 7.93 -9.07 -3.67
CA GLY A 61 7.26 -9.90 -4.64
C GLY A 61 5.74 -9.81 -4.50
N VAL A 62 5.06 -10.31 -5.52
CA VAL A 62 3.62 -10.25 -5.70
C VAL A 62 3.27 -11.50 -6.48
N GLU A 63 2.22 -12.23 -6.10
CA GLU A 63 1.73 -13.40 -6.83
C GLU A 63 0.22 -13.52 -6.64
N PRO A 64 -0.52 -14.04 -7.65
CA PRO A 64 -1.97 -14.17 -7.58
C PRO A 64 -2.41 -15.02 -6.40
N ALA A 65 -3.67 -14.86 -6.01
CA ALA A 65 -4.32 -15.58 -4.92
C ALA A 65 -5.55 -16.31 -5.47
N GLY A 66 -5.40 -16.88 -6.67
CA GLY A 66 -6.43 -17.53 -7.44
C GLY A 66 -6.62 -16.77 -8.73
N GLN A 67 -7.88 -16.44 -9.04
CA GLN A 67 -8.32 -15.99 -10.37
C GLN A 67 -9.19 -14.73 -10.25
N TYR A 68 -9.34 -14.19 -9.04
CA TYR A 68 -10.16 -13.03 -8.69
C TYR A 68 -9.48 -12.17 -7.62
N ALA A 69 -8.27 -12.54 -7.19
CA ALA A 69 -7.56 -11.85 -6.14
C ALA A 69 -6.06 -11.97 -6.32
N LEU A 70 -5.36 -11.04 -5.68
CA LEU A 70 -3.92 -10.97 -5.64
C LEU A 70 -3.44 -11.13 -4.20
N LYS A 71 -2.15 -11.43 -4.05
CA LYS A 71 -1.36 -11.44 -2.83
C LYS A 71 -0.21 -10.46 -3.10
N LEU A 72 0.07 -9.54 -2.17
CA LEU A 72 1.24 -8.68 -2.22
C LEU A 72 2.10 -9.03 -1.00
N SER A 73 3.42 -9.01 -1.16
CA SER A 73 4.40 -9.09 -0.08
C SER A 73 5.03 -7.70 0.06
N PHE A 74 5.65 -7.41 1.19
CA PHE A 74 6.19 -6.09 1.52
C PHE A 74 7.31 -6.36 2.52
N ASP A 75 8.51 -5.86 2.28
CA ASP A 75 9.66 -6.12 3.16
C ASP A 75 9.47 -5.59 4.58
N ASP A 76 8.42 -4.79 4.77
CA ASP A 76 7.94 -4.22 6.01
C ASP A 76 7.54 -5.26 7.06
N GLY A 77 7.22 -6.47 6.63
CA GLY A 77 6.80 -7.56 7.50
C GLY A 77 5.32 -7.88 7.38
N HIS A 78 4.89 -8.89 8.12
CA HIS A 78 3.60 -9.58 8.12
C HIS A 78 3.36 -10.38 6.86
N ASP A 79 3.66 -9.77 5.71
CA ASP A 79 3.31 -10.18 4.34
C ASP A 79 1.82 -10.52 4.24
N SER A 80 1.37 -11.03 3.09
CA SER A 80 0.01 -11.52 2.91
C SER A 80 -1.04 -10.47 3.32
N GLY A 81 -2.23 -10.89 3.71
CA GLY A 81 -3.44 -10.18 3.35
C GLY A 81 -3.95 -10.69 2.00
N LEU A 82 -5.15 -10.29 1.60
CA LEU A 82 -5.78 -10.60 0.31
C LEU A 82 -6.22 -9.29 -0.31
N PHE A 83 -6.23 -9.18 -1.63
CA PHE A 83 -6.51 -7.89 -2.28
C PHE A 83 -7.68 -7.90 -3.25
N THR A 84 -8.25 -9.05 -3.62
CA THR A 84 -9.23 -9.14 -4.71
C THR A 84 -8.68 -8.40 -5.96
N TRP A 85 -9.50 -8.06 -6.96
CA TRP A 85 -9.08 -7.17 -8.04
C TRP A 85 -9.76 -5.79 -7.98
N ASP A 86 -10.99 -5.72 -7.45
CA ASP A 86 -11.78 -4.49 -7.32
C ASP A 86 -11.00 -3.44 -6.53
N TYR A 87 -10.58 -3.82 -5.31
CA TYR A 87 -9.88 -2.96 -4.36
C TYR A 87 -8.60 -2.41 -4.98
N LEU A 88 -7.80 -3.27 -5.63
CA LEU A 88 -6.49 -2.88 -6.16
C LEU A 88 -6.60 -1.74 -7.14
N TYR A 89 -7.45 -1.89 -8.15
CA TYR A 89 -7.58 -0.88 -9.19
C TYR A 89 -8.31 0.36 -8.69
N GLU A 90 -9.15 0.25 -7.65
CA GLU A 90 -9.70 1.45 -7.05
C GLU A 90 -8.59 2.22 -6.35
N LEU A 91 -7.79 1.59 -5.48
CA LEU A 91 -6.65 2.25 -4.82
C LEU A 91 -5.72 2.88 -5.85
N ALA A 92 -5.49 2.22 -7.00
CA ALA A 92 -4.66 2.72 -8.09
C ALA A 92 -5.12 4.11 -8.52
N THR A 93 -6.39 4.28 -8.90
CA THR A 93 -6.92 5.58 -9.30
C THR A 93 -7.00 6.53 -8.10
N ARG A 94 -7.43 6.04 -6.94
CA ARG A 94 -7.73 6.86 -5.77
C ARG A 94 -6.46 7.35 -5.08
N LYS A 95 -5.28 6.86 -5.46
CA LYS A 95 -4.03 7.08 -4.74
C LYS A 95 -3.82 8.55 -4.42
N ASP A 96 -4.03 9.42 -5.39
CA ASP A 96 -3.83 10.87 -5.30
C ASP A 96 -4.48 11.45 -4.05
N GLN A 97 -5.74 11.06 -3.82
CA GLN A 97 -6.57 11.47 -2.70
C GLN A 97 -6.15 10.70 -1.43
N LEU A 98 -6.12 9.37 -1.49
CA LEU A 98 -5.80 8.49 -0.36
C LEU A 98 -4.47 8.85 0.27
N TRP A 99 -3.49 9.22 -0.56
CA TRP A 99 -2.18 9.59 -0.07
C TRP A 99 -2.25 10.93 0.65
N ALA A 100 -2.91 11.94 0.08
CA ALA A 100 -3.12 13.21 0.78
C ALA A 100 -3.85 12.98 2.10
N ASP A 101 -4.76 12.01 2.14
CA ASP A 101 -5.51 11.59 3.30
C ASP A 101 -4.55 11.02 4.36
N TYR A 102 -3.78 9.98 4.00
CA TYR A 102 -2.83 9.33 4.89
C TYR A 102 -1.71 10.25 5.36
N LEU A 103 -1.33 11.28 4.60
CA LEU A 103 -0.33 12.26 5.05
C LEU A 103 -0.89 13.14 6.15
N ALA A 104 -2.13 13.61 5.98
CA ALA A 104 -2.78 14.43 6.98
C ALA A 104 -2.95 13.63 8.27
N GLU A 105 -3.32 12.36 8.15
CA GLU A 105 -3.37 11.42 9.27
C GLU A 105 -2.02 11.30 9.97
N LEU A 106 -0.95 11.00 9.22
CA LEU A 106 0.40 10.85 9.77
C LEU A 106 0.82 12.08 10.56
N ALA A 107 0.55 13.25 9.96
CA ALA A 107 0.86 14.55 10.51
C ALA A 107 0.08 14.75 11.82
N SER A 108 -1.23 14.51 11.78
CA SER A 108 -2.15 14.69 12.89
C SER A 108 -1.85 13.76 14.06
N ALA A 109 -1.46 12.50 13.81
CA ALA A 109 -1.08 11.57 14.86
C ALA A 109 0.26 11.93 15.49
N GLY A 110 1.03 12.84 14.88
CA GLY A 110 2.37 13.19 15.31
C GLY A 110 3.32 12.00 15.26
N LYS A 111 3.12 11.07 14.31
CA LYS A 111 4.11 10.03 14.00
C LYS A 111 4.89 10.50 12.78
N SER A 112 5.63 9.61 12.13
CA SER A 112 6.25 9.88 10.85
C SER A 112 6.23 8.68 9.92
N ARG A 113 6.38 8.98 8.64
CA ARG A 113 6.56 7.93 7.65
C ARG A 113 7.86 7.18 7.94
N ASP A 114 8.93 7.86 8.41
CA ASP A 114 10.13 7.13 8.80
C ASP A 114 9.85 6.33 10.07
N PRO A 115 10.42 5.12 10.23
CA PRO A 115 10.05 4.18 11.27
C PRO A 115 10.44 4.60 12.69
N ASP A 116 11.40 5.50 12.82
CA ASP A 116 11.98 5.93 14.09
C ASP A 116 12.23 7.44 14.11
N GLU A 117 11.53 8.22 13.28
CA GLU A 117 11.80 9.61 13.08
C GLU A 117 11.74 10.44 14.36
N SER A 118 12.83 11.13 14.65
CA SER A 118 13.06 11.88 15.86
C SER A 118 13.95 13.09 15.49
N VAL A 119 13.36 14.10 14.86
CA VAL A 119 14.05 15.30 14.42
C VAL A 119 13.17 16.51 14.73
N VAL A 120 13.78 17.60 15.21
CA VAL A 120 13.14 18.85 15.62
C VAL A 120 11.88 18.59 16.45
N LYS A 121 12.07 18.25 17.72
CA LYS A 121 10.95 18.05 18.65
C LYS A 121 10.02 19.27 18.68
N LEU A 122 10.60 20.47 18.64
CA LEU A 122 9.91 21.76 18.65
C LEU A 122 10.89 22.85 18.24
N MET A 123 12.11 22.77 18.78
CA MET A 123 13.04 23.89 19.00
C MET A 123 12.32 25.01 19.74
N LEU A 124 11.64 25.91 19.03
CA LEU A 124 11.46 27.30 19.47
C LEU A 124 12.81 27.82 19.98
N GLY A 1 -13.52 -7.81 -16.75
CA GLY A 1 -12.65 -8.81 -16.14
C GLY A 1 -12.16 -8.34 -14.78
N MET A 2 -13.04 -8.39 -13.76
CA MET A 2 -12.75 -8.44 -12.32
C MET A 2 -11.68 -7.50 -11.82
N ARG A 3 -11.59 -6.33 -12.42
CA ARG A 3 -10.55 -5.32 -12.23
C ARG A 3 -9.14 -5.92 -12.20
N ILE A 4 -8.81 -6.85 -13.08
CA ILE A 4 -7.48 -7.45 -13.11
C ILE A 4 -6.56 -6.49 -13.86
N PRO A 5 -5.51 -5.91 -13.26
CA PRO A 5 -4.47 -5.27 -14.03
C PRO A 5 -3.66 -6.28 -14.85
N SER A 6 -3.37 -5.89 -16.09
CA SER A 6 -2.44 -6.62 -16.95
C SER A 6 -1.06 -5.94 -16.97
N ALA A 7 -1.00 -4.64 -16.67
CA ALA A 7 0.21 -3.85 -16.79
C ALA A 7 1.07 -3.93 -15.53
N ILE A 8 1.12 -5.10 -14.91
CA ILE A 8 1.94 -5.34 -13.72
C ILE A 8 3.37 -4.99 -14.11
N GLN A 9 3.89 -3.95 -13.48
CA GLN A 9 5.30 -3.63 -13.45
C GLN A 9 5.62 -3.51 -11.98
N LEU A 10 6.34 -4.47 -11.45
CA LEU A 10 6.74 -4.51 -10.04
C LEU A 10 7.81 -3.43 -9.74
N HIS A 11 8.57 -3.07 -10.77
CA HIS A 11 9.74 -2.21 -10.76
C HIS A 11 10.68 -2.70 -9.65
N LYS A 12 11.16 -3.94 -9.72
CA LYS A 12 12.02 -4.54 -8.69
C LYS A 12 13.30 -3.73 -8.48
N ALA A 13 13.71 -2.90 -9.44
CA ALA A 13 14.81 -1.96 -9.30
C ALA A 13 14.55 -0.91 -8.21
N SER A 14 13.30 -0.44 -8.09
CA SER A 14 12.94 0.80 -7.39
C SER A 14 11.75 0.63 -6.42
N LYS A 15 11.11 -0.55 -6.44
CA LYS A 15 10.02 -1.05 -5.62
C LYS A 15 8.74 -0.24 -5.78
N THR A 16 8.11 -0.37 -6.94
CA THR A 16 6.94 0.43 -7.32
C THR A 16 5.96 -0.45 -8.13
N LEU A 17 4.92 -1.02 -7.52
CA LEU A 17 3.87 -1.73 -8.24
C LEU A 17 3.08 -0.73 -9.08
N THR A 18 3.30 -0.76 -10.38
CA THR A 18 2.61 0.06 -11.36
C THR A 18 1.63 -0.79 -12.14
N LEU A 19 0.53 -0.12 -12.46
CA LEU A 19 -0.70 -0.65 -13.00
C LEU A 19 -1.16 0.30 -14.08
N ARG A 20 -2.30 -0.07 -14.62
CA ARG A 20 -2.97 0.68 -15.68
C ARG A 20 -4.50 0.78 -15.54
N TYR A 21 -5.02 1.64 -14.67
CA TYR A 21 -6.45 1.80 -14.44
C TYR A 21 -7.14 2.39 -15.69
N GLY A 22 -7.58 1.49 -16.57
CA GLY A 22 -8.22 1.84 -17.81
C GLY A 22 -7.18 2.20 -18.83
N GLU A 23 -6.87 3.48 -18.90
CA GLU A 23 -5.92 4.10 -19.81
C GLU A 23 -4.85 4.86 -19.03
N ASP A 24 -5.11 5.15 -17.76
CA ASP A 24 -4.20 5.86 -16.87
C ASP A 24 -3.21 4.86 -16.28
N SER A 25 -1.95 5.22 -16.09
CA SER A 25 -1.00 4.48 -15.30
C SER A 25 -0.77 5.18 -13.97
N TYR A 26 -0.70 4.41 -12.88
CA TYR A 26 -0.33 4.88 -11.55
C TYR A 26 0.73 3.94 -10.98
N ASP A 27 1.68 4.52 -10.27
CA ASP A 27 3.00 3.95 -10.00
C ASP A 27 3.15 3.92 -8.48
N LEU A 28 2.67 2.86 -7.82
CA LEU A 28 2.51 2.93 -6.37
C LEU A 28 3.75 2.35 -5.69
N PRO A 29 4.22 2.91 -4.57
CA PRO A 29 5.44 2.44 -3.93
C PRO A 29 5.17 1.21 -3.05
N ALA A 30 6.22 0.44 -2.78
CA ALA A 30 6.22 -0.68 -1.84
C ALA A 30 6.07 -0.22 -0.37
N GLU A 31 5.92 1.08 -0.08
CA GLU A 31 5.41 1.59 1.21
C GLU A 31 3.87 1.75 1.24
N PHE A 32 3.25 2.25 0.16
CA PHE A 32 1.84 2.71 0.14
C PHE A 32 0.84 1.56 0.27
N LEU A 33 1.00 0.48 -0.48
CA LEU A 33 0.15 -0.72 -0.39
C LEU A 33 0.16 -1.31 1.03
N ARG A 34 1.32 -1.35 1.72
CA ARG A 34 1.42 -1.86 3.09
C ARG A 34 0.46 -1.10 4.01
N VAL A 35 0.43 0.23 3.95
CA VAL A 35 -0.44 1.00 4.84
C VAL A 35 -1.92 0.72 4.50
N HIS A 36 -2.28 0.35 3.25
CA HIS A 36 -3.65 -0.01 2.85
C HIS A 36 -3.79 -1.54 2.66
N SER A 37 -3.33 -2.34 3.62
CA SER A 37 -3.36 -3.79 3.53
C SER A 37 -4.38 -4.32 4.55
N PRO A 38 -5.67 -4.39 4.21
CA PRO A 38 -6.74 -4.70 5.15
C PRO A 38 -6.60 -6.15 5.60
N SER A 39 -6.06 -6.36 6.80
CA SER A 39 -6.04 -7.65 7.46
C SER A 39 -7.51 -8.08 7.58
N ALA A 40 -7.85 -9.28 7.10
CA ALA A 40 -9.23 -9.75 7.10
C ALA A 40 -9.66 -10.23 8.49
N GLU A 41 -8.73 -10.41 9.43
CA GLU A 41 -8.99 -10.81 10.81
C GLU A 41 -9.32 -9.56 11.64
N VAL A 42 -10.12 -8.71 11.03
CA VAL A 42 -10.57 -7.42 11.53
C VAL A 42 -12.10 -7.32 11.42
N GLN A 43 -12.81 -8.33 10.89
CA GLN A 43 -14.28 -8.45 10.92
C GLN A 43 -14.94 -7.10 10.59
N GLY A 44 -14.62 -6.59 9.40
CA GLY A 44 -15.03 -5.26 8.97
C GLY A 44 -13.95 -4.26 9.32
N HIS A 45 -13.85 -3.84 10.58
CA HIS A 45 -12.99 -2.76 11.03
C HIS A 45 -12.53 -2.93 12.49
N GLY A 46 -11.72 -2.02 12.97
CA GLY A 46 -11.35 -1.89 14.37
C GLY A 46 -10.92 -0.44 14.60
N ASN A 47 -10.16 -0.22 15.66
CA ASN A 47 -9.59 1.10 15.97
C ASN A 47 -8.85 1.68 14.77
N PRO A 48 -8.74 3.02 14.67
CA PRO A 48 -7.79 3.67 13.79
C PRO A 48 -6.38 3.38 14.35
N VAL A 49 -5.50 2.84 13.50
CA VAL A 49 -4.12 2.56 13.82
C VAL A 49 -3.35 2.84 12.55
N LEU A 50 -2.36 3.71 12.66
CA LEU A 50 -1.42 4.13 11.64
C LEU A 50 -0.23 3.19 11.66
N GLN A 51 0.45 3.14 10.52
CA GLN A 51 1.63 2.34 10.31
C GLN A 51 2.67 3.34 9.83
N TYR A 52 3.69 3.63 10.64
CA TYR A 52 4.79 4.53 10.29
C TYR A 52 6.07 3.72 10.25
N GLY A 53 7.20 4.40 10.04
CA GLY A 53 8.51 3.72 10.06
C GLY A 53 8.64 2.69 8.93
N LYS A 54 8.04 2.95 7.76
CA LYS A 54 7.97 2.01 6.64
C LYS A 54 8.86 2.40 5.46
N LEU A 55 9.60 3.52 5.52
CA LEU A 55 10.22 4.12 4.34
C LEU A 55 11.22 3.20 3.64
N ASN A 56 11.90 2.34 4.40
CA ASN A 56 13.09 1.59 3.96
C ASN A 56 12.73 0.22 3.36
N VAL A 57 11.44 -0.06 3.20
CA VAL A 57 10.91 -1.29 2.62
C VAL A 57 11.41 -1.50 1.20
N GLY A 58 11.29 -2.74 0.75
CA GLY A 58 11.26 -3.10 -0.64
C GLY A 58 10.34 -4.28 -0.90
N LEU A 59 10.37 -4.76 -2.15
CA LEU A 59 9.44 -5.75 -2.66
C LEU A 59 10.21 -6.82 -3.41
N VAL A 60 9.61 -8.00 -3.44
CA VAL A 60 10.31 -9.26 -3.61
C VAL A 60 9.60 -10.14 -4.63
N GLY A 61 8.29 -10.03 -4.70
CA GLY A 61 7.47 -10.71 -5.68
C GLY A 61 6.02 -10.28 -5.57
N VAL A 62 5.21 -10.55 -6.60
CA VAL A 62 3.76 -10.42 -6.58
C VAL A 62 3.26 -11.48 -7.56
N GLU A 63 2.19 -12.19 -7.22
CA GLU A 63 1.63 -13.23 -8.09
C GLU A 63 0.12 -13.43 -7.87
N PRO A 64 -0.61 -13.87 -8.91
CA PRO A 64 -2.06 -14.03 -8.91
C PRO A 64 -2.52 -15.09 -7.90
N ALA A 65 -3.12 -14.68 -6.79
CA ALA A 65 -3.58 -15.56 -5.72
C ALA A 65 -4.96 -16.14 -6.04
N GLY A 66 -5.22 -16.48 -7.30
CA GLY A 66 -6.42 -17.14 -7.76
C GLY A 66 -6.91 -16.48 -9.04
N GLN A 67 -7.97 -15.67 -8.92
CA GLN A 67 -8.58 -14.95 -10.03
C GLN A 67 -9.26 -13.63 -9.61
N TYR A 68 -9.26 -13.33 -8.31
CA TYR A 68 -10.02 -12.25 -7.66
C TYR A 68 -9.20 -11.42 -6.69
N ALA A 69 -8.10 -11.94 -6.15
CA ALA A 69 -7.24 -11.27 -5.20
C ALA A 69 -5.79 -11.62 -5.52
N LEU A 70 -4.87 -10.86 -4.95
CA LEU A 70 -3.49 -10.85 -5.38
C LEU A 70 -2.59 -11.10 -4.18
N LYS A 71 -1.67 -12.04 -4.34
CA LYS A 71 -0.64 -12.34 -3.36
C LYS A 71 0.45 -11.30 -3.57
N LEU A 72 0.44 -10.25 -2.77
CA LEU A 72 1.62 -9.40 -2.65
C LEU A 72 2.68 -10.19 -1.87
N SER A 73 3.97 -9.91 -2.11
CA SER A 73 5.08 -10.43 -1.30
C SER A 73 5.99 -9.24 -1.07
N PHE A 74 5.99 -8.72 0.15
CA PHE A 74 6.78 -7.56 0.51
C PHE A 74 7.96 -8.06 1.29
N ASP A 75 9.11 -7.38 1.15
CA ASP A 75 10.27 -7.74 1.97
C ASP A 75 10.00 -7.44 3.45
N ASP A 76 8.99 -6.62 3.67
CA ASP A 76 8.33 -6.29 4.93
C ASP A 76 7.64 -7.47 5.61
N GLY A 77 7.42 -8.58 4.89
CA GLY A 77 6.56 -9.65 5.35
C GLY A 77 5.10 -9.26 5.21
N HIS A 78 4.25 -9.99 5.93
CA HIS A 78 2.81 -10.11 5.81
C HIS A 78 2.42 -10.33 4.34
N ASP A 79 2.89 -11.44 3.78
CA ASP A 79 2.55 -11.94 2.43
C ASP A 79 1.08 -12.38 2.35
N SER A 80 0.65 -13.40 3.10
CA SER A 80 -0.75 -13.87 3.09
C SER A 80 -1.73 -12.75 3.49
N GLY A 81 -3.01 -12.91 3.18
CA GLY A 81 -4.06 -11.93 3.48
C GLY A 81 -5.01 -11.77 2.30
N LEU A 82 -5.79 -10.69 2.30
CA LEU A 82 -6.71 -10.31 1.23
C LEU A 82 -6.35 -8.91 0.75
N PHE A 83 -6.88 -8.55 -0.42
CA PHE A 83 -6.78 -7.24 -1.05
C PHE A 83 -7.98 -7.11 -1.99
N THR A 84 -8.09 -8.05 -2.93
CA THR A 84 -9.11 -8.14 -3.97
C THR A 84 -8.96 -7.02 -5.02
N TRP A 85 -9.39 -7.32 -6.24
CA TRP A 85 -9.20 -6.45 -7.39
C TRP A 85 -10.11 -5.22 -7.37
N ASP A 86 -11.28 -5.28 -6.74
CA ASP A 86 -12.21 -4.15 -6.63
C ASP A 86 -11.74 -3.12 -5.59
N TYR A 87 -10.54 -3.34 -5.06
CA TYR A 87 -9.80 -2.48 -4.15
C TYR A 87 -8.44 -2.10 -4.78
N LEU A 88 -7.68 -3.05 -5.32
CA LEU A 88 -6.32 -2.80 -5.81
C LEU A 88 -6.22 -1.78 -6.93
N TYR A 89 -7.14 -1.80 -7.88
CA TYR A 89 -7.15 -0.82 -8.95
C TYR A 89 -7.73 0.50 -8.46
N GLU A 90 -8.63 0.49 -7.48
CA GLU A 90 -9.13 1.66 -6.80
C GLU A 90 -7.93 2.42 -6.25
N LEU A 91 -7.12 1.74 -5.42
CA LEU A 91 -5.91 2.29 -4.79
C LEU A 91 -4.93 2.88 -5.81
N ALA A 92 -4.99 2.46 -7.08
CA ALA A 92 -4.20 3.01 -8.17
C ALA A 92 -4.58 4.46 -8.41
N THR A 93 -5.84 4.68 -8.80
CA THR A 93 -6.33 6.01 -9.17
C THR A 93 -6.49 6.88 -7.92
N ARG A 94 -6.68 6.26 -6.75
CA ARG A 94 -6.87 6.89 -5.46
C ARG A 94 -5.59 7.33 -4.78
N LYS A 95 -4.41 7.00 -5.33
CA LYS A 95 -3.17 7.13 -4.58
C LYS A 95 -2.98 8.53 -4.07
N ASP A 96 -3.16 9.54 -4.93
CA ASP A 96 -2.82 10.90 -4.54
C ASP A 96 -3.55 11.32 -3.26
N GLN A 97 -4.86 11.12 -3.22
CA GLN A 97 -5.69 11.41 -2.06
C GLN A 97 -5.24 10.58 -0.86
N LEU A 98 -5.23 9.25 -0.98
CA LEU A 98 -4.91 8.35 0.12
C LEU A 98 -3.53 8.63 0.69
N TRP A 99 -2.59 9.01 -0.17
CA TRP A 99 -1.26 9.34 0.23
C TRP A 99 -1.25 10.62 1.03
N ALA A 100 -1.83 11.70 0.52
CA ALA A 100 -1.85 12.96 1.25
C ALA A 100 -2.55 12.79 2.61
N ASP A 101 -3.59 11.97 2.66
CA ASP A 101 -4.36 11.64 3.87
C ASP A 101 -3.53 10.85 4.88
N TYR A 102 -2.72 9.88 4.41
CA TYR A 102 -1.76 9.16 5.23
C TYR A 102 -0.57 10.01 5.67
N LEU A 103 -0.21 11.02 4.88
CA LEU A 103 0.85 11.95 5.19
C LEU A 103 0.36 12.91 6.26
N ALA A 104 -0.91 13.34 6.18
CA ALA A 104 -1.55 14.14 7.22
C ALA A 104 -1.53 13.39 8.54
N GLU A 105 -1.92 12.11 8.54
CA GLU A 105 -1.91 11.24 9.70
C GLU A 105 -0.53 11.23 10.35
N LEU A 106 0.52 10.88 9.59
CA LEU A 106 1.86 10.73 10.10
C LEU A 106 2.40 12.04 10.66
N ALA A 107 2.08 13.13 9.97
CA ALA A 107 2.49 14.48 10.35
C ALA A 107 1.65 15.03 11.51
N SER A 108 0.61 14.33 11.94
CA SER A 108 -0.20 14.63 13.10
C SER A 108 0.33 13.80 14.27
N ALA A 109 0.49 12.50 14.04
CA ALA A 109 0.81 11.48 15.02
C ALA A 109 2.20 11.66 15.63
N GLY A 110 3.04 12.56 15.10
CA GLY A 110 4.38 12.80 15.60
C GLY A 110 5.27 11.59 15.39
N LYS A 111 5.22 10.99 14.19
CA LYS A 111 6.18 9.97 13.79
C LYS A 111 6.79 10.40 12.45
N SER A 112 7.58 9.51 11.86
CA SER A 112 8.18 9.65 10.54
C SER A 112 7.96 8.40 9.72
N ARG A 113 8.06 8.54 8.40
CA ARG A 113 8.15 7.39 7.53
C ARG A 113 9.43 6.62 7.81
N ASP A 114 10.53 7.34 8.06
CA ASP A 114 11.82 6.74 8.39
C ASP A 114 11.78 6.16 9.82
N PRO A 115 12.67 5.21 10.12
CA PRO A 115 12.72 4.53 11.39
C PRO A 115 13.23 5.42 12.51
N ASP A 116 14.22 6.26 12.24
CA ASP A 116 14.84 7.10 13.25
C ASP A 116 15.17 8.47 12.67
N GLU A 117 14.13 9.18 12.24
CA GLU A 117 14.18 10.55 11.79
C GLU A 117 14.11 11.56 12.93
N SER A 118 14.55 12.79 12.64
CA SER A 118 14.70 13.90 13.58
C SER A 118 13.49 14.86 13.64
N VAL A 119 12.33 14.40 13.17
CA VAL A 119 11.27 15.30 12.71
C VAL A 119 10.07 15.19 13.64
N VAL A 120 9.82 16.24 14.42
CA VAL A 120 8.65 16.40 15.25
C VAL A 120 7.96 17.69 14.82
N LYS A 121 6.65 17.60 14.55
CA LYS A 121 5.85 18.66 13.93
C LYS A 121 4.45 18.60 14.54
N LEU A 122 4.37 18.80 15.86
CA LEU A 122 3.30 18.32 16.76
C LEU A 122 3.33 16.79 16.83
N MET A 123 2.66 16.25 17.85
CA MET A 123 2.54 14.83 18.14
C MET A 123 1.13 14.48 18.68
N LEU A 124 0.20 15.46 18.64
CA LEU A 124 -1.19 15.42 19.07
C LEU A 124 -1.36 14.74 20.41
#